data_6MHY
#
_entry.id   6MHY
#
_cell.length_a   1
_cell.length_b   1
_cell.length_c   1
_cell.angle_alpha   90.00
_cell.angle_beta   90.00
_cell.angle_gamma   90.00
#
_symmetry.space_group_name_H-M   'P 1'
#
_entity_poly.entity_id   1
_entity_poly.type   'polypeptide(L)'
_entity_poly.pdbx_seq_one_letter_code
;MGDWSFLGNILEEVNEHSTVIGRVWLTVLFIFRILILGTAADFVWGDEQSDFVCNTQQPGCENVCYDEAFPISHIRLWVL
QIIFVSTPSLVYVGHAVHHVRMEEKRKEREAEELSQQSPGNGGERAPLAADQGSVKKSSSSSKGTKKFRLEGTLLRTYVC
HIIFKTLFEVGFIVGHYFLYGFRILPLYRCSRWPCPNVVDCFVSRPTEKTIFILFMLSVASVSLFLNILEMSHLGLKKIR
SAFKRPVEQPLGEIPEKSLHSIAVSSIQKAKGYQLLEEEKIVSHYFPLTEVGMVEASPLSAKPFSQFEEKVGPGPLGDLS
RAYQETLPSYAQVGAQEGVEEEQPIEAAAEPEVGDKSQEAERVSTEGEETLAVLEEEKVEPPEVEKEAEKEETPPEKVSK
QELTPEKAPSLCAELPGEDTRPLSRLSKASSRARSDDLTV
;
_entity_poly.pdbx_strand_id   A,B,C,D,E,F,G,H,I,J,K,L
#
# COMPACT_ATOMS: atom_id res chain seq x y z
N GLY A 2 -20.38 13.56 29.81
CA GLY A 2 -20.81 12.21 30.12
C GLY A 2 -22.14 12.16 30.83
N ASP A 3 -22.55 10.95 31.21
CA ASP A 3 -23.83 10.72 31.88
C ASP A 3 -23.75 11.11 33.36
N TRP A 4 -23.38 12.37 33.60
CA TRP A 4 -23.20 12.93 34.93
C TRP A 4 -24.36 13.76 35.46
N SER A 5 -25.48 13.85 34.74
CA SER A 5 -26.58 14.68 35.23
C SER A 5 -27.14 14.16 36.55
N PHE A 6 -27.48 12.87 36.63
CA PHE A 6 -28.11 12.36 37.85
C PHE A 6 -27.20 12.47 39.06
N LEU A 7 -25.92 12.11 38.89
CA LEU A 7 -24.99 12.22 40.01
C LEU A 7 -24.90 13.67 40.46
N GLY A 8 -24.80 14.59 39.49
CA GLY A 8 -24.74 16.00 39.82
C GLY A 8 -25.95 16.45 40.60
N ASN A 9 -27.14 15.97 40.20
CA ASN A 9 -28.36 16.29 40.94
C ASN A 9 -28.26 15.85 42.40
N ILE A 10 -27.82 14.61 42.62
CA ILE A 10 -27.79 14.09 43.98
C ILE A 10 -26.75 14.83 44.82
N LEU A 11 -25.59 15.09 44.24
CA LEU A 11 -24.56 15.81 44.97
C LEU A 11 -24.94 17.28 45.22
N GLU A 12 -25.65 17.90 44.27
CA GLU A 12 -26.16 19.24 44.50
C GLU A 12 -27.17 19.24 45.65
N GLU A 13 -27.97 18.18 45.76
CA GLU A 13 -28.83 18.02 46.92
C GLU A 13 -27.99 17.89 48.20
N VAL A 14 -26.85 17.22 48.11
CA VAL A 14 -25.98 17.06 49.27
C VAL A 14 -25.40 18.41 49.68
N ASN A 15 -25.20 19.31 48.71
CA ASN A 15 -24.53 20.58 48.99
C ASN A 15 -25.26 21.41 50.05
N GLU A 16 -26.55 21.15 50.25
CA GLU A 16 -27.30 21.84 51.29
C GLU A 16 -26.81 21.43 52.67
N HIS A 17 -26.59 20.14 52.89
CA HIS A 17 -26.20 19.61 54.18
C HIS A 17 -24.69 19.59 54.42
N SER A 18 -23.88 19.73 53.37
CA SER A 18 -22.44 19.70 53.58
C SER A 18 -21.95 20.94 54.30
N THR A 19 -20.81 20.80 54.96
CA THR A 19 -20.20 21.93 55.63
C THR A 19 -19.64 22.88 54.59
N VAL A 20 -19.39 24.12 55.02
CA VAL A 20 -18.94 25.17 54.10
C VAL A 20 -17.66 24.75 53.40
N ILE A 21 -16.73 24.19 54.17
CA ILE A 21 -15.52 23.63 53.58
C ILE A 21 -15.89 22.45 52.69
N GLY A 22 -16.89 21.67 53.12
CA GLY A 22 -17.34 20.55 52.29
C GLY A 22 -17.94 21.04 50.99
N ARG A 23 -18.59 22.20 51.00
CA ARG A 23 -19.11 22.76 49.75
C ARG A 23 -17.95 23.13 48.85
N VAL A 24 -16.90 23.71 49.43
CA VAL A 24 -15.71 24.05 48.67
C VAL A 24 -15.11 22.81 48.03
N TRP A 25 -15.09 21.70 48.78
CA TRP A 25 -14.56 20.46 48.23
C TRP A 25 -15.42 19.93 47.09
N LEU A 26 -16.74 19.97 47.27
CA LEU A 26 -17.66 19.51 46.23
C LEU A 26 -17.49 20.33 44.97
N THR A 27 -17.33 21.64 45.12
CA THR A 27 -17.12 22.49 43.97
C THR A 27 -15.78 22.21 43.33
N VAL A 28 -14.74 21.95 44.12
CA VAL A 28 -13.45 21.57 43.54
C VAL A 28 -13.64 20.34 42.65
N LEU A 29 -14.37 19.36 43.17
CA LEU A 29 -14.68 18.14 42.42
C LEU A 29 -15.34 18.46 41.08
N PHE A 30 -16.50 19.12 41.12
CA PHE A 30 -17.27 19.34 39.89
C PHE A 30 -16.53 20.26 38.92
N ILE A 31 -16.04 21.39 39.41
CA ILE A 31 -15.42 22.38 38.54
C ILE A 31 -14.18 21.83 37.88
N PHE A 32 -13.34 21.10 38.62
CA PHE A 32 -12.07 20.64 38.08
C PHE A 32 -12.10 19.20 37.60
N ARG A 33 -12.34 18.23 38.49
CA ARG A 33 -12.12 16.84 38.10
C ARG A 33 -13.09 16.39 37.01
N ILE A 34 -14.38 16.68 37.18
CA ILE A 34 -15.37 16.21 36.21
C ILE A 34 -15.26 17.01 34.93
N LEU A 35 -15.28 18.33 35.05
CA LEU A 35 -15.29 19.19 33.88
C LEU A 35 -14.05 18.97 33.01
N ILE A 36 -12.88 18.91 33.64
CA ILE A 36 -11.64 18.66 32.90
C ILE A 36 -11.62 17.25 32.34
N LEU A 37 -12.07 16.26 33.12
CA LEU A 37 -12.02 14.88 32.65
C LEU A 37 -12.88 14.70 31.41
N GLY A 38 -14.09 15.25 31.42
CA GLY A 38 -14.96 15.16 30.27
C GLY A 38 -14.63 16.08 29.11
N THR A 39 -14.42 17.35 29.44
CA THR A 39 -14.23 18.38 28.42
C THR A 39 -12.87 18.29 27.74
N ALA A 40 -11.80 18.13 28.51
CA ALA A 40 -10.44 18.20 28.00
C ALA A 40 -9.75 16.85 27.87
N ALA A 41 -9.70 16.08 28.95
CA ALA A 41 -8.95 14.83 28.95
C ALA A 41 -9.51 13.83 27.94
N ASP A 42 -10.83 13.78 27.78
CA ASP A 42 -11.45 12.80 26.90
C ASP A 42 -10.93 12.95 25.48
N PHE A 43 -10.74 14.19 25.03
CA PHE A 43 -10.27 14.42 23.67
C PHE A 43 -8.79 14.11 23.56
N VAL A 44 -8.06 14.27 24.66
CA VAL A 44 -6.64 13.96 24.68
C VAL A 44 -6.43 12.46 24.51
N TRP A 45 -7.02 11.68 25.41
CA TRP A 45 -6.85 10.23 25.36
C TRP A 45 -7.71 9.55 24.30
N GLY A 46 -8.54 10.29 23.56
CA GLY A 46 -9.36 9.66 22.55
C GLY A 46 -8.60 9.04 21.41
N ASP A 47 -7.35 9.44 21.22
CA ASP A 47 -6.45 8.88 20.21
C ASP A 47 -5.25 8.25 20.87
N GLU A 48 -5.50 7.53 21.97
CA GLU A 48 -4.42 6.95 22.75
C GLU A 48 -3.87 5.71 22.08
N GLN A 49 -4.72 4.93 21.44
CA GLN A 49 -4.32 3.70 20.76
C GLN A 49 -4.23 3.86 19.26
N SER A 50 -5.03 4.75 18.68
CA SER A 50 -4.98 4.97 17.24
C SER A 50 -3.61 5.47 16.80
N ASP A 51 -3.01 6.35 17.59
CA ASP A 51 -1.74 6.96 17.26
C ASP A 51 -0.58 6.35 18.04
N PHE A 52 -0.79 5.20 18.67
CA PHE A 52 0.29 4.51 19.36
C PHE A 52 0.95 3.63 18.30
N VAL A 53 1.90 4.22 17.59
CA VAL A 53 2.59 3.53 16.51
C VAL A 53 3.88 2.97 17.07
N CYS A 54 4.04 1.66 16.92
CA CYS A 54 5.28 0.98 17.27
C CYS A 54 6.11 0.77 16.01
N ASN A 55 7.33 0.30 16.20
CA ASN A 55 8.32 0.27 15.14
C ASN A 55 8.21 -1.00 14.30
N THR A 56 8.00 -2.15 14.93
CA THR A 56 7.94 -3.41 14.21
C THR A 56 6.71 -3.48 13.32
N GLN A 57 6.85 -4.27 12.26
CA GLN A 57 5.74 -4.57 11.36
C GLN A 57 5.09 -5.89 11.71
N GLN A 58 5.32 -6.39 12.91
CA GLN A 58 4.53 -7.50 13.42
C GLN A 58 3.07 -7.06 13.54
N PRO A 59 2.13 -7.98 13.38
CA PRO A 59 0.72 -7.57 13.39
C PRO A 59 0.19 -7.22 14.76
N GLY A 60 0.53 -8.02 15.77
CA GLY A 60 -0.08 -7.90 17.08
C GLY A 60 0.72 -7.18 18.13
N CYS A 61 1.95 -6.79 17.81
CA CYS A 61 2.80 -6.18 18.83
C CYS A 61 2.23 -4.87 19.34
N GLU A 62 1.53 -4.13 18.49
CA GLU A 62 1.12 -2.78 18.82
C GLU A 62 0.16 -2.76 20.01
N ASN A 63 -0.96 -3.47 19.89
CA ASN A 63 -1.98 -3.38 20.93
C ASN A 63 -1.56 -4.10 22.19
N VAL A 64 -0.81 -5.19 22.06
CA VAL A 64 -0.26 -5.86 23.23
C VAL A 64 0.68 -4.94 24.00
N CYS A 65 1.59 -4.30 23.29
CA CYS A 65 2.55 -3.43 23.96
C CYS A 65 1.86 -2.22 24.55
N TYR A 66 0.81 -1.74 23.90
CA TYR A 66 0.00 -0.69 24.49
C TYR A 66 -0.58 -1.15 25.81
N ASP A 67 -1.20 -2.33 25.81
CA ASP A 67 -1.82 -2.87 27.01
C ASP A 67 -0.83 -3.00 28.14
N GLU A 68 0.37 -3.50 27.85
CA GLU A 68 1.40 -3.57 28.87
C GLU A 68 1.76 -2.17 29.37
N ALA A 69 1.96 -1.24 28.45
CA ALA A 69 2.35 0.12 28.83
C ALA A 69 1.28 0.80 29.66
N PHE A 70 0.03 0.71 29.22
CA PHE A 70 -1.12 1.30 29.91
C PHE A 70 -2.07 0.18 30.25
N PRO A 71 -1.94 -0.44 31.43
CA PRO A 71 -2.86 -1.51 31.77
C PRO A 71 -4.29 -1.03 31.82
N ILE A 72 -4.50 0.10 32.49
CA ILE A 72 -5.77 0.81 32.48
C ILE A 72 -5.45 2.27 32.16
N SER A 73 -6.30 2.89 31.37
CA SER A 73 -6.08 4.26 30.96
C SER A 73 -6.26 5.20 32.14
N HIS A 74 -5.52 6.31 32.11
CA HIS A 74 -5.57 7.27 33.20
C HIS A 74 -6.97 7.83 33.39
N ILE A 75 -7.69 8.09 32.30
CA ILE A 75 -9.07 8.56 32.40
C ILE A 75 -9.92 7.56 33.16
N ARG A 76 -9.79 6.28 32.84
CA ARG A 76 -10.62 5.29 33.51
C ARG A 76 -10.36 5.32 35.01
N LEU A 77 -9.09 5.24 35.40
CA LEU A 77 -8.70 5.35 36.80
C LEU A 77 -9.28 6.60 37.47
N TRP A 78 -9.26 7.75 36.79
CA TRP A 78 -9.90 8.95 37.34
C TRP A 78 -11.41 8.89 37.39
N VAL A 79 -12.07 8.19 36.47
CA VAL A 79 -13.51 8.04 36.56
C VAL A 79 -13.85 7.20 37.80
N LEU A 80 -13.15 6.08 37.95
CA LEU A 80 -13.31 5.25 39.15
C LEU A 80 -12.95 6.01 40.42
N GLN A 81 -11.92 6.85 40.36
CA GLN A 81 -11.50 7.56 41.56
C GLN A 81 -12.53 8.62 41.94
N ILE A 82 -13.01 9.37 40.96
CA ILE A 82 -14.02 10.40 41.20
C ILE A 82 -15.26 9.76 41.80
N ILE A 83 -15.69 8.64 41.24
CA ILE A 83 -16.86 7.94 41.75
C ILE A 83 -16.63 7.40 43.17
N PHE A 84 -15.50 6.75 43.40
CA PHE A 84 -15.24 6.15 44.70
C PHE A 84 -15.13 7.21 45.79
N VAL A 85 -14.36 8.26 45.54
CA VAL A 85 -14.21 9.35 46.48
C VAL A 85 -15.52 10.11 46.69
N SER A 86 -16.30 10.33 45.64
CA SER A 86 -17.62 10.95 45.79
C SER A 86 -18.63 10.09 46.54
N THR A 87 -18.54 8.76 46.45
CA THR A 87 -19.61 7.92 47.00
C THR A 87 -19.88 8.11 48.49
N PRO A 88 -18.87 8.25 49.37
CA PRO A 88 -19.19 8.43 50.80
C PRO A 88 -20.13 9.58 51.08
N SER A 89 -19.97 10.70 50.37
CA SER A 89 -20.90 11.82 50.49
C SER A 89 -22.32 11.39 50.18
N LEU A 90 -22.49 10.63 49.09
CA LEU A 90 -23.81 10.15 48.73
C LEU A 90 -24.38 9.25 49.83
N VAL A 91 -23.54 8.39 50.39
CA VAL A 91 -23.98 7.52 51.48
C VAL A 91 -24.44 8.36 52.67
N TYR A 92 -23.71 9.44 52.95
CA TYR A 92 -24.08 10.29 54.08
C TYR A 92 -25.41 10.99 53.83
N VAL A 93 -25.64 11.53 52.63
CA VAL A 93 -26.93 12.18 52.38
C VAL A 93 -28.03 11.15 52.50
N GLY A 94 -27.77 9.92 52.04
CA GLY A 94 -28.77 8.87 52.15
C GLY A 94 -29.18 8.65 53.58
N HIS A 95 -28.19 8.65 54.49
CA HIS A 95 -28.52 8.59 55.91
C HIS A 95 -29.29 9.83 56.35
N ALA A 96 -28.88 11.01 55.90
CA ALA A 96 -29.58 12.24 56.29
C ALA A 96 -31.01 12.25 55.76
N VAL A 97 -31.19 11.93 54.49
CA VAL A 97 -32.52 11.86 53.90
C VAL A 97 -33.33 10.78 54.62
N LEU A 154 -24.87 11.00 64.02
CA LEU A 154 -24.78 11.62 62.70
C LEU A 154 -23.37 12.14 62.45
N LEU A 155 -22.82 12.78 63.48
CA LEU A 155 -21.47 13.32 63.38
C LEU A 155 -20.46 12.21 63.12
N ARG A 156 -20.64 11.07 63.80
CA ARG A 156 -19.75 9.94 63.59
C ARG A 156 -19.80 9.47 62.13
N THR A 157 -21.01 9.47 61.55
CA THR A 157 -21.15 9.12 60.13
C THR A 157 -20.35 10.07 59.27
N TYR A 158 -20.40 11.37 59.58
CA TYR A 158 -19.65 12.36 58.81
C TYR A 158 -18.16 12.09 58.88
N VAL A 159 -17.67 11.81 60.09
CA VAL A 159 -16.25 11.53 60.27
C VAL A 159 -15.85 10.28 59.50
N CYS A 160 -16.67 9.23 59.57
CA CYS A 160 -16.36 8.00 58.86
C CYS A 160 -16.32 8.24 57.36
N HIS A 161 -17.30 8.99 56.83
CA HIS A 161 -17.34 9.21 55.39
C HIS A 161 -16.15 10.04 54.93
N ILE A 162 -15.78 11.11 55.65
CA ILE A 162 -14.63 11.90 55.21
C ILE A 162 -13.34 11.09 55.31
N ILE A 163 -13.21 10.27 56.35
CA ILE A 163 -12.04 9.41 56.45
C ILE A 163 -11.98 8.46 55.26
N PHE A 164 -13.11 7.87 54.89
CA PHE A 164 -13.15 7.00 53.71
C PHE A 164 -12.70 7.76 52.47
N LYS A 165 -13.23 8.96 52.26
CA LYS A 165 -12.80 9.78 51.11
C LYS A 165 -11.30 9.97 51.11
N THR A 166 -10.75 10.37 52.25
CA THR A 166 -9.32 10.60 52.38
C THR A 166 -8.53 9.34 52.04
N LEU A 167 -8.91 8.22 52.64
CA LEU A 167 -8.14 6.99 52.46
C LEU A 167 -8.22 6.49 51.02
N PHE A 168 -9.40 6.56 50.42
CA PHE A 168 -9.54 6.09 49.04
C PHE A 168 -8.75 6.97 48.10
N GLU A 169 -8.82 8.29 48.28
CA GLU A 169 -8.09 9.18 47.39
C GLU A 169 -6.58 9.01 47.55
N VAL A 170 -6.13 8.77 48.78
CA VAL A 170 -4.72 8.44 49.01
C VAL A 170 -4.36 7.15 48.27
N GLY A 171 -5.23 6.14 48.38
CA GLY A 171 -5.00 4.90 47.68
C GLY A 171 -4.89 5.08 46.19
N PHE A 172 -5.69 5.99 45.64
CA PHE A 172 -5.68 6.19 44.21
C PHE A 172 -4.43 6.94 43.75
N ILE A 173 -4.02 7.97 44.49
CA ILE A 173 -2.81 8.67 44.06
C ILE A 173 -1.59 7.76 44.18
N VAL A 174 -1.53 6.91 45.21
CA VAL A 174 -0.36 6.05 45.34
C VAL A 174 -0.42 4.90 44.33
N GLY A 175 -1.60 4.36 44.04
CA GLY A 175 -1.71 3.35 43.01
C GLY A 175 -1.34 3.89 41.64
N HIS A 176 -1.84 5.08 41.32
CA HIS A 176 -1.51 5.71 40.07
C HIS A 176 -0.01 5.95 39.96
N TYR A 177 0.62 6.44 41.03
CA TYR A 177 2.07 6.60 41.02
C TYR A 177 2.76 5.26 40.79
N PHE A 178 2.23 4.20 41.40
CA PHE A 178 2.85 2.88 41.25
C PHE A 178 2.83 2.45 39.79
N LEU A 179 1.68 2.61 39.13
CA LEU A 179 1.59 2.23 37.73
C LEU A 179 2.46 3.12 36.85
N TYR A 180 2.28 4.44 36.98
CA TYR A 180 3.08 5.43 36.27
C TYR A 180 3.42 6.56 37.21
N GLY A 181 4.71 6.87 37.34
CA GLY A 181 5.13 7.87 38.28
C GLY A 181 4.99 9.29 37.78
N PHE A 182 3.73 9.68 37.53
CA PHE A 182 3.34 11.03 37.09
C PHE A 182 4.24 11.62 36.01
N ARG A 183 4.70 10.78 35.08
CA ARG A 183 5.56 11.25 34.01
C ARG A 183 5.56 10.31 32.81
N ILE A 184 4.58 10.43 31.93
CA ILE A 184 4.59 9.63 30.71
C ILE A 184 5.78 10.02 29.87
N LEU A 185 6.50 9.07 29.46
CA LEU A 185 7.61 9.23 28.55
C LEU A 185 7.15 8.90 27.14
N PRO A 186 7.70 9.53 26.10
CA PRO A 186 7.25 9.21 24.74
C PRO A 186 7.58 7.80 24.30
N LEU A 187 8.58 7.18 24.91
CA LEU A 187 9.08 5.87 24.48
C LEU A 187 8.73 4.81 25.51
N TYR A 188 8.42 3.62 25.01
CA TYR A 188 8.20 2.45 25.87
C TYR A 188 8.72 1.24 25.14
N ARG A 189 9.86 0.71 25.57
CA ARG A 189 10.36 -0.54 25.05
C ARG A 189 9.69 -1.70 25.78
N CYS A 190 9.10 -2.60 25.01
CA CYS A 190 8.35 -3.73 25.54
C CYS A 190 8.82 -5.01 24.88
N SER A 191 8.53 -6.12 25.54
CA SER A 191 9.05 -7.42 25.17
C SER A 191 8.00 -8.49 25.32
N ARG A 192 6.76 -8.16 24.99
CA ARG A 192 5.71 -9.17 25.01
C ARG A 192 6.01 -10.22 23.94
N TRP A 193 5.25 -11.32 23.97
CA TRP A 193 5.57 -12.45 23.09
C TRP A 193 5.54 -12.11 21.62
N PRO A 194 4.47 -11.55 21.06
CA PRO A 194 4.51 -11.26 19.63
C PRO A 194 5.53 -10.20 19.27
N CYS A 195 5.80 -9.28 20.18
CA CYS A 195 6.81 -8.27 19.94
C CYS A 195 8.20 -8.92 19.99
N PRO A 196 8.96 -8.97 18.88
CA PRO A 196 10.26 -9.63 18.93
C PRO A 196 11.46 -8.77 19.30
N ASN A 197 12.33 -9.22 20.20
CA ASN A 197 13.55 -8.47 20.52
C ASN A 197 13.33 -7.05 21.03
N VAL A 198 12.52 -6.91 22.06
CA VAL A 198 12.26 -5.66 22.78
C VAL A 198 12.15 -4.41 21.90
N VAL A 199 11.15 -4.39 21.02
CA VAL A 199 10.91 -3.25 20.14
C VAL A 199 10.52 -2.02 20.96
N ASP A 200 10.96 -0.85 20.49
CA ASP A 200 10.60 0.42 21.12
C ASP A 200 9.34 0.99 20.46
N CYS A 201 8.30 1.22 21.24
CA CYS A 201 7.04 1.76 20.76
C CYS A 201 6.88 3.18 21.29
N PHE A 202 6.01 3.95 20.63
CA PHE A 202 5.84 5.36 20.93
C PHE A 202 4.40 5.67 21.33
N VAL A 203 4.26 6.77 22.07
CA VAL A 203 3.02 7.19 22.68
C VAL A 203 2.58 8.50 22.07
N SER A 204 1.27 8.74 22.10
CA SER A 204 0.66 9.96 21.57
C SER A 204 0.45 10.97 22.68
N ARG A 205 0.71 12.24 22.36
CA ARG A 205 0.59 13.38 23.26
C ARG A 205 1.13 13.12 24.66
N PRO A 206 2.40 12.70 24.78
CA PRO A 206 2.92 12.41 26.11
C PRO A 206 2.95 13.62 27.04
N THR A 207 3.49 14.74 26.54
CA THR A 207 3.63 15.93 27.37
C THR A 207 2.30 16.41 27.89
N GLU A 208 1.31 16.52 27.02
CA GLU A 208 0.00 16.98 27.45
C GLU A 208 -0.63 16.02 28.45
N LYS A 209 -0.35 14.73 28.30
CA LYS A 209 -0.91 13.76 29.21
C LYS A 209 -0.28 13.86 30.58
N THR A 210 1.02 14.09 30.64
CA THR A 210 1.64 14.24 31.96
C THR A 210 1.22 15.56 32.58
N ILE A 211 0.95 16.58 31.77
CA ILE A 211 0.43 17.83 32.32
C ILE A 211 -0.90 17.61 33.02
N PHE A 212 -1.82 16.91 32.36
CA PHE A 212 -3.09 16.63 33.03
C PHE A 212 -2.91 15.69 34.22
N ILE A 213 -2.01 14.72 34.12
CA ILE A 213 -1.73 13.85 35.26
C ILE A 213 -1.30 14.67 36.46
N LEU A 214 -0.30 15.53 36.28
CA LEU A 214 0.19 16.37 37.37
C LEU A 214 -0.91 17.27 37.89
N PHE A 215 -1.68 17.86 36.98
CA PHE A 215 -2.77 18.75 37.35
C PHE A 215 -3.74 18.04 38.27
N MET A 216 -4.25 16.89 37.82
CA MET A 216 -5.24 16.16 38.59
C MET A 216 -4.65 15.58 39.87
N LEU A 217 -3.35 15.29 39.87
CA LEU A 217 -2.69 14.85 41.10
C LEU A 217 -2.66 15.97 42.11
N SER A 218 -2.40 17.19 41.66
CA SER A 218 -2.41 18.33 42.56
C SER A 218 -3.82 18.61 43.04
N VAL A 219 -4.82 18.38 42.18
CA VAL A 219 -6.21 18.54 42.58
C VAL A 219 -6.57 17.54 43.66
N ALA A 220 -6.10 16.29 43.51
CA ALA A 220 -6.37 15.30 44.54
C ALA A 220 -5.66 15.64 45.84
N SER A 221 -4.44 16.17 45.75
CA SER A 221 -3.74 16.61 46.95
C SER A 221 -4.50 17.75 47.62
N VAL A 222 -5.08 18.64 46.83
CA VAL A 222 -5.89 19.72 47.38
C VAL A 222 -7.12 19.17 48.06
N SER A 223 -7.75 18.16 47.46
CA SER A 223 -8.91 17.54 48.09
C SER A 223 -8.52 16.89 49.41
N LEU A 224 -7.33 16.30 49.46
CA LEU A 224 -6.85 15.73 50.72
C LEU A 224 -6.61 16.81 51.76
N PHE A 225 -6.01 17.93 51.36
CA PHE A 225 -5.83 19.05 52.27
C PHE A 225 -7.17 19.51 52.82
N LEU A 226 -8.16 19.70 51.95
CA LEU A 226 -9.47 20.14 52.39
C LEU A 226 -10.09 19.15 53.36
N ASN A 227 -10.00 17.86 53.05
CA ASN A 227 -10.64 16.86 53.89
C ASN A 227 -9.99 16.77 55.26
N ILE A 228 -8.65 16.77 55.31
CA ILE A 228 -8.00 16.62 56.62
C ILE A 228 -8.10 17.91 57.43
N LEU A 229 -8.06 19.07 56.77
CA LEU A 229 -8.24 20.31 57.51
C LEU A 229 -9.66 20.41 58.06
N GLU A 230 -10.65 20.00 57.27
CA GLU A 230 -12.01 19.90 57.77
C GLU A 230 -12.08 18.94 58.95
N MET A 231 -11.40 17.81 58.86
CA MET A 231 -11.35 16.84 59.95
C MET A 231 -10.83 17.48 61.24
N SER A 232 -9.58 17.97 61.21
CA SER A 232 -9.00 18.61 62.38
C SER A 232 -9.87 19.75 62.88
N HIS A 233 -10.47 20.50 61.95
CA HIS A 233 -11.36 21.59 62.30
C HIS A 233 -12.56 21.08 63.07
N LEU A 234 -13.21 20.04 62.55
CA LEU A 234 -14.40 19.47 63.14
C LEU A 234 -14.13 18.10 63.72
N GLY B 2 -25.89 7.70 27.55
CA GLY B 2 -26.91 7.07 26.74
C GLY B 2 -28.30 7.61 27.02
N ASP B 3 -29.30 7.01 26.37
CA ASP B 3 -30.71 7.42 26.50
C ASP B 3 -31.30 6.90 27.82
N TRP B 4 -30.66 7.28 28.92
CA TRP B 4 -31.04 6.85 30.27
C TRP B 4 -31.84 7.87 31.07
N SER B 5 -32.22 9.01 30.49
CA SER B 5 -32.97 10.00 31.26
C SER B 5 -34.31 9.46 31.74
N PHE B 6 -35.12 8.92 30.83
CA PHE B 6 -36.46 8.47 31.22
C PHE B 6 -36.42 7.36 32.26
N LEU B 7 -35.54 6.38 32.06
CA LEU B 7 -35.43 5.30 33.04
C LEU B 7 -35.03 5.87 34.39
N GLY B 8 -34.05 6.77 34.39
CA GLY B 8 -33.63 7.39 35.62
C GLY B 8 -34.76 8.11 36.32
N ASN B 9 -35.60 8.81 35.55
CA ASN B 9 -36.77 9.48 36.12
C ASN B 9 -37.68 8.48 36.83
N ILE B 10 -37.98 7.36 36.17
CA ILE B 10 -38.92 6.42 36.74
C ILE B 10 -38.34 5.76 37.98
N LEU B 11 -37.06 5.40 37.92
CA LEU B 11 -36.42 4.79 39.09
C LEU B 11 -36.25 5.77 40.23
N GLU B 12 -35.99 7.04 39.93
CA GLU B 12 -35.95 8.06 40.97
C GLU B 12 -37.32 8.21 41.63
N GLU B 13 -38.39 8.07 40.85
CA GLU B 13 -39.72 8.02 41.43
C GLU B 13 -39.87 6.80 42.33
N VAL B 14 -39.27 5.67 41.94
CA VAL B 14 -39.33 4.47 42.76
C VAL B 14 -38.60 4.67 44.07
N ASN B 15 -37.55 5.51 44.07
CA ASN B 15 -36.70 5.66 45.25
C ASN B 15 -37.49 6.13 46.47
N GLU B 16 -38.65 6.77 46.25
CA GLU B 16 -39.49 7.18 47.36
C GLU B 16 -40.06 5.97 48.10
N HIS B 17 -40.54 4.98 47.35
CA HIS B 17 -41.18 3.80 47.93
C HIS B 17 -40.23 2.68 48.28
N SER B 18 -39.00 2.70 47.77
CA SER B 18 -38.08 1.62 48.07
C SER B 18 -37.62 1.68 49.52
N THR B 19 -37.20 0.52 50.03
CA THR B 19 -36.68 0.45 51.38
C THR B 19 -35.30 1.11 51.41
N VAL B 20 -34.86 1.46 52.62
CA VAL B 20 -33.60 2.20 52.78
C VAL B 20 -32.46 1.41 52.16
N ILE B 21 -32.42 0.11 52.43
CA ILE B 21 -31.44 -0.75 51.79
C ILE B 21 -31.70 -0.77 50.29
N GLY B 22 -32.98 -0.75 49.89
CA GLY B 22 -33.29 -0.71 48.48
C GLY B 22 -32.81 0.57 47.83
N ARG B 23 -32.83 1.68 48.58
CA ARG B 23 -32.30 2.93 48.04
C ARG B 23 -30.80 2.79 47.84
N VAL B 24 -30.12 2.15 48.79
CA VAL B 24 -28.69 1.89 48.66
C VAL B 24 -28.41 1.07 47.41
N TRP B 25 -29.25 0.08 47.15
CA TRP B 25 -29.06 -0.75 45.96
C TRP B 25 -29.27 0.05 44.69
N LEU B 26 -30.32 0.87 44.66
CA LEU B 26 -30.59 1.70 43.48
C LEU B 26 -29.45 2.66 43.22
N THR B 27 -28.89 3.24 44.28
CA THR B 27 -27.76 4.12 44.12
C THR B 27 -26.52 3.35 43.64
N VAL B 28 -26.32 2.14 44.15
CA VAL B 28 -25.21 1.33 43.64
C VAL B 28 -25.35 1.16 42.14
N LEU B 29 -26.57 0.83 41.70
CA LEU B 29 -26.87 0.69 40.28
C LEU B 29 -26.48 1.94 39.50
N PHE B 30 -27.09 3.08 39.83
CA PHE B 30 -26.88 4.29 39.03
C PHE B 30 -25.44 4.77 39.10
N ILE B 31 -24.89 4.87 40.31
CA ILE B 31 -23.56 5.43 40.51
C ILE B 31 -22.51 4.58 39.82
N PHE B 32 -22.60 3.25 39.92
CA PHE B 32 -21.55 2.40 39.40
C PHE B 32 -21.90 1.79 38.04
N ARG B 33 -22.95 0.98 37.93
CA ARG B 33 -23.13 0.22 36.70
C ARG B 33 -23.43 1.12 35.51
N ILE B 34 -24.34 2.07 35.66
CA ILE B 34 -24.72 2.90 34.52
C ILE B 34 -23.61 3.89 34.21
N LEU B 35 -23.15 4.61 35.24
CA LEU B 35 -22.17 5.66 35.03
C LEU B 35 -20.88 5.10 34.44
N ILE B 36 -20.39 3.99 34.99
CA ILE B 36 -19.18 3.35 34.47
C ILE B 36 -19.43 2.79 33.08
N LEU B 37 -20.58 2.15 32.86
CA LEU B 37 -20.84 1.54 31.56
C LEU B 37 -20.85 2.59 30.46
N GLY B 38 -21.51 3.72 30.70
CA GLY B 38 -21.55 4.78 29.72
C GLY B 38 -20.30 5.62 29.61
N THR B 39 -19.81 6.07 30.76
CA THR B 39 -18.70 7.01 30.82
C THR B 39 -17.37 6.36 30.45
N ALA B 40 -17.08 5.18 31.03
CA ALA B 40 -15.77 4.56 30.90
C ALA B 40 -15.75 3.38 29.95
N ALA B 41 -16.62 2.39 30.16
CA ALA B 41 -16.58 1.17 29.37
C ALA B 41 -16.82 1.43 27.90
N ASP B 42 -17.73 2.35 27.57
CA ASP B 42 -18.08 2.61 26.18
C ASP B 42 -16.86 3.02 25.37
N PHE B 43 -15.97 3.81 25.96
CA PHE B 43 -14.78 4.26 25.25
C PHE B 43 -13.77 3.14 25.15
N VAL B 44 -13.78 2.23 26.12
CA VAL B 44 -12.88 1.09 26.11
C VAL B 44 -13.23 0.16 24.96
N TRP B 45 -14.47 -0.31 24.94
CA TRP B 45 -14.91 -1.24 23.91
C TRP B 45 -15.22 -0.56 22.58
N GLY B 46 -15.12 0.76 22.48
CA GLY B 46 -15.42 1.42 21.22
C GLY B 46 -14.47 1.07 20.09
N ASP B 47 -13.30 0.55 20.42
CA ASP B 47 -12.31 0.11 19.44
C ASP B 47 -12.06 -1.38 19.60
N GLU B 48 -13.13 -2.14 19.82
CA GLU B 48 -13.01 -3.55 20.09
C GLU B 48 -12.74 -4.34 18.82
N GLN B 49 -13.32 -3.92 17.71
CA GLN B 49 -13.15 -4.58 16.43
C GLN B 49 -12.19 -3.86 15.51
N SER B 50 -12.09 -2.54 15.63
CA SER B 50 -11.17 -1.78 14.80
C SER B 50 -9.74 -2.20 15.03
N ASP B 51 -9.38 -2.46 16.28
CA ASP B 51 -8.02 -2.81 16.67
C ASP B 51 -7.85 -4.29 16.92
N PHE B 52 -8.81 -5.12 16.52
CA PHE B 52 -8.69 -6.57 16.64
C PHE B 52 -7.97 -7.02 15.38
N VAL B 53 -6.65 -6.99 15.43
CA VAL B 53 -5.83 -7.34 14.28
C VAL B 53 -5.42 -8.80 14.45
N CYS B 54 -5.74 -9.59 13.44
CA CYS B 54 -5.31 -10.98 13.36
C CYS B 54 -4.10 -11.08 12.45
N ASN B 55 -3.50 -12.26 12.42
CA ASN B 55 -2.21 -12.44 11.78
C ASN B 55 -2.33 -12.71 10.29
N THR B 56 -3.29 -13.53 9.89
CA THR B 56 -3.45 -13.89 8.49
C THR B 56 -3.88 -12.70 7.66
N GLN B 57 -3.51 -12.74 6.37
CA GLN B 57 -3.94 -11.76 5.40
C GLN B 57 -5.15 -12.25 4.61
N GLN B 58 -5.85 -13.25 5.12
CA GLN B 58 -7.15 -13.60 4.58
C GLN B 58 -8.10 -12.43 4.78
N PRO B 59 -9.07 -12.25 3.89
CA PRO B 59 -9.93 -11.06 4.00
C PRO B 59 -10.94 -11.15 5.13
N GLY B 60 -11.58 -12.30 5.30
CA GLY B 60 -12.70 -12.43 6.21
C GLY B 60 -12.40 -13.04 7.57
N CYS B 61 -11.17 -13.50 7.78
CA CYS B 61 -10.86 -14.19 9.03
C CYS B 61 -11.04 -13.28 10.24
N GLU B 62 -10.79 -11.99 10.08
CA GLU B 62 -10.72 -11.08 11.22
C GLU B 62 -12.06 -10.98 11.92
N ASN B 63 -13.11 -10.59 11.18
CA ASN B 63 -14.39 -10.32 11.84
C ASN B 63 -15.07 -11.62 12.26
N VAL B 64 -14.89 -12.69 11.50
CA VAL B 64 -15.40 -13.99 11.90
C VAL B 64 -14.78 -14.44 13.21
N CYS B 65 -13.45 -14.36 13.29
CA CYS B 65 -12.78 -14.81 14.50
C CYS B 65 -13.12 -13.91 15.68
N TYR B 66 -13.34 -12.63 15.43
CA TYR B 66 -13.83 -11.75 16.47
C TYR B 66 -15.17 -12.24 16.98
N ASP B 67 -16.09 -12.50 16.06
CA ASP B 67 -17.42 -12.95 16.42
C ASP B 67 -17.38 -14.23 17.24
N GLU B 68 -16.55 -15.18 16.84
CA GLU B 68 -16.39 -16.39 17.65
C GLU B 68 -15.84 -16.06 19.03
N ALA B 69 -14.81 -15.22 19.09
CA ALA B 69 -14.19 -14.87 20.36
C ALA B 69 -15.16 -14.15 21.27
N PHE B 70 -15.86 -13.14 20.74
CA PHE B 70 -16.84 -12.36 21.48
C PHE B 70 -18.18 -12.53 20.80
N PRO B 71 -18.97 -13.52 21.19
CA PRO B 71 -20.28 -13.68 20.55
C PRO B 71 -21.15 -12.47 20.74
N ILE B 72 -21.22 -11.98 21.97
CA ILE B 72 -21.84 -10.71 22.30
C ILE B 72 -20.86 -9.94 23.15
N SER B 73 -20.79 -8.64 22.93
CA SER B 73 -19.85 -7.81 23.65
C SER B 73 -20.26 -7.68 25.11
N HIS B 74 -19.25 -7.52 25.97
CA HIS B 74 -19.50 -7.45 27.41
C HIS B 74 -20.41 -6.27 27.75
N ILE B 75 -20.21 -5.14 27.08
CA ILE B 75 -21.09 -3.98 27.30
C ILE B 75 -22.54 -4.33 27.00
N ARG B 76 -22.78 -5.01 25.88
CA ARG B 76 -24.16 -5.35 25.54
C ARG B 76 -24.78 -6.21 26.64
N LEU B 77 -24.11 -7.28 27.02
CA LEU B 77 -24.55 -8.13 28.12
C LEU B 77 -24.84 -7.32 29.39
N TRP B 78 -23.99 -6.36 29.73
CA TRP B 78 -24.28 -5.49 30.88
C TRP B 78 -25.43 -4.53 30.67
N VAL B 79 -25.67 -4.07 29.46
CA VAL B 79 -26.84 -3.23 29.22
C VAL B 79 -28.11 -4.05 29.44
N LEU B 80 -28.15 -5.25 28.84
CA LEU B 80 -29.25 -6.17 29.06
C LEU B 80 -29.38 -6.56 30.52
N GLN B 81 -28.27 -6.75 31.21
CA GLN B 81 -28.32 -7.17 32.60
C GLN B 81 -28.86 -6.04 33.48
N ILE B 82 -28.37 -4.83 33.28
CA ILE B 82 -28.83 -3.68 34.04
C ILE B 82 -30.32 -3.48 33.83
N ILE B 83 -30.78 -3.58 32.59
CA ILE B 83 -32.20 -3.45 32.29
C ILE B 83 -33.03 -4.56 32.92
N PHE B 84 -32.59 -5.80 32.77
CA PHE B 84 -33.37 -6.93 33.28
C PHE B 84 -33.46 -6.89 34.80
N VAL B 85 -32.34 -6.68 35.47
CA VAL B 85 -32.31 -6.60 36.93
C VAL B 85 -33.09 -5.38 37.43
N SER B 86 -32.98 -4.24 36.75
CA SER B 86 -33.78 -3.06 37.11
C SER B 86 -35.27 -3.23 36.90
N THR B 87 -35.70 -4.02 35.91
CA THR B 87 -37.12 -4.04 35.54
C THR B 87 -38.05 -4.45 36.67
N PRO B 88 -37.76 -5.45 37.52
CA PRO B 88 -38.70 -5.79 38.59
C PRO B 88 -39.08 -4.63 39.48
N SER B 89 -38.12 -3.76 39.80
CA SER B 89 -38.41 -2.55 40.56
C SER B 89 -39.45 -1.69 39.85
N LEU B 90 -39.28 -1.51 38.53
CA LEU B 90 -40.23 -0.73 37.77
C LEU B 90 -41.61 -1.39 37.81
N VAL B 91 -41.66 -2.71 37.71
CA VAL B 91 -42.94 -3.42 37.79
C VAL B 91 -43.60 -3.17 39.14
N TYR B 92 -42.79 -3.17 40.19
CA TYR B 92 -43.34 -2.95 41.53
C TYR B 92 -43.90 -1.54 41.67
N VAL B 93 -43.18 -0.52 41.19
CA VAL B 93 -43.72 0.84 41.32
C VAL B 93 -45.01 0.93 40.51
N GLY B 94 -45.06 0.25 39.36
CA GLY B 94 -46.26 0.27 38.55
C GLY B 94 -47.45 -0.25 39.34
N HIS B 95 -47.22 -1.33 40.10
CA HIS B 95 -48.27 -1.81 41.01
C HIS B 95 -48.58 -0.77 42.08
N ALA B 96 -47.55 -0.16 42.67
CA ALA B 96 -47.78 0.84 43.71
C ALA B 96 -48.53 2.05 43.17
N VAL B 97 -48.10 2.58 42.03
CA VAL B 97 -48.76 3.70 41.40
C VAL B 97 -50.18 3.28 41.03
N LEU B 154 -49.12 -6.63 48.81
CA LEU B 154 -48.08 -5.71 48.35
C LEU B 154 -46.71 -6.24 48.73
N LEU B 155 -46.61 -6.71 49.98
CA LEU B 155 -45.35 -7.26 50.46
C LEU B 155 -44.92 -8.46 49.63
N ARG B 156 -45.88 -9.31 49.27
CA ARG B 156 -45.59 -10.47 48.43
C ARG B 156 -45.01 -10.02 47.09
N THR B 157 -45.56 -8.95 46.52
CA THR B 157 -45.02 -8.41 45.28
C THR B 157 -43.58 -7.99 45.46
N TYR B 158 -43.26 -7.35 46.60
CA TYR B 158 -41.89 -6.91 46.86
C TYR B 158 -40.96 -8.11 46.92
N VAL B 159 -41.38 -9.16 47.62
CA VAL B 159 -40.55 -10.37 47.74
C VAL B 159 -40.34 -10.99 46.38
N CYS B 160 -41.40 -11.09 45.57
CA CYS B 160 -41.27 -11.67 44.24
C CYS B 160 -40.31 -10.86 43.38
N HIS B 161 -40.44 -9.54 43.41
CA HIS B 161 -39.58 -8.70 42.58
C HIS B 161 -38.12 -8.81 43.00
N ILE B 162 -37.82 -8.78 44.30
CA ILE B 162 -36.42 -8.89 44.71
C ILE B 162 -35.86 -10.27 44.37
N ILE B 163 -36.67 -11.32 44.54
CA ILE B 163 -36.22 -12.65 44.15
C ILE B 163 -35.91 -12.68 42.66
N PHE B 164 -36.76 -12.10 41.84
CA PHE B 164 -36.48 -12.01 40.40
C PHE B 164 -35.16 -11.30 40.13
N LYS B 165 -34.95 -10.15 40.77
CA LYS B 165 -33.68 -9.44 40.61
C LYS B 165 -32.50 -10.35 40.94
N THR B 166 -32.57 -11.00 42.11
CA THR B 166 -31.51 -11.90 42.55
C THR B 166 -31.25 -12.99 41.52
N LEU B 167 -32.31 -13.67 41.08
CA LEU B 167 -32.14 -14.81 40.20
C LEU B 167 -31.61 -14.38 38.84
N PHE B 168 -32.12 -13.26 38.30
CA PHE B 168 -31.64 -12.81 37.01
C PHE B 168 -30.18 -12.39 37.08
N GLU B 169 -29.80 -11.67 38.13
CA GLU B 169 -28.42 -11.22 38.25
C GLU B 169 -27.48 -12.41 38.43
N VAL B 170 -27.93 -13.43 39.17
CA VAL B 170 -27.16 -14.66 39.28
C VAL B 170 -27.01 -15.30 37.91
N GLY B 171 -28.11 -15.36 37.15
CA GLY B 171 -28.05 -15.93 35.82
C GLY B 171 -27.08 -15.19 34.93
N PHE B 172 -26.99 -13.87 35.09
CA PHE B 172 -26.11 -13.10 34.24
C PHE B 172 -24.65 -13.29 34.62
N ILE B 173 -24.33 -13.32 35.92
CA ILE B 173 -22.94 -13.53 36.29
C ILE B 173 -22.48 -14.93 35.88
N VAL B 174 -23.34 -15.93 36.00
CA VAL B 174 -22.91 -17.27 35.63
C VAL B 174 -22.86 -17.43 34.11
N GLY B 175 -23.78 -16.82 33.38
CA GLY B 175 -23.69 -16.85 31.93
C GLY B 175 -22.45 -16.16 31.42
N HIS B 176 -22.16 -14.98 31.97
CA HIS B 176 -20.96 -14.25 31.59
C HIS B 176 -19.72 -15.07 31.88
N TYR B 177 -19.65 -15.71 33.06
CA TYR B 177 -18.53 -16.58 33.36
C TYR B 177 -18.44 -17.72 32.35
N PHE B 178 -19.59 -18.26 31.93
CA PHE B 178 -19.58 -19.36 30.99
C PHE B 178 -18.97 -18.92 29.67
N LEU B 179 -19.38 -17.76 29.17
CA LEU B 179 -18.82 -17.26 27.92
C LEU B 179 -17.33 -16.92 28.06
N TYR B 180 -17.01 -16.10 29.05
CA TYR B 180 -15.64 -15.74 29.37
C TYR B 180 -15.46 -15.75 30.88
N GLY B 181 -14.46 -16.50 31.35
CA GLY B 181 -14.27 -16.64 32.78
C GLY B 181 -13.53 -15.49 33.41
N PHE B 182 -14.14 -14.30 33.36
CA PHE B 182 -13.65 -13.06 33.95
C PHE B 182 -12.16 -12.81 33.73
N ARG B 183 -11.64 -13.18 32.57
CA ARG B 183 -10.23 -12.99 32.27
C ARG B 183 -9.95 -12.99 30.77
N ILE B 184 -10.14 -11.84 30.11
CA ILE B 184 -9.77 -11.75 28.70
C ILE B 184 -8.28 -11.93 28.56
N LEU B 185 -7.91 -12.77 27.70
CA LEU B 185 -6.53 -13.00 27.34
C LEU B 185 -6.22 -12.23 26.06
N PRO B 186 -4.98 -11.76 25.86
CA PRO B 186 -4.70 -11.01 24.63
C PRO B 186 -4.78 -11.84 23.38
N LEU B 187 -4.64 -13.15 23.48
CA LEU B 187 -4.57 -14.04 22.34
C LEU B 187 -5.81 -14.90 22.24
N TYR B 188 -6.25 -15.15 21.01
CA TYR B 188 -7.35 -16.07 20.75
C TYR B 188 -7.06 -16.79 19.44
N ARG B 189 -6.67 -18.06 19.53
CA ARG B 189 -6.52 -18.88 18.35
C ARG B 189 -7.89 -19.43 17.94
N CYS B 190 -8.25 -19.20 16.68
CA CYS B 190 -9.55 -19.60 16.15
C CYS B 190 -9.36 -20.35 14.85
N SER B 191 -10.38 -21.10 14.49
CA SER B 191 -10.32 -22.04 13.38
C SER B 191 -11.60 -22.01 12.57
N ARG B 192 -12.19 -20.84 12.41
CA ARG B 192 -13.37 -20.73 11.57
C ARG B 192 -12.99 -21.05 10.13
N TRP B 193 -13.98 -21.18 9.27
CA TRP B 193 -13.73 -21.66 7.91
C TRP B 193 -12.80 -20.75 7.12
N PRO B 194 -13.05 -19.44 6.99
CA PRO B 194 -12.11 -18.64 6.20
C PRO B 194 -10.74 -18.55 6.85
N CYS B 195 -10.68 -18.61 8.17
CA CYS B 195 -9.39 -18.61 8.85
C CYS B 195 -8.68 -19.93 8.62
N PRO B 196 -7.53 -19.96 7.92
CA PRO B 196 -6.87 -21.23 7.65
C PRO B 196 -5.86 -21.71 8.67
N ASN B 197 -5.91 -22.98 9.09
CA ASN B 197 -4.89 -23.51 10.01
C ASN B 197 -4.75 -22.78 11.34
N VAL B 198 -5.87 -22.63 12.04
CA VAL B 198 -5.94 -22.07 13.39
C VAL B 198 -5.03 -20.86 13.66
N VAL B 199 -5.26 -19.77 12.93
CA VAL B 199 -4.50 -18.54 13.10
C VAL B 199 -4.74 -17.94 14.49
N ASP B 200 -3.69 -17.34 15.05
CA ASP B 200 -3.78 -16.66 16.34
C ASP B 200 -4.11 -15.18 16.12
N CYS B 201 -5.22 -14.71 16.68
CA CYS B 201 -5.64 -13.33 16.57
C CYS B 201 -5.49 -12.64 17.91
N PHE B 202 -5.44 -11.32 17.89
CA PHE B 202 -5.17 -10.52 19.07
C PHE B 202 -6.31 -9.56 19.38
N VAL B 203 -6.38 -9.17 20.65
CA VAL B 203 -7.45 -8.38 21.22
C VAL B 203 -6.91 -7.03 21.66
N SER B 204 -7.79 -6.04 21.68
CA SER B 204 -7.45 -4.69 22.08
C SER B 204 -7.80 -4.47 23.55
N ARG B 205 -6.93 -3.76 24.26
CA ARG B 205 -7.05 -3.43 25.68
C ARG B 205 -7.54 -4.61 26.53
N PRO B 206 -6.85 -5.74 26.49
CA PRO B 206 -7.32 -6.89 27.29
C PRO B 206 -7.32 -6.63 28.77
N THR B 207 -6.21 -6.13 29.30
CA THR B 207 -6.07 -5.92 30.74
C THR B 207 -7.15 -4.98 31.26
N GLU B 208 -7.34 -3.84 30.61
CA GLU B 208 -8.35 -2.89 31.05
C GLU B 208 -9.75 -3.50 30.98
N LYS B 209 -9.98 -4.36 30.00
CA LYS B 209 -11.29 -4.96 29.86
C LYS B 209 -11.55 -5.97 30.96
N THR B 210 -10.53 -6.75 31.35
CA THR B 210 -10.75 -7.67 32.45
C THR B 210 -10.87 -6.93 33.77
N ILE B 211 -10.22 -5.78 33.89
CA ILE B 211 -10.38 -4.96 35.08
C ILE B 211 -11.83 -4.51 35.23
N PHE B 212 -12.43 -4.00 34.15
CA PHE B 212 -13.84 -3.63 34.25
C PHE B 212 -14.74 -4.83 34.43
N ILE B 213 -14.41 -5.96 33.80
CA ILE B 213 -15.19 -7.17 34.01
C ILE B 213 -15.21 -7.54 35.48
N LEU B 214 -14.03 -7.63 36.10
CA LEU B 214 -13.94 -7.98 37.51
C LEU B 214 -14.67 -6.96 38.36
N PHE B 215 -14.49 -5.68 38.05
CA PHE B 215 -15.13 -4.61 38.79
C PHE B 215 -16.64 -4.79 38.79
N MET B 216 -17.22 -4.91 37.60
CA MET B 216 -18.67 -5.03 37.48
C MET B 216 -19.17 -6.35 38.04
N LEU B 217 -18.35 -7.39 38.00
CA LEU B 217 -18.73 -8.65 38.62
C LEU B 217 -18.81 -8.50 40.13
N SER B 218 -17.87 -7.76 40.71
CA SER B 218 -17.93 -7.50 42.15
C SER B 218 -19.11 -6.62 42.49
N VAL B 219 -19.44 -5.68 41.60
CA VAL B 219 -20.62 -4.85 41.81
C VAL B 219 -21.88 -5.69 41.80
N ALA B 220 -21.96 -6.64 40.87
CA ALA B 220 -23.12 -7.53 40.84
C ALA B 220 -23.18 -8.40 42.08
N SER B 221 -22.03 -8.87 42.56
CA SER B 221 -22.02 -9.64 43.79
C SER B 221 -22.48 -8.78 44.96
N VAL B 222 -22.10 -7.51 44.97
CA VAL B 222 -22.56 -6.60 46.01
C VAL B 222 -24.07 -6.41 45.92
N SER B 223 -24.60 -6.30 44.70
CA SER B 223 -26.04 -6.17 44.55
C SER B 223 -26.75 -7.41 45.05
N LEU B 224 -26.14 -8.58 44.83
CA LEU B 224 -26.72 -9.82 45.36
C LEU B 224 -26.68 -9.83 46.88
N PHE B 225 -25.57 -9.39 47.47
CA PHE B 225 -25.50 -9.29 48.93
C PHE B 225 -26.60 -8.39 49.45
N LEU B 226 -26.75 -7.21 48.86
CA LEU B 226 -27.78 -6.28 49.30
C LEU B 226 -29.17 -6.89 49.18
N ASN B 227 -29.45 -7.55 48.06
CA ASN B 227 -30.79 -8.08 47.85
C ASN B 227 -31.10 -9.21 48.82
N ILE B 228 -30.16 -10.13 49.04
CA ILE B 228 -30.45 -11.26 49.92
C ILE B 228 -30.47 -10.82 51.38
N LEU B 229 -29.61 -9.87 51.76
CA LEU B 229 -29.64 -9.38 53.13
C LEU B 229 -30.95 -8.62 53.39
N GLU B 230 -31.39 -7.83 52.42
CA GLU B 230 -32.71 -7.20 52.51
C GLU B 230 -33.79 -8.26 52.64
N MET B 231 -33.70 -9.33 51.86
CA MET B 231 -34.66 -10.43 51.94
C MET B 231 -34.74 -11.01 53.35
N SER B 232 -33.61 -11.54 53.84
CA SER B 232 -33.58 -12.11 55.19
C SER B 232 -34.02 -11.09 56.23
N HIS B 233 -33.65 -9.83 56.03
CA HIS B 233 -34.05 -8.76 56.93
C HIS B 233 -35.56 -8.62 56.94
N LEU B 234 -36.16 -8.54 55.76
CA LEU B 234 -37.59 -8.33 55.60
C LEU B 234 -38.27 -9.59 55.06
N GLY C 2 -31.01 9.06 21.07
CA GLY C 2 -31.57 9.75 19.92
C GLY C 2 -32.53 10.86 20.31
N ASP C 3 -33.13 11.49 19.32
CA ASP C 3 -34.06 12.61 19.50
C ASP C 3 -35.43 12.10 19.97
N TRP C 4 -35.43 11.38 21.09
CA TRP C 4 -36.61 10.76 21.67
C TRP C 4 -37.22 11.52 22.84
N SER C 5 -36.73 12.70 23.19
CA SER C 5 -37.29 13.41 24.33
C SER C 5 -38.76 13.79 24.10
N PHE C 6 -39.07 14.44 22.97
CA PHE C 6 -40.44 14.89 22.75
C PHE C 6 -41.43 13.74 22.69
N LEU C 7 -41.08 12.68 21.97
CA LEU C 7 -41.98 11.53 21.90
C LEU C 7 -42.21 10.96 23.29
N GLY C 8 -41.12 10.83 24.06
CA GLY C 8 -41.24 10.32 25.41
C GLY C 8 -42.17 11.19 26.25
N ASN C 9 -42.08 12.51 26.10
CA ASN C 9 -42.97 13.41 26.82
C ASN C 9 -44.43 13.12 26.48
N ILE C 10 -44.72 12.99 25.19
CA ILE C 10 -46.12 12.80 24.79
C ILE C 10 -46.64 11.46 25.26
N LEU C 11 -45.83 10.41 25.14
CA LEU C 11 -46.25 9.09 25.59
C LEU C 11 -46.35 9.01 27.10
N GLU C 12 -45.50 9.71 27.83
CA GLU C 12 -45.63 9.80 29.28
C GLU C 12 -46.93 10.49 29.65
N GLU C 13 -47.32 11.49 28.87
CA GLU C 13 -48.65 12.09 29.06
C GLU C 13 -49.74 11.07 28.80
N VAL C 14 -49.53 10.19 27.81
CA VAL C 14 -50.53 9.16 27.51
C VAL C 14 -50.63 8.17 28.67
N ASN C 15 -49.53 7.95 29.39
CA ASN C 15 -49.51 6.92 30.44
C ASN C 15 -50.56 7.17 31.51
N GLU C 16 -51.04 8.41 31.65
CA GLU C 16 -52.10 8.70 32.61
C GLU C 16 -53.41 8.05 32.19
N HIS C 17 -53.74 8.13 30.90
CA HIS C 17 -55.01 7.62 30.38
C HIS C 17 -54.95 6.16 29.97
N SER C 18 -53.77 5.59 29.77
CA SER C 18 -53.70 4.20 29.35
C SER C 18 -54.14 3.25 30.45
N THR C 19 -54.59 2.07 30.04
CA THR C 19 -54.98 1.05 30.99
C THR C 19 -53.73 0.50 31.66
N VAL C 20 -53.93 -0.16 32.80
CA VAL C 20 -52.81 -0.65 33.61
C VAL C 20 -51.95 -1.59 32.78
N ILE C 21 -52.59 -2.49 32.04
CA ILE C 21 -51.87 -3.34 31.11
C ILE C 21 -51.24 -2.49 30.03
N GLY C 22 -51.95 -1.43 29.60
CA GLY C 22 -51.38 -0.54 28.61
C GLY C 22 -50.15 0.18 29.14
N ARG C 23 -50.13 0.49 30.44
CA ARG C 23 -48.95 1.09 31.02
C ARG C 23 -47.79 0.11 30.98
N VAL C 24 -48.09 -1.16 31.27
CA VAL C 24 -47.07 -2.20 31.20
C VAL C 24 -46.51 -2.30 29.79
N TRP C 25 -47.38 -2.19 28.78
CA TRP C 25 -46.91 -2.24 27.39
C TRP C 25 -46.04 -1.04 27.06
N LEU C 26 -46.46 0.15 27.49
CA LEU C 26 -45.68 1.35 27.22
C LEU C 26 -44.30 1.25 27.87
N THR C 27 -44.25 0.73 29.09
CA THR C 27 -42.97 0.56 29.76
C THR C 27 -42.13 -0.49 29.05
N VAL C 28 -42.74 -1.57 28.57
CA VAL C 28 -41.99 -2.54 27.78
C VAL C 28 -41.32 -1.86 26.61
N LEU C 29 -42.10 -1.03 25.91
CA LEU C 29 -41.59 -0.25 24.78
C LEU C 29 -40.38 0.58 25.18
N PHE C 30 -40.55 1.49 26.14
CA PHE C 30 -39.46 2.42 26.47
C PHE C 30 -38.25 1.70 27.06
N ILE C 31 -38.48 0.83 28.04
CA ILE C 31 -37.39 0.17 28.75
C ILE C 31 -36.59 -0.71 27.81
N PHE C 32 -37.25 -1.46 26.93
CA PHE C 32 -36.54 -2.41 26.09
C PHE C 32 -36.28 -1.90 24.68
N ARG C 33 -37.32 -1.62 23.89
CA ARG C 33 -37.09 -1.37 22.47
C ARG C 33 -36.27 -0.10 22.24
N ILE C 34 -36.64 1.00 22.90
CA ILE C 34 -35.94 2.25 22.65
C ILE C 34 -34.57 2.23 23.28
N LEU C 35 -34.50 1.87 24.56
CA LEU C 35 -33.25 1.91 25.29
C LEU C 35 -32.22 0.99 24.67
N ILE C 36 -32.61 -0.24 24.33
CA ILE C 36 -31.70 -1.17 23.67
C ILE C 36 -31.34 -0.69 22.28
N LEU C 37 -32.31 -0.17 21.52
CA LEU C 37 -32.03 0.24 20.16
C LEU C 37 -31.01 1.36 20.14
N GLY C 38 -31.16 2.35 21.00
CA GLY C 38 -30.23 3.45 21.08
C GLY C 38 -28.91 3.14 21.77
N THR C 39 -29.01 2.54 22.95
CA THR C 39 -27.85 2.31 23.80
C THR C 39 -26.95 1.22 23.28
N ALA C 40 -27.52 0.08 22.88
CA ALA C 40 -26.76 -1.10 22.51
C ALA C 40 -26.69 -1.37 21.02
N ALA C 41 -27.83 -1.45 20.36
CA ALA C 41 -27.85 -1.81 18.94
C ALA C 41 -27.11 -0.82 18.08
N ASP C 42 -27.23 0.47 18.39
CA ASP C 42 -26.61 1.51 17.56
C ASP C 42 -25.11 1.29 17.45
N PHE C 43 -24.46 0.89 18.54
CA PHE C 43 -23.02 0.67 18.52
C PHE C 43 -22.68 -0.61 17.79
N VAL C 44 -23.59 -1.58 17.82
CA VAL C 44 -23.39 -2.83 17.12
C VAL C 44 -23.39 -2.60 15.62
N TRP C 45 -24.47 -2.03 15.11
CA TRP C 45 -24.59 -1.79 13.68
C TRP C 45 -23.81 -0.58 13.19
N GLY C 46 -23.15 0.16 14.08
CA GLY C 46 -22.41 1.33 13.63
C GLY C 46 -21.23 1.02 12.73
N ASP C 47 -20.77 -0.22 12.74
CA ASP C 47 -19.68 -0.69 11.89
C ASP C 47 -20.19 -1.80 10.98
N GLU C 48 -21.39 -1.62 10.45
CA GLU C 48 -22.03 -2.65 9.65
C GLU C 48 -21.44 -2.70 8.25
N GLN C 49 -21.09 -1.54 7.70
CA GLN C 49 -20.51 -1.44 6.36
C GLN C 49 -19.02 -1.25 6.37
N SER C 50 -18.48 -0.60 7.40
CA SER C 50 -17.05 -0.39 7.49
C SER C 50 -16.29 -1.71 7.53
N ASP C 51 -16.83 -2.68 8.27
CA ASP C 51 -16.19 -3.97 8.47
C ASP C 51 -16.80 -5.07 7.61
N PHE C 52 -17.62 -4.71 6.62
CA PHE C 52 -18.18 -5.68 5.70
C PHE C 52 -17.15 -5.85 4.60
N VAL C 53 -16.19 -6.73 4.83
CA VAL C 53 -15.10 -6.97 3.88
C VAL C 53 -15.48 -8.15 3.03
N CYS C 54 -15.48 -7.92 1.72
CA CYS C 54 -15.68 -8.98 0.75
C CYS C 54 -14.33 -9.43 0.20
N ASN C 55 -14.36 -10.50 -0.58
CA ASN C 55 -13.14 -11.18 -0.97
C ASN C 55 -12.51 -10.57 -2.21
N THR C 56 -13.32 -10.21 -3.20
CA THR C 56 -12.80 -9.66 -4.44
C THR C 56 -12.17 -8.29 -4.24
N GLN C 57 -11.22 -7.97 -5.10
CA GLN C 57 -10.59 -6.67 -5.14
C GLN C 57 -11.23 -5.78 -6.19
N GLN C 58 -12.43 -6.12 -6.64
CA GLN C 58 -13.21 -5.20 -7.44
C GLN C 58 -13.55 -3.97 -6.59
N PRO C 59 -13.70 -2.80 -7.21
CA PRO C 59 -13.91 -1.59 -6.41
C PRO C 59 -15.30 -1.48 -5.82
N GLY C 60 -16.33 -1.81 -6.60
CA GLY C 60 -17.70 -1.55 -6.22
C GLY C 60 -18.48 -2.73 -5.67
N CYS C 61 -17.89 -3.92 -5.68
CA CYS C 61 -18.63 -5.11 -5.27
C CYS C 61 -19.07 -5.03 -3.81
N GLU C 62 -18.26 -4.37 -2.97
CA GLU C 62 -18.49 -4.42 -1.54
C GLU C 62 -19.81 -3.78 -1.15
N ASN C 63 -20.01 -2.52 -1.52
CA ASN C 63 -21.19 -1.80 -1.05
C ASN C 63 -22.45 -2.29 -1.77
N VAL C 64 -22.32 -2.67 -3.03
CA VAL C 64 -23.45 -3.27 -3.75
C VAL C 64 -23.89 -4.56 -3.08
N CYS C 65 -22.95 -5.44 -2.78
CA CYS C 65 -23.31 -6.71 -2.18
C CYS C 65 -23.84 -6.52 -0.77
N TYR C 66 -23.34 -5.52 -0.06
CA TYR C 66 -23.93 -5.16 1.22
C TYR C 66 -25.38 -4.77 1.05
N ASP C 67 -25.65 -3.89 0.10
CA ASP C 67 -27.00 -3.42 -0.15
C ASP C 67 -27.95 -4.56 -0.48
N GLU C 68 -27.50 -5.50 -1.32
CA GLU C 68 -28.31 -6.68 -1.60
C GLU C 68 -28.54 -7.48 -0.34
N ALA C 69 -27.48 -7.72 0.43
CA ALA C 69 -27.60 -8.52 1.65
C ALA C 69 -28.52 -7.88 2.66
N PHE C 70 -28.33 -6.58 2.92
CA PHE C 70 -29.13 -5.81 3.86
C PHE C 70 -29.80 -4.70 3.08
N PRO C 71 -31.00 -4.91 2.54
CA PRO C 71 -31.66 -3.83 1.81
C PRO C 71 -31.92 -2.64 2.69
N ILE C 72 -32.45 -2.88 3.87
CA ILE C 72 -32.58 -1.88 4.91
C ILE C 72 -32.02 -2.48 6.19
N SER C 73 -31.32 -1.67 6.97
CA SER C 73 -30.70 -2.16 8.18
C SER C 73 -31.76 -2.50 9.22
N HIS C 74 -31.44 -3.48 10.07
CA HIS C 74 -32.38 -3.93 11.09
C HIS C 74 -32.75 -2.80 12.04
N ILE C 75 -31.79 -1.96 12.39
CA ILE C 75 -32.07 -0.81 13.25
C ILE C 75 -33.11 0.10 12.61
N ARG C 76 -32.95 0.39 11.32
CA ARG C 76 -33.90 1.28 10.66
C ARG C 76 -35.30 0.70 10.73
N LEU C 77 -35.45 -0.56 10.31
CA LEU C 77 -36.73 -1.26 10.42
C LEU C 77 -37.33 -1.20 11.83
N TRP C 78 -36.50 -1.37 12.87
CA TRP C 78 -36.99 -1.21 14.24
C TRP C 78 -37.33 0.22 14.63
N VAL C 79 -36.65 1.22 14.07
CA VAL C 79 -37.04 2.60 14.35
C VAL C 79 -38.41 2.86 13.74
N LEU C 80 -38.59 2.48 12.49
CA LEU C 80 -39.88 2.59 11.83
C LEU C 80 -40.95 1.78 12.55
N GLN C 81 -40.59 0.60 13.05
CA GLN C 81 -41.57 -0.26 13.70
C GLN C 81 -42.00 0.35 15.03
N ILE C 82 -41.03 0.82 15.81
CA ILE C 82 -41.33 1.44 17.10
C ILE C 82 -42.23 2.65 16.90
N ILE C 83 -41.91 3.46 15.90
CA ILE C 83 -42.73 4.64 15.61
C ILE C 83 -44.12 4.26 15.14
N PHE C 84 -44.22 3.32 14.21
CA PHE C 84 -45.53 2.96 13.67
C PHE C 84 -46.43 2.33 14.73
N VAL C 85 -45.89 1.38 15.49
CA VAL C 85 -46.65 0.75 16.57
C VAL C 85 -47.00 1.74 17.68
N SER C 86 -46.08 2.64 18.04
CA SER C 86 -46.38 3.69 19.00
C SER C 86 -47.43 4.70 18.54
N THR C 87 -47.51 4.98 17.24
CA THR C 87 -48.35 6.08 16.78
C THR C 87 -49.82 5.97 17.15
N PRO C 88 -50.47 4.79 17.07
CA PRO C 88 -51.89 4.73 17.44
C PRO C 88 -52.20 5.24 18.84
N SER C 89 -51.32 4.96 19.80
CA SER C 89 -51.47 5.51 21.14
C SER C 89 -51.48 7.03 21.11
N LEU C 90 -50.57 7.62 20.36
CA LEU C 90 -50.52 9.07 20.25
C LEU C 90 -51.82 9.59 19.64
N VAL C 91 -52.33 8.90 18.61
CA VAL C 91 -53.59 9.32 18.00
C VAL C 91 -54.71 9.29 19.03
N TYR C 92 -54.72 8.24 19.86
CA TYR C 92 -55.76 8.11 20.87
C TYR C 92 -55.68 9.24 21.90
N VAL C 93 -54.48 9.58 22.39
CA VAL C 93 -54.39 10.67 23.36
C VAL C 93 -54.85 11.96 22.70
N GLY C 94 -54.52 12.13 21.41
CA GLY C 94 -54.95 13.32 20.70
C GLY C 94 -56.45 13.45 20.72
N HIS C 95 -57.15 12.33 20.51
CA HIS C 95 -58.60 12.33 20.65
C HIS C 95 -59.01 12.65 22.10
N ALA C 96 -58.34 12.03 23.08
CA ALA C 96 -58.68 12.29 24.48
C ALA C 96 -58.44 13.74 24.86
N VAL C 97 -57.27 14.28 24.51
CA VAL C 97 -56.96 15.67 24.78
C VAL C 97 -57.96 16.56 24.04
N LEU C 154 -65.48 6.50 22.53
CA LEU C 154 -64.10 6.55 23.01
C LEU C 154 -63.53 5.15 23.07
N LEU C 155 -64.33 4.22 23.62
CA LEU C 155 -63.91 2.84 23.73
C LEU C 155 -63.62 2.24 22.35
N ARG C 156 -64.46 2.57 21.38
CA ARG C 156 -64.25 2.08 20.01
C ARG C 156 -62.90 2.57 19.48
N THR C 157 -62.56 3.82 19.77
CA THR C 157 -61.26 4.36 19.37
C THR C 157 -60.13 3.54 19.99
N TYR C 158 -60.27 3.17 21.26
CA TYR C 158 -59.25 2.39 21.94
C TYR C 158 -59.08 1.03 21.26
N VAL C 159 -60.20 0.38 20.94
CA VAL C 159 -60.15 -0.92 20.28
C VAL C 159 -59.49 -0.80 18.92
N CYS C 160 -59.86 0.24 18.15
CA CYS C 160 -59.26 0.43 16.85
C CYS C 160 -57.77 0.66 16.94
N HIS C 161 -57.34 1.49 17.89
CA HIS C 161 -55.92 1.79 18.02
C HIS C 161 -55.12 0.54 18.42
N ILE C 162 -55.62 -0.23 19.39
CA ILE C 162 -54.87 -1.43 19.78
C ILE C 162 -54.84 -2.45 18.65
N ILE C 163 -55.93 -2.59 17.91
CA ILE C 163 -55.93 -3.48 16.76
C ILE C 163 -54.88 -3.02 15.74
N PHE C 164 -54.82 -1.72 15.48
CA PHE C 164 -53.79 -1.20 14.57
C PHE C 164 -52.39 -1.55 15.06
N LYS C 165 -52.13 -1.33 16.36
CA LYS C 165 -50.82 -1.69 16.92
C LYS C 165 -50.51 -3.16 16.66
N THR C 166 -51.47 -4.03 17.00
CA THR C 166 -51.30 -5.46 16.80
C THR C 166 -50.98 -5.79 15.35
N LEU C 167 -51.79 -5.28 14.43
CA LEU C 167 -51.63 -5.64 13.02
C LEU C 167 -50.33 -5.11 12.46
N PHE C 168 -49.94 -3.88 12.83
CA PHE C 168 -48.70 -3.33 12.30
C PHE C 168 -47.51 -4.10 12.85
N GLU C 169 -47.52 -4.43 14.14
CA GLU C 169 -46.39 -5.15 14.71
C GLU C 169 -46.30 -6.55 14.13
N VAL C 170 -47.44 -7.19 13.87
CA VAL C 170 -47.44 -8.47 13.16
C VAL C 170 -46.82 -8.30 11.78
N GLY C 171 -47.23 -7.25 11.07
CA GLY C 171 -46.68 -6.99 9.75
C GLY C 171 -45.18 -6.81 9.79
N PHE C 172 -44.67 -6.18 10.84
CA PHE C 172 -43.25 -5.93 10.92
C PHE C 172 -42.48 -7.20 11.25
N ILE C 173 -42.98 -8.03 12.17
CA ILE C 173 -42.23 -9.25 12.45
C ILE C 173 -42.24 -10.19 11.25
N VAL C 174 -43.35 -10.24 10.50
CA VAL C 174 -43.37 -11.14 9.35
C VAL C 174 -42.55 -10.56 8.19
N GLY C 175 -42.57 -9.24 8.00
CA GLY C 175 -41.72 -8.66 6.98
C GLY C 175 -40.25 -8.84 7.29
N HIS C 176 -39.88 -8.62 8.54
CA HIS C 176 -38.50 -8.83 8.95
C HIS C 176 -38.08 -10.27 8.73
N TYR C 177 -38.94 -11.22 9.12
CA TYR C 177 -38.64 -12.63 8.85
C TYR C 177 -38.47 -12.87 7.36
N PHE C 178 -39.30 -12.23 6.54
CA PHE C 178 -39.22 -12.42 5.10
C PHE C 178 -37.86 -11.97 4.58
N LEU C 179 -37.42 -10.79 5.01
CA LEU C 179 -36.11 -10.30 4.56
C LEU C 179 -34.98 -11.16 5.10
N TYR C 180 -34.96 -11.38 6.42
CA TYR C 180 -33.98 -12.23 7.08
C TYR C 180 -34.69 -13.05 8.14
N GLY C 181 -34.52 -14.37 8.07
CA GLY C 181 -35.23 -15.25 8.98
C GLY C 181 -34.58 -15.36 10.34
N PHE C 182 -34.52 -14.25 11.06
CA PHE C 182 -33.98 -14.13 12.41
C PHE C 182 -32.68 -14.90 12.64
N ARG C 183 -31.81 -14.91 11.63
CA ARG C 183 -30.53 -15.61 11.75
C ARG C 183 -29.50 -15.11 10.76
N ILE C 184 -28.81 -14.01 11.09
CA ILE C 184 -27.74 -13.55 10.23
C ILE C 184 -26.64 -14.59 10.20
N LEU C 185 -26.23 -14.92 9.05
CA LEU C 185 -25.12 -15.82 8.82
C LEU C 185 -23.87 -14.99 8.53
N PRO C 186 -22.68 -15.45 8.88
CA PRO C 186 -21.48 -14.64 8.61
C PRO C 186 -21.18 -14.48 7.14
N LEU C 187 -21.67 -15.38 6.30
CA LEU C 187 -21.33 -15.41 4.88
C LEU C 187 -22.54 -15.03 4.04
N TYR C 188 -22.28 -14.32 2.95
CA TYR C 188 -23.31 -13.99 1.98
C TYR C 188 -22.65 -14.00 0.60
N ARG C 189 -22.94 -15.03 -0.18
CA ARG C 189 -22.51 -15.05 -1.57
C ARG C 189 -23.50 -14.27 -2.42
N CYS C 190 -22.98 -13.31 -3.18
CA CYS C 190 -23.79 -12.43 -4.00
C CYS C 190 -23.23 -12.38 -5.41
N SER C 191 -24.08 -11.96 -6.33
CA SER C 191 -23.80 -12.03 -7.75
C SER C 191 -24.28 -10.79 -8.47
N ARG C 192 -24.15 -9.63 -7.82
CA ARG C 192 -24.49 -8.40 -8.49
C ARG C 192 -23.54 -8.17 -9.66
N TRP C 193 -23.86 -7.18 -10.48
CA TRP C 193 -23.10 -6.98 -11.72
C TRP C 193 -21.62 -6.72 -11.50
N PRO C 194 -21.20 -5.75 -10.70
CA PRO C 194 -19.76 -5.54 -10.55
C PRO C 194 -19.10 -6.70 -9.86
N CYS C 195 -19.79 -7.39 -8.98
CA CYS C 195 -19.23 -8.57 -8.33
C CYS C 195 -19.12 -9.70 -9.33
N PRO C 196 -17.91 -10.16 -9.68
CA PRO C 196 -17.79 -11.22 -10.69
C PRO C 196 -17.80 -12.66 -10.18
N ASN C 197 -18.58 -13.55 -10.80
CA ASN C 197 -18.57 -14.96 -10.40
C ASN C 197 -18.91 -15.25 -8.95
N VAL C 198 -20.05 -14.74 -8.50
CA VAL C 198 -20.62 -14.99 -7.17
C VAL C 198 -19.62 -15.02 -6.02
N VAL C 199 -18.95 -13.90 -5.79
CA VAL C 199 -17.98 -13.79 -4.69
C VAL C 199 -18.69 -13.93 -3.34
N ASP C 200 -18.00 -14.53 -2.38
CA ASP C 200 -18.50 -14.68 -1.01
C ASP C 200 -18.01 -13.50 -0.17
N CYS C 201 -18.96 -12.75 0.40
CA CYS C 201 -18.64 -11.61 1.25
C CYS C 201 -19.00 -11.94 2.69
N PHE C 202 -18.42 -11.19 3.62
CA PHE C 202 -18.55 -11.45 5.05
C PHE C 202 -19.17 -10.29 5.79
N VAL C 203 -19.76 -10.61 6.93
CA VAL C 203 -20.54 -9.68 7.74
C VAL C 203 -19.85 -9.48 9.07
N SER C 204 -20.10 -8.32 9.68
CA SER C 204 -19.53 -7.95 10.97
C SER C 204 -20.51 -8.27 12.08
N ARG C 205 -19.98 -8.77 13.19
CA ARG C 205 -20.72 -9.16 14.39
C ARG C 205 -22.02 -9.90 14.09
N PRO C 206 -21.96 -11.02 13.34
CA PRO C 206 -23.20 -11.73 13.01
C PRO C 206 -23.92 -12.27 14.23
N THR C 207 -23.20 -12.97 15.10
CA THR C 207 -23.82 -13.60 16.26
C THR C 207 -24.51 -12.58 17.15
N GLU C 208 -23.82 -11.49 17.47
CA GLU C 208 -24.43 -10.47 18.32
C GLU C 208 -25.65 -9.85 17.65
N LYS C 209 -25.63 -9.74 16.34
CA LYS C 209 -26.75 -9.14 15.63
C LYS C 209 -27.95 -10.06 15.65
N THR C 210 -27.73 -11.37 15.51
CA THR C 210 -28.87 -12.27 15.58
C THR C 210 -29.39 -12.37 17.01
N ILE C 211 -28.52 -12.19 17.99
CA ILE C 211 -28.97 -12.17 19.38
C ILE C 211 -29.92 -11.00 19.61
N PHE C 212 -29.56 -9.80 19.15
CA PHE C 212 -30.49 -8.69 19.29
C PHE C 212 -31.74 -8.88 18.43
N ILE C 213 -31.59 -9.45 17.24
CA ILE C 213 -32.78 -9.72 16.42
C ILE C 213 -33.76 -10.61 17.18
N LEU C 214 -33.27 -11.73 17.69
CA LEU C 214 -34.12 -12.65 18.44
C LEU C 214 -34.72 -11.97 19.66
N PHE C 215 -33.90 -11.21 20.37
CA PHE C 215 -34.34 -10.50 21.57
C PHE C 215 -35.52 -9.59 21.23
N MET C 216 -35.33 -8.72 20.25
CA MET C 216 -36.37 -7.75 19.88
C MET C 216 -37.57 -8.44 19.26
N LEU C 217 -37.37 -9.58 18.60
CA LEU C 217 -38.50 -10.34 18.10
C LEU C 217 -39.33 -10.90 19.24
N SER C 218 -38.67 -11.37 20.29
CA SER C 218 -39.41 -11.85 21.46
C SER C 218 -40.10 -10.71 22.17
N VAL C 219 -39.47 -9.53 22.16
CA VAL C 219 -40.11 -8.35 22.75
C VAL C 219 -41.36 -7.98 21.98
N ALA C 220 -41.29 -8.05 20.65
CA ALA C 220 -42.48 -7.77 19.84
C ALA C 220 -43.56 -8.82 20.06
N SER C 221 -43.18 -10.08 20.22
CA SER C 221 -44.16 -11.11 20.54
C SER C 221 -44.80 -10.84 21.89
N VAL C 222 -44.01 -10.36 22.84
CA VAL C 222 -44.56 -10.01 24.15
C VAL C 222 -45.53 -8.84 24.03
N SER C 223 -45.20 -7.86 23.19
CA SER C 223 -46.11 -6.74 22.98
C SER C 223 -47.41 -7.23 22.36
N LEU C 224 -47.32 -8.20 21.45
CA LEU C 224 -48.52 -8.77 20.87
C LEU C 224 -49.35 -9.51 21.91
N PHE C 225 -48.69 -10.29 22.78
CA PHE C 225 -49.40 -10.95 23.87
C PHE C 225 -50.13 -9.93 24.73
N LEU C 226 -49.42 -8.87 25.13
CA LEU C 226 -50.05 -7.84 25.97
C LEU C 226 -51.24 -7.22 25.26
N ASN C 227 -51.09 -6.89 23.98
CA ASN C 227 -52.16 -6.21 23.27
C ASN C 227 -53.38 -7.10 23.11
N ILE C 228 -53.20 -8.36 22.73
CA ILE C 228 -54.36 -9.22 22.50
C ILE C 228 -54.99 -9.64 23.81
N LEU C 229 -54.19 -9.84 24.87
CA LEU C 229 -54.78 -10.16 26.17
C LEU C 229 -55.56 -8.98 26.71
N GLU C 230 -55.03 -7.77 26.54
CA GLU C 230 -55.79 -6.56 26.87
C GLU C 230 -57.09 -6.50 26.07
N MET C 231 -57.02 -6.83 24.78
CA MET C 231 -58.21 -6.85 23.93
C MET C 231 -59.27 -7.79 24.48
N SER C 232 -58.94 -9.08 24.60
CA SER C 232 -59.89 -10.07 25.13
C SER C 232 -60.39 -9.65 26.51
N HIS C 233 -59.49 -9.08 27.32
CA HIS C 233 -59.84 -8.61 28.65
C HIS C 233 -60.89 -7.51 28.56
N LEU C 234 -60.64 -6.52 27.71
CA LEU C 234 -61.52 -5.37 27.56
C LEU C 234 -62.22 -5.40 26.21
N GLY D 2 -30.63 16.29 16.88
CA GLY D 2 -30.12 17.60 16.51
C GLY D 2 -30.58 18.70 17.44
N ASP D 3 -30.22 19.94 17.11
CA ASP D 3 -30.55 21.11 17.91
C ASP D 3 -32.01 21.53 17.69
N TRP D 4 -32.92 20.58 17.94
CA TRP D 4 -34.35 20.75 17.76
C TRP D 4 -35.14 21.06 19.02
N SER D 5 -34.50 21.25 20.17
CA SER D 5 -35.26 21.52 21.39
C SER D 5 -36.04 22.82 21.30
N PHE D 6 -35.39 23.93 20.93
CA PHE D 6 -36.08 25.22 20.93
C PHE D 6 -37.23 25.25 19.93
N LEU D 7 -37.01 24.73 18.73
CA LEU D 7 -38.08 24.69 17.74
C LEU D 7 -39.24 23.88 18.27
N GLY D 8 -38.94 22.72 18.86
CA GLY D 8 -39.98 21.88 19.42
C GLY D 8 -40.76 22.60 20.49
N ASN D 9 -40.08 23.38 21.34
CA ASN D 9 -40.77 24.17 22.36
C ASN D 9 -41.76 25.14 21.71
N ILE D 10 -41.32 25.86 20.69
CA ILE D 10 -42.19 26.87 20.09
C ILE D 10 -43.38 26.22 19.40
N LEU D 11 -43.13 25.13 18.68
CA LEU D 11 -44.22 24.44 18.00
C LEU D 11 -45.18 23.76 18.98
N GLU D 12 -44.66 23.25 20.10
CA GLU D 12 -45.53 22.72 21.14
C GLU D 12 -46.40 23.82 21.71
N GLU D 13 -45.86 25.03 21.84
CA GLU D 13 -46.68 26.18 22.21
C GLU D 13 -47.75 26.44 21.16
N VAL D 14 -47.41 26.25 19.88
CA VAL D 14 -48.38 26.46 18.81
C VAL D 14 -49.50 25.42 18.89
N ASN D 15 -49.18 24.22 19.39
CA ASN D 15 -50.15 23.13 19.39
C ASN D 15 -51.42 23.48 20.16
N GLU D 16 -51.34 24.45 21.08
CA GLU D 16 -52.52 24.89 21.80
C GLU D 16 -53.51 25.58 20.87
N HIS D 17 -53.02 26.46 20.00
CA HIS D 17 -53.85 27.24 19.11
C HIS D 17 -54.17 26.56 17.78
N SER D 18 -53.43 25.52 17.40
CA SER D 18 -53.70 24.87 16.14
C SER D 18 -55.01 24.11 16.17
N THR D 19 -55.59 23.91 14.99
CA THR D 19 -56.81 23.15 14.88
C THR D 19 -56.49 21.68 15.12
N VAL D 20 -57.54 20.90 15.42
CA VAL D 20 -57.36 19.49 15.77
C VAL D 20 -56.66 18.75 14.64
N ILE D 21 -57.09 19.01 13.41
CA ILE D 21 -56.39 18.46 12.26
C ILE D 21 -54.98 19.03 12.20
N GLY D 22 -54.83 20.32 12.55
CA GLY D 22 -53.51 20.91 12.57
C GLY D 22 -52.62 20.25 13.61
N ARG D 23 -53.20 19.82 14.73
CA ARG D 23 -52.41 19.10 15.73
C ARG D 23 -51.94 17.78 15.15
N VAL D 24 -52.83 17.11 14.42
CA VAL D 24 -52.47 15.86 13.76
C VAL D 24 -51.32 16.08 12.80
N TRP D 25 -51.35 17.19 12.07
CA TRP D 25 -50.28 17.49 11.13
C TRP D 25 -48.96 17.76 11.86
N LEU D 26 -49.03 18.52 12.94
CA LEU D 26 -47.83 18.82 13.72
C LEU D 26 -47.23 17.55 14.28
N THR D 27 -48.07 16.64 14.76
CA THR D 27 -47.58 15.37 15.26
C THR D 27 -47.00 14.53 14.15
N VAL D 28 -47.60 14.54 12.96
CA VAL D 28 -47.01 13.83 11.83
C VAL D 28 -45.61 14.34 11.60
N LEU D 29 -45.45 15.65 11.60
CA LEU D 29 -44.14 16.29 11.44
C LEU D 29 -43.14 15.76 12.47
N PHE D 30 -43.43 15.96 13.75
CA PHE D 30 -42.44 15.61 14.78
C PHE D 30 -42.18 14.11 14.84
N ILE D 31 -43.24 13.31 14.87
CA ILE D 31 -43.10 11.87 15.04
C ILE D 31 -42.35 11.26 13.88
N PHE D 32 -42.65 11.68 12.64
CA PHE D 32 -42.05 11.03 11.48
C PHE D 32 -40.88 11.81 10.89
N ARG D 33 -41.08 13.04 10.42
CA ARG D 33 -40.02 13.68 9.65
C ARG D 33 -38.79 13.98 10.49
N ILE D 34 -38.98 14.56 11.68
CA ILE D 34 -37.84 14.94 12.49
C ILE D 34 -37.19 13.69 13.10
N LEU D 35 -38.00 12.86 13.73
CA LEU D 35 -37.48 11.69 14.44
C LEU D 35 -36.74 10.76 13.49
N ILE D 36 -37.33 10.47 12.33
CA ILE D 36 -36.68 9.62 11.34
C ILE D 36 -35.46 10.31 10.76
N LEU D 37 -35.54 11.60 10.47
CA LEU D 37 -34.41 12.30 9.85
C LEU D 37 -33.20 12.27 10.77
N GLY D 38 -33.41 12.54 12.05
CA GLY D 38 -32.32 12.52 13.01
C GLY D 38 -31.86 11.14 13.45
N THR D 39 -32.83 10.31 13.83
CA THR D 39 -32.55 9.00 14.41
C THR D 39 -32.04 8.00 13.38
N ALA D 40 -32.70 7.92 12.22
CA ALA D 40 -32.41 6.88 11.24
C ALA D 40 -31.64 7.38 10.02
N ALA D 41 -32.14 8.41 9.35
CA ALA D 41 -31.53 8.86 8.12
C ALA D 41 -30.09 9.35 8.33
N ASP D 42 -29.83 10.02 9.44
CA ASP D 42 -28.51 10.60 9.67
C ASP D 42 -27.44 9.51 9.65
N PHE D 43 -27.74 8.34 10.21
CA PHE D 43 -26.76 7.26 10.23
C PHE D 43 -26.63 6.62 8.87
N VAL D 44 -27.70 6.66 8.08
CA VAL D 44 -27.66 6.12 6.73
C VAL D 44 -26.74 6.96 5.85
N TRP D 45 -27.02 8.25 5.76
CA TRP D 45 -26.23 9.14 4.92
C TRP D 45 -24.89 9.53 5.55
N GLY D 46 -24.60 9.11 6.78
CA GLY D 46 -23.35 9.50 7.40
C GLY D 46 -22.12 8.94 6.71
N ASP D 47 -22.28 7.91 5.89
CA ASP D 47 -21.21 7.30 5.11
C ASP D 47 -21.52 7.42 3.63
N GLU D 48 -22.03 8.59 3.24
CA GLU D 48 -22.47 8.79 1.87
C GLU D 48 -21.29 9.02 0.95
N GLN D 49 -20.26 9.70 1.42
CA GLN D 49 -19.06 9.99 0.65
C GLN D 49 -17.89 9.09 0.99
N SER D 50 -17.82 8.63 2.24
CA SER D 50 -16.73 7.74 2.64
C SER D 50 -16.75 6.45 1.83
N ASP D 51 -17.93 5.91 1.58
CA ASP D 51 -18.09 4.65 0.89
C ASP D 51 -18.51 4.82 -0.56
N PHE D 52 -18.41 6.03 -1.10
CA PHE D 52 -18.70 6.28 -2.51
C PHE D 52 -17.40 6.00 -3.24
N VAL D 53 -17.19 4.73 -3.59
CA VAL D 53 -15.98 4.30 -4.26
C VAL D 53 -16.25 4.27 -5.75
N CYS D 54 -15.44 5.01 -6.49
CA CYS D 54 -15.47 4.98 -7.94
C CYS D 54 -14.36 4.07 -8.45
N ASN D 55 -14.38 3.83 -9.76
CA ASN D 55 -13.55 2.79 -10.35
C ASN D 55 -12.16 3.31 -10.69
N THR D 56 -12.05 4.52 -11.22
CA THR D 56 -10.77 5.06 -11.63
C THR D 56 -9.87 5.34 -10.43
N GLN D 57 -8.57 5.28 -10.68
CA GLN D 57 -7.57 5.64 -9.70
C GLN D 57 -7.10 7.07 -9.88
N GLN D 58 -7.86 7.88 -10.60
CA GLN D 58 -7.62 9.31 -10.59
C GLN D 58 -7.84 9.85 -9.18
N PRO D 59 -7.13 10.91 -8.81
CA PRO D 59 -7.24 11.39 -7.42
C PRO D 59 -8.54 12.11 -7.12
N GLY D 60 -8.98 12.97 -8.03
CA GLY D 60 -10.09 13.86 -7.76
C GLY D 60 -11.44 13.45 -8.32
N CYS D 61 -11.48 12.37 -9.10
CA CYS D 61 -12.74 11.99 -9.74
C CYS D 61 -13.82 11.65 -8.74
N GLU D 62 -13.44 11.10 -7.59
CA GLU D 62 -14.41 10.56 -6.66
C GLU D 62 -15.34 11.65 -6.12
N ASN D 63 -14.77 12.68 -5.50
CA ASN D 63 -15.60 13.67 -4.83
C ASN D 63 -16.31 14.56 -5.84
N VAL D 64 -15.68 14.84 -6.97
CA VAL D 64 -16.34 15.58 -8.04
C VAL D 64 -17.56 14.82 -8.54
N CYS D 65 -17.39 13.55 -8.84
CA CYS D 65 -18.50 12.77 -9.37
C CYS D 65 -19.58 12.59 -8.33
N TYR D 66 -19.21 12.50 -7.06
CA TYR D 66 -20.20 12.51 -6.00
C TYR D 66 -21.01 13.79 -6.04
N ASP D 67 -20.32 14.93 -6.10
CA ASP D 67 -20.98 16.22 -6.13
C ASP D 67 -21.95 16.33 -7.29
N GLU D 68 -21.54 15.89 -8.47
CA GLU D 68 -22.46 15.88 -9.61
C GLU D 68 -23.65 14.99 -9.35
N ALA D 69 -23.39 13.78 -8.83
CA ALA D 69 -24.47 12.83 -8.58
C ALA D 69 -25.45 13.35 -7.54
N PHE D 70 -24.92 13.86 -6.42
CA PHE D 70 -25.72 14.41 -5.33
C PHE D 70 -25.33 15.86 -5.17
N PRO D 71 -26.00 16.79 -5.85
CA PRO D 71 -25.64 18.20 -5.69
C PRO D 71 -25.82 18.66 -4.26
N ILE D 72 -26.97 18.32 -3.69
CA ILE D 72 -27.23 18.50 -2.27
C ILE D 72 -27.78 17.18 -1.74
N SER D 73 -27.37 16.82 -0.54
CA SER D 73 -27.78 15.56 0.04
C SER D 73 -29.26 15.60 0.38
N HIS D 74 -29.90 14.42 0.31
CA HIS D 74 -31.33 14.33 0.57
C HIS D 74 -31.67 14.79 1.98
N ILE D 75 -30.83 14.46 2.96
CA ILE D 75 -31.05 14.93 4.33
C ILE D 75 -31.08 16.44 4.38
N ARG D 76 -30.13 17.09 3.72
CA ARG D 76 -30.11 18.55 3.77
C ARG D 76 -31.40 19.12 3.21
N LEU D 77 -31.79 18.69 2.02
CA LEU D 77 -33.06 19.09 1.43
C LEU D 77 -34.24 18.88 2.37
N TRP D 78 -34.28 17.74 3.08
CA TRP D 78 -35.34 17.53 4.07
C TRP D 78 -35.22 18.41 5.31
N VAL D 79 -34.02 18.79 5.73
CA VAL D 79 -33.90 19.71 6.83
C VAL D 79 -34.46 21.07 6.44
N LEU D 80 -34.05 21.55 5.26
CA LEU D 80 -34.59 22.78 4.72
C LEU D 80 -36.09 22.69 4.49
N GLN D 81 -36.58 21.54 4.04
CA GLN D 81 -38.00 21.41 3.77
C GLN D 81 -38.80 21.42 5.06
N ILE D 82 -38.35 20.68 6.07
CA ILE D 82 -39.02 20.65 7.35
C ILE D 82 -39.08 22.04 7.95
N ILE D 83 -37.96 22.77 7.89
CA ILE D 83 -37.93 24.13 8.41
C ILE D 83 -38.84 25.06 7.63
N PHE D 84 -38.78 25.02 6.30
CA PHE D 84 -39.57 25.93 5.49
C PHE D 84 -41.07 25.68 5.66
N VAL D 85 -41.48 24.41 5.59
CA VAL D 85 -42.88 24.06 5.79
C VAL D 85 -43.35 24.35 7.21
N SER D 86 -42.52 24.10 8.22
CA SER D 86 -42.87 24.46 9.59
C SER D 86 -42.95 25.96 9.85
N THR D 87 -42.17 26.77 9.14
CA THR D 87 -42.09 28.20 9.50
C THR D 87 -43.42 28.94 9.46
N PRO D 88 -44.32 28.74 8.49
CA PRO D 88 -45.59 29.48 8.51
C PRO D 88 -46.37 29.34 9.81
N SER D 89 -46.38 28.14 10.38
CA SER D 89 -47.01 27.93 11.68
C SER D 89 -46.40 28.83 12.74
N LEU D 90 -45.07 28.91 12.76
CA LEU D 90 -44.40 29.77 13.72
C LEU D 90 -44.79 31.23 13.50
N VAL D 91 -44.87 31.65 12.23
CA VAL D 91 -45.28 33.02 11.93
C VAL D 91 -46.69 33.27 12.46
N TYR D 92 -47.57 32.28 12.31
CA TYR D 92 -48.94 32.45 12.77
C TYR D 92 -49.00 32.56 14.30
N VAL D 93 -48.26 31.72 15.03
CA VAL D 93 -48.29 31.86 16.49
C VAL D 93 -47.74 33.21 16.88
N GLY D 94 -46.72 33.68 16.16
CA GLY D 94 -46.16 34.99 16.46
C GLY D 94 -47.22 36.06 16.37
N HIS D 95 -48.06 35.98 15.33
CA HIS D 95 -49.20 36.89 15.25
C HIS D 95 -50.17 36.68 16.40
N ALA D 96 -50.46 35.43 16.74
CA ALA D 96 -51.38 35.15 17.84
C ALA D 96 -50.83 35.65 19.17
N VAL D 97 -49.58 35.34 19.46
CA VAL D 97 -48.93 35.81 20.68
C VAL D 97 -48.89 37.34 20.66
N LEU D 154 -57.61 37.26 11.49
CA LEU D 154 -56.83 36.15 12.02
C LEU D 154 -57.02 34.92 11.16
N LEU D 155 -58.27 34.68 10.77
CA LEU D 155 -58.59 33.54 9.92
C LEU D 155 -57.86 33.63 8.59
N ARG D 156 -57.81 34.84 8.02
CA ARG D 156 -57.09 35.05 6.76
C ARG D 156 -55.61 34.68 6.93
N THR D 157 -55.02 35.04 8.07
CA THR D 157 -53.64 34.66 8.34
C THR D 157 -53.48 33.14 8.33
N TYR D 158 -54.45 32.43 8.95
CA TYR D 158 -54.39 30.98 8.99
C TYR D 158 -54.43 30.40 7.58
N VAL D 159 -55.33 30.93 6.75
CA VAL D 159 -55.45 30.44 5.37
C VAL D 159 -54.17 30.70 4.61
N CYS D 160 -53.60 31.90 4.76
CA CYS D 160 -52.36 32.22 4.07
C CYS D 160 -51.24 31.29 4.50
N HIS D 161 -51.11 31.06 5.80
CA HIS D 161 -50.02 30.22 6.29
C HIS D 161 -50.17 28.78 5.79
N ILE D 162 -51.39 28.20 5.85
CA ILE D 162 -51.53 26.83 5.37
C ILE D 162 -51.28 26.75 3.87
N ILE D 163 -51.74 27.75 3.11
CA ILE D 163 -51.46 27.75 1.68
C ILE D 163 -49.95 27.79 1.44
N PHE D 164 -49.23 28.63 2.19
CA PHE D 164 -47.77 28.65 2.07
C PHE D 164 -47.17 27.28 2.35
N LYS D 165 -47.60 26.64 3.43
CA LYS D 165 -47.10 25.29 3.74
C LYS D 165 -47.33 24.35 2.56
N THR D 166 -48.56 24.33 2.05
CA THR D 166 -48.91 23.48 0.92
C THR D 166 -48.01 23.75 -0.28
N LEU D 167 -47.87 25.02 -0.66
CA LEU D 167 -47.13 25.36 -1.86
C LEU D 167 -45.65 25.04 -1.70
N PHE D 168 -45.08 25.33 -0.53
CA PHE D 168 -43.66 25.05 -0.33
C PHE D 168 -43.41 23.55 -0.34
N GLU D 169 -44.26 22.78 0.32
CA GLU D 169 -44.05 21.34 0.35
C GLU D 169 -44.22 20.73 -1.03
N VAL D 170 -45.16 21.26 -1.82
CA VAL D 170 -45.29 20.83 -3.21
C VAL D 170 -44.01 21.17 -3.97
N GLY D 171 -43.49 22.38 -3.78
CA GLY D 171 -42.25 22.76 -4.43
C GLY D 171 -41.10 21.85 -4.08
N PHE D 172 -41.07 21.39 -2.83
CA PHE D 172 -39.97 20.52 -2.41
C PHE D 172 -40.10 19.13 -2.98
N ILE D 173 -41.30 18.56 -3.00
CA ILE D 173 -41.43 17.22 -3.57
C ILE D 173 -41.13 17.25 -5.07
N VAL D 174 -41.55 18.30 -5.77
CA VAL D 174 -41.29 18.34 -7.21
C VAL D 174 -39.82 18.66 -7.49
N GLY D 175 -39.19 19.52 -6.69
CA GLY D 175 -37.78 19.77 -6.87
C GLY D 175 -36.95 18.52 -6.59
N HIS D 176 -37.28 17.81 -5.51
CA HIS D 176 -36.58 16.58 -5.19
C HIS D 176 -36.74 15.56 -6.31
N TYR D 177 -37.96 15.42 -6.84
CA TYR D 177 -38.16 14.53 -7.98
C TYR D 177 -37.31 14.96 -9.16
N PHE D 178 -37.20 16.27 -9.38
CA PHE D 178 -36.42 16.77 -10.51
C PHE D 178 -34.97 16.36 -10.36
N LEU D 179 -34.40 16.55 -9.17
CA LEU D 179 -33.01 16.17 -8.96
C LEU D 179 -32.83 14.65 -9.05
N TYR D 180 -33.63 13.91 -8.29
CA TYR D 180 -33.63 12.45 -8.30
C TYR D 180 -35.06 11.96 -8.25
N GLY D 181 -35.43 11.12 -9.21
CA GLY D 181 -36.80 10.67 -9.29
C GLY D 181 -37.13 9.52 -8.35
N PHE D 182 -37.02 9.80 -7.05
CA PHE D 182 -37.35 8.88 -5.96
C PHE D 182 -36.82 7.46 -6.17
N ARG D 183 -35.64 7.33 -6.76
CA ARG D 183 -35.06 6.02 -7.00
C ARG D 183 -33.55 6.08 -7.20
N ILE D 184 -32.79 6.09 -6.10
CA ILE D 184 -31.34 6.04 -6.23
C ILE D 184 -30.94 4.71 -6.83
N LEU D 185 -30.15 4.77 -7.81
CA LEU D 185 -29.56 3.62 -8.45
C LEU D 185 -28.16 3.40 -7.90
N PRO D 186 -27.67 2.17 -7.82
CA PRO D 186 -26.32 1.96 -7.29
C PRO D 186 -25.23 2.53 -8.15
N LEU D 187 -25.49 2.72 -9.44
CA LEU D 187 -24.47 3.14 -10.39
C LEU D 187 -24.73 4.55 -10.86
N TYR D 188 -23.65 5.30 -11.07
CA TYR D 188 -23.72 6.64 -11.66
C TYR D 188 -22.49 6.83 -12.53
N ARG D 189 -22.68 6.79 -13.84
CA ARG D 189 -21.61 7.13 -14.76
C ARG D 189 -21.54 8.64 -14.93
N CYS D 190 -20.36 9.19 -14.70
CA CYS D 190 -20.14 10.64 -14.75
C CYS D 190 -18.94 10.94 -15.62
N SER D 191 -18.88 12.18 -16.07
CA SER D 191 -17.91 12.61 -17.06
C SER D 191 -17.37 13.98 -16.75
N ARG D 192 -17.16 14.26 -15.46
CA ARG D 192 -16.55 15.52 -15.09
C ARG D 192 -15.12 15.56 -15.61
N TRP D 193 -14.49 16.72 -15.52
CA TRP D 193 -13.18 16.90 -16.14
C TRP D 193 -12.12 15.96 -15.60
N PRO D 194 -11.86 15.87 -14.30
CA PRO D 194 -10.82 14.95 -13.86
C PRO D 194 -11.17 13.50 -14.11
N CYS D 195 -12.45 13.18 -14.09
CA CYS D 195 -12.87 11.82 -14.39
C CYS D 195 -12.69 11.55 -15.89
N PRO D 196 -11.79 10.63 -16.29
CA PRO D 196 -11.58 10.41 -17.73
C PRO D 196 -12.45 9.35 -18.39
N ASN D 197 -13.04 9.64 -19.55
CA ASN D 197 -13.81 8.63 -20.28
C ASN D 197 -14.98 8.02 -19.53
N VAL D 198 -15.86 8.87 -19.01
CA VAL D 198 -17.11 8.49 -18.34
C VAL D 198 -17.03 7.27 -17.44
N VAL D 199 -16.21 7.36 -16.39
CA VAL D 199 -16.09 6.27 -15.42
C VAL D 199 -17.40 6.04 -14.67
N ASP D 200 -17.67 4.77 -14.35
CA ASP D 200 -18.84 4.40 -13.58
C ASP D 200 -18.49 4.36 -12.09
N CYS D 201 -19.18 5.15 -11.28
CA CYS D 201 -18.96 5.22 -9.85
C CYS D 201 -20.16 4.59 -9.14
N PHE D 202 -19.94 4.21 -7.89
CA PHE D 202 -20.94 3.48 -7.10
C PHE D 202 -21.32 4.23 -5.84
N VAL D 203 -22.52 3.92 -5.35
CA VAL D 203 -23.16 4.60 -4.24
C VAL D 203 -23.31 3.63 -3.09
N SER D 204 -23.36 4.19 -1.88
CA SER D 204 -23.52 3.43 -0.65
C SER D 204 -24.98 3.38 -0.23
N ARG D 205 -25.41 2.21 0.25
CA ARG D 205 -26.76 1.93 0.70
C ARG D 205 -27.85 2.51 -0.21
N PRO D 206 -27.83 2.18 -1.50
CA PRO D 206 -28.84 2.76 -2.40
C PRO D 206 -30.26 2.36 -2.03
N THR D 207 -30.49 1.07 -1.83
CA THR D 207 -31.84 0.57 -1.56
C THR D 207 -32.43 1.23 -0.31
N GLU D 208 -31.67 1.25 0.78
CA GLU D 208 -32.17 1.85 2.00
C GLU D 208 -32.44 3.33 1.82
N LYS D 209 -31.65 4.00 0.98
CA LYS D 209 -31.84 5.41 0.78
C LYS D 209 -33.09 5.68 -0.02
N THR D 210 -33.38 4.85 -1.02
CA THR D 210 -34.62 5.06 -1.76
C THR D 210 -35.82 4.69 -0.92
N ILE D 211 -35.66 3.74 0.00
CA ILE D 211 -36.76 3.43 0.93
C ILE D 211 -37.10 4.63 1.78
N PHE D 212 -36.10 5.29 2.36
CA PHE D 212 -36.41 6.50 3.12
C PHE D 212 -36.91 7.62 2.24
N ILE D 213 -36.39 7.76 1.03
CA ILE D 213 -36.90 8.77 0.10
C ILE D 213 -38.39 8.56 -0.13
N LEU D 214 -38.78 7.34 -0.50
CA LEU D 214 -40.19 7.03 -0.75
C LEU D 214 -41.01 7.27 0.50
N PHE D 215 -40.50 6.83 1.64
CA PHE D 215 -41.20 6.98 2.91
C PHE D 215 -41.51 8.44 3.16
N MET D 216 -40.48 9.29 3.13
CA MET D 216 -40.65 10.70 3.42
C MET D 216 -41.46 11.40 2.34
N LEU D 217 -41.41 10.92 1.11
CA LEU D 217 -42.26 11.46 0.06
C LEU D 217 -43.72 11.18 0.34
N SER D 218 -44.01 9.97 0.83
CA SER D 218 -45.38 9.64 1.20
C SER D 218 -45.82 10.45 2.41
N VAL D 219 -44.89 10.71 3.33
CA VAL D 219 -45.19 11.54 4.48
C VAL D 219 -45.54 12.96 4.04
N ALA D 220 -44.78 13.49 3.08
CA ALA D 220 -45.09 14.82 2.57
C ALA D 220 -46.41 14.84 1.83
N SER D 221 -46.73 13.78 1.10
CA SER D 221 -48.03 13.69 0.46
C SER D 221 -49.15 13.65 1.50
N VAL D 222 -48.91 12.95 2.61
CA VAL D 222 -49.89 12.92 3.68
C VAL D 222 -50.06 14.30 4.29
N SER D 223 -48.96 15.04 4.46
CA SER D 223 -49.06 16.39 4.98
C SER D 223 -49.85 17.28 4.03
N LEU D 224 -49.68 17.07 2.73
CA LEU D 224 -50.47 17.82 1.76
C LEU D 224 -51.94 17.46 1.84
N PHE D 225 -52.25 16.18 1.99
CA PHE D 225 -53.64 15.76 2.18
C PHE D 225 -54.24 16.43 3.40
N LEU D 226 -53.52 16.39 4.52
CA LEU D 226 -54.02 17.02 5.74
C LEU D 226 -54.25 18.51 5.54
N ASN D 227 -53.30 19.19 4.91
CA ASN D 227 -53.42 20.64 4.76
C ASN D 227 -54.58 21.02 3.86
N ILE D 228 -54.74 20.33 2.72
CA ILE D 228 -55.80 20.71 1.80
C ILE D 228 -57.16 20.29 2.32
N LEU D 229 -57.24 19.16 3.02
CA LEU D 229 -58.52 18.76 3.61
C LEU D 229 -58.91 19.72 4.71
N GLU D 230 -57.94 20.15 5.53
CA GLU D 230 -58.20 21.20 6.51
C GLU D 230 -58.67 22.47 5.83
N MET D 231 -58.04 22.83 4.71
CA MET D 231 -58.44 24.01 3.94
C MET D 231 -59.90 23.92 3.52
N SER D 232 -60.25 22.91 2.73
CA SER D 232 -61.62 22.72 2.28
C SER D 232 -62.59 22.66 3.46
N HIS D 233 -62.15 22.01 4.54
CA HIS D 233 -62.96 21.91 5.75
C HIS D 233 -63.23 23.28 6.33
N LEU D 234 -62.19 24.09 6.49
CA LEU D 234 -62.28 25.41 7.07
C LEU D 234 -62.04 26.49 6.02
N GLY E 2 -25.10 22.15 19.16
CA GLY E 2 -24.00 22.74 19.88
C GLY E 2 -24.41 23.26 21.25
N ASP E 3 -23.46 23.89 21.95
CA ASP E 3 -23.67 24.42 23.30
C ASP E 3 -24.45 25.75 23.23
N TRP E 4 -25.64 25.68 22.63
CA TRP E 4 -26.51 26.83 22.42
C TRP E 4 -27.66 26.96 23.42
N SER E 5 -27.75 26.09 24.43
CA SER E 5 -28.86 26.19 25.37
C SER E 5 -28.87 27.52 26.12
N PHE E 6 -27.74 27.89 26.73
CA PHE E 6 -27.72 29.10 27.56
C PHE E 6 -28.01 30.35 26.74
N LEU E 7 -27.38 30.46 25.56
CA LEU E 7 -27.64 31.62 24.72
C LEU E 7 -29.10 31.68 24.34
N GLY E 8 -29.67 30.53 23.97
CA GLY E 8 -31.08 30.49 23.62
C GLY E 8 -31.95 30.94 24.78
N ASN E 9 -31.61 30.54 26.00
CA ASN E 9 -32.35 30.98 27.18
C ASN E 9 -32.33 32.51 27.28
N ILE E 10 -31.15 33.10 27.15
CA ILE E 10 -31.05 34.55 27.35
C ILE E 10 -31.80 35.29 26.24
N LEU E 11 -31.66 34.83 25.01
CA LEU E 11 -32.36 35.47 23.90
C LEU E 11 -33.86 35.26 23.96
N GLU E 12 -34.31 34.11 24.44
CA GLU E 12 -35.73 33.91 24.67
C GLU E 12 -36.25 34.86 25.74
N GLU E 13 -35.43 35.13 26.76
CA GLU E 13 -35.78 36.18 27.72
C GLU E 13 -35.87 37.54 27.03
N VAL E 14 -34.99 37.78 26.06
CA VAL E 14 -35.02 39.06 25.34
C VAL E 14 -36.30 39.17 24.50
N ASN E 15 -36.82 38.04 24.04
CA ASN E 15 -37.98 38.06 23.14
C ASN E 15 -39.19 38.74 23.75
N GLU E 16 -39.25 38.83 25.08
CA GLU E 16 -40.33 39.55 25.74
C GLU E 16 -40.26 41.04 25.45
N HIS E 17 -39.06 41.62 25.54
CA HIS E 17 -38.87 43.05 25.37
C HIS E 17 -38.64 43.48 23.93
N SER E 18 -38.31 42.56 23.03
CA SER E 18 -38.06 42.95 21.65
C SER E 18 -39.35 43.37 20.95
N THR E 19 -39.19 44.20 19.92
CA THR E 19 -40.34 44.62 19.14
C THR E 19 -40.82 43.45 18.30
N VAL E 20 -42.06 43.57 17.82
CA VAL E 20 -42.69 42.47 17.09
C VAL E 20 -41.86 42.08 15.88
N ILE E 21 -41.38 43.10 15.15
CA ILE E 21 -40.46 42.84 14.05
C ILE E 21 -39.16 42.26 14.61
N GLY E 22 -38.74 42.74 15.78
CA GLY E 22 -37.55 42.18 16.39
C GLY E 22 -37.74 40.72 16.78
N ARG E 23 -38.96 40.34 17.16
CA ARG E 23 -39.22 38.94 17.45
C ARG E 23 -39.09 38.12 16.17
N VAL E 24 -39.61 38.68 15.07
CA VAL E 24 -39.48 38.01 13.77
C VAL E 24 -38.02 37.82 13.41
N TRP E 25 -37.19 38.82 13.69
CA TRP E 25 -35.76 38.70 13.40
C TRP E 25 -35.11 37.63 14.27
N LEU E 26 -35.44 37.62 15.56
CA LEU E 26 -34.88 36.63 16.47
C LEU E 26 -35.26 35.23 16.03
N THR E 27 -36.51 35.05 15.60
CA THR E 27 -36.94 33.74 15.13
C THR E 27 -36.24 33.39 13.83
N VAL E 28 -36.02 34.35 12.93
CA VAL E 28 -35.25 34.07 11.73
C VAL E 28 -33.90 33.52 12.11
N LEU E 29 -33.25 34.18 13.07
CA LEU E 29 -31.96 33.74 13.59
C LEU E 29 -31.99 32.29 14.06
N PHE E 30 -32.84 32.01 15.04
CA PHE E 30 -32.83 30.67 15.64
C PHE E 30 -33.28 29.59 14.65
N ILE E 31 -34.39 29.83 13.96
CA ILE E 31 -34.97 28.83 13.08
C ILE E 31 -34.02 28.51 11.93
N PHE E 32 -33.38 29.52 11.35
CA PHE E 32 -32.56 29.28 10.16
C PHE E 32 -31.08 29.21 10.47
N ARG E 33 -30.46 30.29 10.97
CA ARG E 33 -29.01 30.31 11.04
C ARG E 33 -28.46 29.27 12.01
N ILE E 34 -29.02 29.17 13.20
CA ILE E 34 -28.47 28.24 14.20
C ILE E 34 -28.84 26.81 13.83
N LEU E 35 -30.12 26.58 13.56
CA LEU E 35 -30.59 25.23 13.29
C LEU E 35 -29.91 24.63 12.06
N ILE E 36 -29.82 25.40 10.98
CA ILE E 36 -29.13 24.94 9.78
C ILE E 36 -27.65 24.77 10.02
N LEU E 37 -27.02 25.71 10.74
CA LEU E 37 -25.58 25.64 10.95
C LEU E 37 -25.22 24.38 11.73
N GLY E 38 -25.97 24.09 12.78
CA GLY E 38 -25.72 22.90 13.58
C GLY E 38 -26.18 21.60 12.97
N THR E 39 -27.43 21.59 12.51
CA THR E 39 -28.08 20.37 12.02
C THR E 39 -27.53 19.93 10.67
N ALA E 40 -27.41 20.86 9.72
CA ALA E 40 -27.07 20.52 8.34
C ALA E 40 -25.64 20.85 7.95
N ALA E 41 -25.22 22.10 8.15
CA ALA E 41 -23.90 22.53 7.70
C ALA E 41 -22.78 21.75 8.37
N ASP E 42 -22.94 21.45 9.67
CA ASP E 42 -21.87 20.78 10.41
C ASP E 42 -21.51 19.45 9.76
N PHE E 43 -22.51 18.71 9.27
CA PHE E 43 -22.25 17.41 8.66
C PHE E 43 -21.65 17.59 7.28
N VAL E 44 -21.97 18.70 6.62
CA VAL E 44 -21.42 18.99 5.31
C VAL E 44 -19.93 19.26 5.41
N TRP E 45 -19.56 20.24 6.22
CA TRP E 45 -18.16 20.60 6.39
C TRP E 45 -17.38 19.66 7.28
N GLY E 46 -18.02 18.64 7.86
CA GLY E 46 -17.29 17.74 8.74
C GLY E 46 -16.23 16.91 8.03
N ASP E 47 -16.31 16.80 6.71
CA ASP E 47 -15.34 16.09 5.89
C ASP E 47 -14.71 17.06 4.91
N GLU E 48 -14.40 18.25 5.39
CA GLU E 48 -13.87 19.30 4.53
C GLU E 48 -12.40 19.07 4.21
N GLN E 49 -11.65 18.55 5.16
CA GLN E 49 -10.23 18.27 4.98
C GLN E 49 -9.92 16.81 4.74
N SER E 50 -10.75 15.91 5.29
CA SER E 50 -10.54 14.48 5.08
C SER E 50 -10.62 14.12 3.61
N ASP E 51 -11.57 14.72 2.90
CA ASP E 51 -11.81 14.43 1.50
C ASP E 51 -11.23 15.47 0.56
N PHE E 52 -10.38 16.36 1.05
CA PHE E 52 -9.72 17.34 0.21
C PHE E 52 -8.48 16.66 -0.32
N VAL E 53 -8.64 15.95 -1.43
CA VAL E 53 -7.55 15.19 -2.03
C VAL E 53 -6.94 16.04 -3.12
N CYS E 54 -5.64 16.27 -3.01
CA CYS E 54 -4.87 16.95 -4.03
C CYS E 54 -4.15 15.91 -4.88
N ASN E 55 -3.54 16.40 -5.96
CA ASN E 55 -3.02 15.51 -6.99
C ASN E 55 -1.61 15.03 -6.68
N THR E 56 -0.75 15.91 -6.18
CA THR E 56 0.62 15.54 -5.90
C THR E 56 0.73 14.55 -4.76
N GLN E 57 1.80 13.76 -4.80
CA GLN E 57 2.13 12.83 -3.73
C GLN E 57 3.14 13.43 -2.78
N GLN E 58 3.31 14.75 -2.80
CA GLN E 58 4.06 15.41 -1.75
C GLN E 58 3.34 15.22 -0.41
N PRO E 59 4.07 15.19 0.69
CA PRO E 59 3.41 14.89 1.97
C PRO E 59 2.59 16.04 2.52
N GLY E 60 3.12 17.26 2.44
CA GLY E 60 2.53 18.40 3.10
C GLY E 60 1.68 19.32 2.25
N CYS E 61 1.65 19.09 0.94
CA CYS E 61 0.94 20.01 0.06
C CYS E 61 -0.54 20.07 0.36
N GLU E 62 -1.12 18.97 0.83
CA GLU E 62 -2.57 18.87 0.96
C GLU E 62 -3.11 19.86 1.98
N ASN E 63 -2.61 19.79 3.21
CA ASN E 63 -3.19 20.61 4.27
C ASN E 63 -2.79 22.08 4.12
N VAL E 64 -1.59 22.34 3.60
CA VAL E 64 -1.19 23.71 3.31
C VAL E 64 -2.10 24.33 2.26
N CYS E 65 -2.33 23.60 1.17
CA CYS E 65 -3.15 24.14 0.10
C CYS E 65 -4.59 24.29 0.54
N TYR E 66 -5.06 23.40 1.41
CA TYR E 66 -6.37 23.58 2.03
C TYR E 66 -6.42 24.89 2.79
N ASP E 67 -5.43 25.10 3.65
CA ASP E 67 -5.38 26.31 4.46
C ASP E 67 -5.39 27.57 3.62
N GLU E 68 -4.61 27.58 2.54
CA GLU E 68 -4.65 28.71 1.62
C GLU E 68 -6.04 28.88 1.00
N ALA E 69 -6.61 27.77 0.53
CA ALA E 69 -7.93 27.83 -0.10
C ALA E 69 -9.00 28.30 0.86
N PHE E 70 -9.03 27.72 2.06
CA PHE E 70 -10.00 28.07 3.10
C PHE E 70 -9.21 28.57 4.29
N PRO E 71 -8.95 29.88 4.39
CA PRO E 71 -8.22 30.37 5.55
C PRO E 71 -8.95 30.10 6.83
N ILE E 72 -10.24 30.41 6.85
CA ILE E 72 -11.14 30.03 7.92
C ILE E 72 -12.36 29.39 7.27
N SER E 73 -12.88 28.35 7.91
CA SER E 73 -14.01 27.63 7.35
C SER E 73 -15.27 28.49 7.43
N HIS E 74 -16.16 28.26 6.47
CA HIS E 74 -17.39 29.05 6.38
C HIS E 74 -18.24 28.89 7.64
N ILE E 75 -18.29 27.68 8.19
CA ILE E 75 -19.02 27.46 9.44
C ILE E 75 -18.47 28.34 10.55
N ARG E 76 -17.15 28.39 10.68
CA ARG E 76 -16.56 29.19 11.75
C ARG E 76 -16.98 30.65 11.60
N LEU E 77 -16.76 31.21 10.41
CA LEU E 77 -17.20 32.57 10.11
C LEU E 77 -18.67 32.81 10.45
N TRP E 78 -19.55 31.84 10.14
CA TRP E 78 -20.95 31.97 10.54
C TRP E 78 -21.21 31.83 12.03
N VAL E 79 -20.41 31.05 12.74
CA VAL E 79 -20.56 30.99 14.20
C VAL E 79 -20.20 32.34 14.79
N LEU E 80 -19.06 32.88 14.39
CA LEU E 80 -18.64 34.21 14.81
C LEU E 80 -19.65 35.27 14.39
N GLN E 81 -20.22 35.15 13.20
CA GLN E 81 -21.17 36.15 12.72
C GLN E 81 -22.46 36.09 13.52
N ILE E 82 -22.98 34.89 13.75
CA ILE E 82 -24.21 34.73 14.53
C ILE E 82 -24.01 35.30 15.93
N ILE E 83 -22.87 35.00 16.54
CA ILE E 83 -22.58 35.52 17.87
C ILE E 83 -22.44 37.04 17.87
N PHE E 84 -21.68 37.58 16.94
CA PHE E 84 -21.44 39.02 16.92
C PHE E 84 -22.72 39.79 16.65
N VAL E 85 -23.50 39.38 15.66
CA VAL E 85 -24.77 40.01 15.35
C VAL E 85 -25.79 39.84 16.47
N SER E 86 -25.84 38.66 17.11
CA SER E 86 -26.70 38.47 18.27
C SER E 86 -26.31 39.27 19.50
N THR E 87 -25.01 39.56 19.69
CA THR E 87 -24.58 40.16 20.95
C THR E 87 -25.24 41.50 21.29
N PRO E 88 -25.43 42.44 20.34
CA PRO E 88 -26.08 43.71 20.72
C PRO E 88 -27.42 43.54 21.41
N SER E 89 -28.22 42.59 20.96
CA SER E 89 -29.48 42.30 21.62
C SER E 89 -29.26 41.91 23.08
N LEU E 90 -28.27 41.06 23.32
CA LEU E 90 -27.97 40.66 24.69
C LEU E 90 -27.54 41.87 25.52
N VAL E 91 -26.74 42.75 24.93
CA VAL E 91 -26.31 43.96 25.64
C VAL E 91 -27.53 44.80 26.01
N TYR E 92 -28.49 44.90 25.08
CA TYR E 92 -29.68 45.69 25.33
C TYR E 92 -30.51 45.10 26.46
N VAL E 93 -30.71 43.78 26.47
CA VAL E 93 -31.50 43.20 27.56
C VAL E 93 -30.77 43.44 28.88
N GLY E 94 -29.43 43.35 28.84
CA GLY E 94 -28.67 43.60 30.06
C GLY E 94 -28.95 44.97 30.61
N HIS E 95 -29.02 45.97 29.72
CA HIS E 95 -29.44 47.29 30.16
C HIS E 95 -30.87 47.28 30.68
N ALA E 96 -31.79 46.60 29.99
CA ALA E 96 -33.18 46.55 30.42
C ALA E 96 -33.31 45.85 31.78
N VAL E 97 -32.67 44.70 31.93
CA VAL E 97 -32.69 43.97 33.19
C VAL E 97 -32.04 44.83 34.26
N LEU E 154 -33.34 54.89 26.70
CA LEU E 154 -33.53 53.49 26.39
C LEU E 154 -33.68 53.30 24.88
N LEU E 155 -34.49 54.18 24.28
CA LEU E 155 -34.70 54.12 22.84
C LEU E 155 -33.39 54.31 22.08
N ARG E 156 -32.55 55.23 22.55
CA ARG E 156 -31.25 55.45 21.93
C ARG E 156 -30.41 54.18 21.97
N THR E 157 -30.46 53.46 23.10
CA THR E 157 -29.76 52.19 23.21
C THR E 157 -30.26 51.20 22.14
N TYR E 158 -31.58 51.16 21.94
CA TYR E 158 -32.15 50.26 20.93
C TYR E 158 -31.63 50.61 19.55
N VAL E 159 -31.62 51.89 19.22
CA VAL E 159 -31.14 52.33 17.91
C VAL E 159 -29.68 51.98 17.74
N CYS E 160 -28.87 52.23 18.77
CA CYS E 160 -27.45 51.90 18.68
C CYS E 160 -27.24 50.41 18.48
N HIS E 161 -27.97 49.58 19.22
CA HIS E 161 -27.79 48.14 19.11
C HIS E 161 -28.20 47.64 17.73
N ILE E 162 -29.34 48.09 17.20
CA ILE E 162 -29.74 47.62 15.88
C ILE E 162 -28.77 48.11 14.81
N ILE E 163 -28.27 49.34 14.93
CA ILE E 163 -27.27 49.81 13.99
C ILE E 163 -26.03 48.93 14.04
N PHE E 164 -25.57 48.59 15.25
CA PHE E 164 -24.43 47.68 15.38
C PHE E 164 -24.70 46.36 14.69
N LYS E 165 -25.88 45.76 14.91
CA LYS E 165 -26.22 44.51 14.24
C LYS E 165 -26.12 44.66 12.74
N THR E 166 -26.73 45.72 12.20
CA THR E 166 -26.71 45.98 10.77
C THR E 166 -25.29 46.09 10.25
N LEU E 167 -24.47 46.92 10.91
CA LEU E 167 -23.12 47.17 10.41
C LEU E 167 -22.25 45.92 10.50
N PHE E 168 -22.37 45.16 11.58
CA PHE E 168 -21.56 43.95 11.71
C PHE E 168 -21.97 42.92 10.68
N GLU E 169 -23.27 42.74 10.47
CA GLU E 169 -23.72 41.74 9.50
C GLU E 169 -23.31 42.15 8.09
N VAL E 170 -23.35 43.45 7.79
CA VAL E 170 -22.85 43.94 6.52
C VAL E 170 -21.36 43.62 6.39
N GLY E 171 -20.62 43.89 7.46
CA GLY E 171 -19.19 43.58 7.45
C GLY E 171 -18.92 42.12 7.20
N PHE E 172 -19.76 41.25 7.73
CA PHE E 172 -19.54 39.82 7.56
C PHE E 172 -19.88 39.36 6.15
N ILE E 173 -20.98 39.85 5.58
CA ILE E 173 -21.29 39.42 4.22
C ILE E 173 -20.24 39.93 3.24
N VAL E 174 -19.73 41.15 3.45
CA VAL E 174 -18.73 41.66 2.51
C VAL E 174 -17.38 41.00 2.73
N GLY E 175 -17.01 40.70 3.98
CA GLY E 175 -15.78 39.97 4.22
C GLY E 175 -15.83 38.57 3.65
N HIS E 176 -16.96 37.89 3.85
CA HIS E 176 -17.13 36.56 3.29
C HIS E 176 -17.03 36.59 1.78
N TYR E 177 -17.69 37.58 1.14
CA TYR E 177 -17.56 37.72 -0.31
C TYR E 177 -16.11 37.94 -0.71
N PHE E 178 -15.37 38.73 0.09
CA PHE E 178 -13.99 39.03 -0.24
C PHE E 178 -13.17 37.74 -0.24
N LEU E 179 -13.34 36.91 0.79
CA LEU E 179 -12.60 35.66 0.86
C LEU E 179 -13.03 34.71 -0.25
N TYR E 180 -14.33 34.45 -0.36
CA TYR E 180 -14.91 33.62 -1.41
C TYR E 180 -16.18 34.27 -1.90
N GLY E 181 -16.26 34.49 -3.21
CA GLY E 181 -17.39 35.18 -3.78
C GLY E 181 -18.61 34.30 -3.98
N PHE E 182 -19.15 33.79 -2.87
CA PHE E 182 -20.36 32.96 -2.81
C PHE E 182 -20.42 31.89 -3.89
N ARG E 183 -19.29 31.29 -4.24
CA ARG E 183 -19.26 30.26 -5.25
C ARG E 183 -18.03 29.38 -5.14
N ILE E 184 -18.08 28.36 -4.28
CA ILE E 184 -16.98 27.42 -4.20
C ILE E 184 -16.88 26.67 -5.52
N LEU E 185 -15.73 26.62 -6.04
CA LEU E 185 -15.42 25.85 -7.23
C LEU E 185 -14.79 24.53 -6.82
N PRO E 186 -14.98 23.45 -7.58
CA PRO E 186 -14.37 22.18 -7.17
C PRO E 186 -12.87 22.17 -7.21
N LEU E 187 -12.26 23.04 -8.00
CA LEU E 187 -10.83 23.06 -8.23
C LEU E 187 -10.18 24.26 -7.59
N TYR E 188 -8.98 24.08 -7.06
CA TYR E 188 -8.17 25.16 -6.53
C TYR E 188 -6.72 24.85 -6.83
N ARG E 189 -6.14 25.57 -7.80
CA ARG E 189 -4.72 25.47 -8.05
C ARG E 189 -3.96 26.38 -7.08
N CYS E 190 -3.00 25.80 -6.37
CA CYS E 190 -2.23 26.51 -5.36
C CYS E 190 -0.76 26.28 -5.58
N SER E 191 0.03 27.17 -5.00
CA SER E 191 1.47 27.23 -5.27
C SER E 191 2.23 27.51 -3.99
N ARG E 192 1.79 26.95 -2.88
CA ARG E 192 2.53 27.09 -1.65
C ARG E 192 3.88 26.38 -1.79
N TRP E 193 4.76 26.60 -0.82
CA TRP E 193 6.13 26.11 -0.95
C TRP E 193 6.23 24.60 -1.10
N PRO E 194 5.67 23.78 -0.23
CA PRO E 194 5.81 22.33 -0.43
C PRO E 194 5.11 21.86 -1.68
N CYS E 195 4.03 22.51 -2.08
CA CYS E 195 3.35 22.15 -3.30
C CYS E 195 4.19 22.56 -4.51
N PRO E 196 4.71 21.62 -5.32
CA PRO E 196 5.56 22.01 -6.44
C PRO E 196 4.87 22.30 -7.76
N ASN E 197 5.20 23.39 -8.44
CA ASN E 197 4.64 23.66 -9.76
C ASN E 197 3.11 23.76 -9.83
N VAL E 198 2.53 24.59 -8.98
CA VAL E 198 1.10 24.90 -8.95
C VAL E 198 0.16 23.72 -9.19
N VAL E 199 0.21 22.74 -8.29
CA VAL E 199 -0.66 21.57 -8.38
C VAL E 199 -2.12 21.97 -8.20
N ASP E 200 -3.01 21.28 -8.91
CA ASP E 200 -4.45 21.49 -8.79
C ASP E 200 -5.03 20.54 -7.75
N CYS E 201 -5.66 21.09 -6.71
CA CYS E 201 -6.28 20.32 -5.64
C CYS E 201 -7.79 20.43 -5.75
N PHE E 202 -8.48 19.47 -5.14
CA PHE E 202 -9.93 19.37 -5.24
C PHE E 202 -10.61 19.47 -3.88
N VAL E 203 -11.88 19.86 -3.93
CA VAL E 203 -12.69 20.18 -2.77
C VAL E 203 -13.82 19.18 -2.67
N SER E 204 -14.30 18.97 -1.45
CA SER E 204 -15.41 18.07 -1.16
C SER E 204 -16.71 18.83 -1.09
N ARG E 205 -17.76 18.22 -1.65
CA ARG E 205 -19.12 18.76 -1.71
C ARG E 205 -19.17 20.24 -2.08
N PRO E 206 -18.58 20.64 -3.20
CA PRO E 206 -18.59 22.06 -3.56
C PRO E 206 -19.98 22.62 -3.77
N THR E 207 -20.79 21.94 -4.57
CA THR E 207 -22.12 22.43 -4.92
C THR E 207 -22.98 22.62 -3.67
N GLU E 208 -23.02 21.62 -2.80
CA GLU E 208 -23.81 21.73 -1.59
C GLU E 208 -23.31 22.86 -0.70
N LYS E 209 -22.01 23.09 -0.71
CA LYS E 209 -21.46 24.14 0.14
C LYS E 209 -21.82 25.51 -0.40
N THR E 210 -21.82 25.69 -1.72
CA THR E 210 -22.22 26.98 -2.25
C THR E 210 -23.72 27.18 -2.09
N ILE E 211 -24.50 26.10 -2.10
CA ILE E 211 -25.93 26.22 -1.83
C ILE E 211 -26.17 26.75 -0.43
N PHE E 212 -25.49 26.19 0.57
CA PHE E 212 -25.65 26.74 1.91
C PHE E 212 -25.08 28.15 2.03
N ILE E 213 -23.98 28.43 1.36
CA ILE E 213 -23.43 29.79 1.37
C ILE E 213 -24.47 30.78 0.86
N LEU E 214 -25.04 30.50 -0.32
CA LEU E 214 -26.05 31.38 -0.89
C LEU E 214 -27.26 31.50 0.03
N PHE E 215 -27.68 30.37 0.57
CA PHE E 215 -28.83 30.34 1.47
C PHE E 215 -28.61 31.28 2.64
N MET E 216 -27.50 31.09 3.36
CA MET E 216 -27.21 31.89 4.53
C MET E 216 -26.93 33.34 4.18
N LEU E 217 -26.40 33.60 2.99
CA LEU E 217 -26.22 34.97 2.54
C LEU E 217 -27.56 35.64 2.33
N SER E 218 -28.53 34.93 1.78
CA SER E 218 -29.86 35.48 1.62
C SER E 218 -30.53 35.67 2.96
N VAL E 219 -30.26 34.78 3.91
CA VAL E 219 -30.78 34.94 5.27
C VAL E 219 -30.21 36.19 5.91
N ALA E 220 -28.92 36.44 5.73
CA ALA E 220 -28.32 37.64 6.28
C ALA E 220 -28.88 38.89 5.61
N SER E 221 -29.13 38.83 4.30
CA SER E 221 -29.76 39.94 3.62
C SER E 221 -31.16 40.19 4.16
N VAL E 222 -31.88 39.11 4.47
CA VAL E 222 -33.21 39.25 5.06
C VAL E 222 -33.10 39.89 6.44
N SER E 223 -32.11 39.48 7.22
CA SER E 223 -31.92 40.10 8.53
C SER E 223 -31.62 41.59 8.40
N LEU E 224 -30.85 41.95 7.37
CA LEU E 224 -30.59 43.36 7.12
C LEU E 224 -31.86 44.10 6.73
N PHE E 225 -32.69 43.51 5.88
CA PHE E 225 -33.97 44.11 5.53
C PHE E 225 -34.80 44.34 6.77
N LEU E 226 -34.92 43.31 7.62
CA LEU E 226 -35.71 43.44 8.84
C LEU E 226 -35.17 44.55 9.72
N ASN E 227 -33.85 44.60 9.90
CA ASN E 227 -33.27 45.58 10.81
C ASN E 227 -33.46 47.01 10.29
N ILE E 228 -33.22 47.24 9.00
CA ILE E 228 -33.34 48.61 8.50
C ILE E 228 -34.79 49.03 8.38
N LEU E 229 -35.69 48.10 8.04
CA LEU E 229 -37.10 48.45 8.00
C LEU E 229 -37.62 48.76 9.40
N GLU E 230 -37.20 47.97 10.39
CA GLU E 230 -37.50 48.31 11.78
C GLU E 230 -36.95 49.67 12.15
N MET E 231 -35.73 49.98 11.72
CA MET E 231 -35.12 51.28 11.96
C MET E 231 -36.00 52.41 11.42
N SER E 232 -36.21 52.42 10.10
CA SER E 232 -37.05 53.46 9.48
C SER E 232 -38.43 53.51 10.11
N HIS E 233 -38.97 52.34 10.46
CA HIS E 233 -40.27 52.26 11.13
C HIS E 233 -40.23 52.98 12.47
N LEU E 234 -39.22 52.67 13.28
CA LEU E 234 -39.09 53.21 14.62
C LEU E 234 -37.91 54.18 14.69
N GLY F 2 -19.98 20.78 25.62
CA GLY F 2 -19.34 20.05 26.69
C GLY F 2 -20.19 19.99 27.95
N ASP F 3 -19.64 19.39 29.00
CA ASP F 3 -20.31 19.21 30.28
C ASP F 3 -20.32 20.53 31.08
N TRP F 4 -20.87 21.57 30.46
CA TRP F 4 -20.93 22.92 31.01
C TRP F 4 -22.27 23.30 31.65
N SER F 5 -23.23 22.39 31.72
CA SER F 5 -24.53 22.77 32.28
C SER F 5 -24.42 23.19 33.75
N PHE F 6 -23.79 22.35 34.59
CA PHE F 6 -23.74 22.67 36.02
C PHE F 6 -22.98 23.96 36.30
N LEU F 7 -21.84 24.15 35.65
CA LEU F 7 -21.09 25.38 35.86
C LEU F 7 -21.93 26.58 35.44
N GLY F 8 -22.60 26.46 34.29
CA GLY F 8 -23.45 27.54 33.83
C GLY F 8 -24.54 27.85 34.83
N ASN F 9 -25.13 26.83 35.44
CA ASN F 9 -26.14 27.04 36.47
C ASN F 9 -25.58 27.85 37.63
N ILE F 10 -24.40 27.48 38.11
CA ILE F 10 -23.85 28.15 39.29
C ILE F 10 -23.49 29.59 38.95
N LEU F 11 -22.89 29.81 37.79
CA LEU F 11 -22.52 31.16 37.38
C LEU F 11 -23.75 32.02 37.09
N GLU F 12 -24.80 31.43 36.54
CA GLU F 12 -26.05 32.16 36.37
C GLU F 12 -26.63 32.56 37.71
N GLU F 13 -26.49 31.70 38.72
CA GLU F 13 -26.86 32.09 40.08
C GLU F 13 -25.99 33.26 40.55
N VAL F 14 -24.71 33.26 40.18
CA VAL F 14 -23.82 34.35 40.56
C VAL F 14 -24.25 35.65 39.90
N ASN F 15 -24.83 35.57 38.71
CA ASN F 15 -25.17 36.78 37.94
C ASN F 15 -26.11 37.70 38.69
N GLU F 16 -26.85 37.18 39.67
CA GLU F 16 -27.72 38.01 40.48
C GLU F 16 -26.91 38.96 41.36
N HIS F 17 -25.85 38.45 41.99
CA HIS F 17 -25.03 39.23 42.91
C HIS F 17 -23.89 39.99 42.25
N SER F 18 -23.53 39.66 41.01
CA SER F 18 -22.43 40.36 40.37
C SER F 18 -22.81 41.79 40.02
N THR F 19 -21.80 42.64 39.91
CA THR F 19 -22.02 44.01 39.52
C THR F 19 -22.39 44.05 38.04
N VAL F 20 -22.98 45.17 37.63
CA VAL F 20 -23.48 45.30 36.25
C VAL F 20 -22.36 45.08 35.26
N ILE F 21 -21.20 45.67 35.54
CA ILE F 21 -20.02 45.42 34.72
C ILE F 21 -19.62 43.96 34.86
N GLY F 22 -19.77 43.41 36.07
CA GLY F 22 -19.46 42.00 36.26
C GLY F 22 -20.38 41.11 35.46
N ARG F 23 -21.65 41.52 35.30
CA ARG F 23 -22.57 40.76 34.47
C ARG F 23 -22.10 40.79 33.02
N VAL F 24 -21.64 41.97 32.58
CA VAL F 24 -21.10 42.10 31.23
C VAL F 24 -19.91 41.17 31.04
N TRP F 25 -19.06 41.07 32.05
CA TRP F 25 -17.91 40.18 31.96
C TRP F 25 -18.34 38.72 31.89
N LEU F 26 -19.30 38.33 32.73
CA LEU F 26 -19.79 36.96 32.73
C LEU F 26 -20.39 36.62 31.38
N THR F 27 -21.14 37.54 30.79
CA THR F 27 -21.71 37.30 29.48
C THR F 27 -20.63 37.22 28.42
N VAL F 28 -19.59 38.05 28.51
CA VAL F 28 -18.48 37.93 27.58
C VAL F 28 -17.91 36.53 27.65
N LEU F 29 -17.71 36.03 28.86
CA LEU F 29 -17.22 34.67 29.07
C LEU F 29 -18.10 33.64 28.37
N PHE F 30 -19.37 33.58 28.74
CA PHE F 30 -20.25 32.52 28.20
C PHE F 30 -20.45 32.66 26.70
N ILE F 31 -20.79 33.86 26.24
CA ILE F 31 -21.12 34.08 24.83
C ILE F 31 -19.93 33.79 23.94
N PHE F 32 -18.73 34.22 24.34
CA PHE F 32 -17.57 34.08 23.46
C PHE F 32 -16.68 32.90 23.83
N ARG F 33 -16.09 32.88 25.01
CA ARG F 33 -15.05 31.88 25.27
C ARG F 33 -15.60 30.46 25.27
N ILE F 34 -16.72 30.22 25.96
CA ILE F 34 -17.24 28.87 26.06
C ILE F 34 -17.88 28.46 24.74
N LEU F 35 -18.76 29.31 24.21
CA LEU F 35 -19.50 28.96 23.01
C LEU F 35 -18.57 28.73 21.83
N ILE F 36 -17.59 29.62 21.64
CA ILE F 36 -16.61 29.45 20.57
C ILE F 36 -15.73 28.24 20.82
N LEU F 37 -15.29 28.03 22.07
CA LEU F 37 -14.39 26.92 22.36
C LEU F 37 -15.06 25.59 22.05
N GLY F 38 -16.31 25.44 22.47
CA GLY F 38 -17.04 24.21 22.21
C GLY F 38 -17.57 24.06 20.79
N THR F 39 -18.23 25.10 20.31
CA THR F 39 -18.92 25.06 19.02
C THR F 39 -17.95 25.06 17.85
N ALA F 40 -16.96 25.95 17.86
CA ALA F 40 -16.09 26.18 16.72
C ALA F 40 -14.70 25.59 16.87
N ALA F 41 -13.99 25.93 17.96
CA ALA F 41 -12.62 25.50 18.12
C ALA F 41 -12.48 23.98 18.18
N ASP F 42 -13.43 23.32 18.85
CA ASP F 42 -13.34 21.87 19.02
C ASP F 42 -13.25 21.16 17.68
N PHE F 43 -14.01 21.62 16.69
CA PHE F 43 -14.00 21.00 15.38
C PHE F 43 -12.73 21.33 14.63
N VAL F 44 -12.15 22.50 14.92
CA VAL F 44 -10.91 22.90 14.29
C VAL F 44 -9.77 22.01 14.75
N TRP F 45 -9.56 21.95 16.05
CA TRP F 45 -8.48 21.15 16.60
C TRP F 45 -8.78 19.66 16.65
N GLY F 46 -9.98 19.23 16.26
CA GLY F 46 -10.29 17.81 16.32
C GLY F 46 -9.47 16.95 15.39
N ASP F 47 -8.85 17.55 14.38
CA ASP F 47 -7.97 16.87 13.44
C ASP F 47 -6.56 17.46 13.53
N GLU F 48 -6.13 17.73 14.75
CA GLU F 48 -4.84 18.37 14.97
C GLU F 48 -3.70 17.41 14.78
N GLN F 49 -3.88 16.15 15.17
CA GLN F 49 -2.86 15.12 15.04
C GLN F 49 -3.09 14.18 13.88
N SER F 50 -4.36 13.96 13.51
CA SER F 50 -4.66 13.09 12.39
C SER F 50 -4.05 13.62 11.10
N ASP F 51 -4.10 14.93 10.90
CA ASP F 51 -3.63 15.57 9.69
C ASP F 51 -2.27 16.23 9.86
N PHE F 52 -1.57 15.94 10.94
CA PHE F 52 -0.22 16.45 11.15
C PHE F 52 0.70 15.47 10.46
N VAL F 53 0.91 15.68 9.17
CA VAL F 53 1.73 14.80 8.35
C VAL F 53 3.12 15.38 8.29
N CYS F 54 4.10 14.59 8.70
CA CYS F 54 5.50 14.94 8.58
C CYS F 54 6.08 14.26 7.35
N ASN F 55 7.32 14.61 7.03
CA ASN F 55 7.91 14.24 5.76
C ASN F 55 8.57 12.87 5.82
N THR F 56 9.28 12.57 6.91
CA THR F 56 9.98 11.31 7.03
C THR F 56 9.02 10.13 7.12
N GLN F 57 9.50 8.98 6.68
CA GLN F 57 8.78 7.72 6.80
C GLN F 57 9.23 6.94 8.02
N GLN F 58 9.90 7.60 8.96
CA GLN F 58 10.13 6.99 10.26
C GLN F 58 8.79 6.76 10.94
N PRO F 59 8.70 5.73 11.80
CA PRO F 59 7.40 5.40 12.37
C PRO F 59 6.96 6.37 13.46
N GLY F 60 7.87 6.76 14.35
CA GLY F 60 7.53 7.50 15.53
C GLY F 60 7.76 9.00 15.49
N CYS F 61 8.36 9.49 14.41
CA CYS F 61 8.71 10.91 14.35
C CYS F 61 7.49 11.80 14.42
N GLU F 62 6.36 11.34 13.87
CA GLU F 62 5.20 12.20 13.70
C GLU F 62 4.64 12.66 15.03
N ASN F 63 4.29 11.71 15.91
CA ASN F 63 3.62 12.08 17.15
C ASN F 63 4.58 12.74 18.13
N VAL F 64 5.85 12.32 18.13
CA VAL F 64 6.85 12.98 18.94
C VAL F 64 7.01 14.43 18.53
N CYS F 65 7.17 14.68 17.24
CA CYS F 65 7.37 16.03 16.77
C CYS F 65 6.14 16.88 16.99
N TYR F 66 4.96 16.28 16.90
CA TYR F 66 3.73 16.97 17.28
C TYR F 66 3.79 17.41 18.73
N ASP F 67 4.14 16.48 19.60
CA ASP F 67 4.21 16.76 21.03
C ASP F 67 5.18 17.89 21.33
N GLU F 68 6.34 17.87 20.70
CA GLU F 68 7.28 18.98 20.86
C GLU F 68 6.67 20.29 20.37
N ALA F 69 6.06 20.25 19.18
CA ALA F 69 5.48 21.46 18.61
C ALA F 69 4.36 22.02 19.46
N PHE F 70 3.44 21.14 19.88
CA PHE F 70 2.30 21.51 20.72
C PHE F 70 2.41 20.72 22.01
N PRO F 71 3.07 21.26 23.03
CA PRO F 71 3.18 20.50 24.29
C PRO F 71 1.82 20.25 24.88
N ILE F 72 0.99 21.30 24.94
CA ILE F 72 -0.41 21.18 25.29
C ILE F 72 -1.20 21.92 24.23
N SER F 73 -2.35 21.38 23.87
CA SER F 73 -3.15 21.98 22.82
C SER F 73 -3.76 23.29 23.30
N HIS F 74 -3.97 24.20 22.36
CA HIS F 74 -4.51 25.51 22.70
C HIS F 74 -5.88 25.41 23.34
N ILE F 75 -6.72 24.49 22.86
CA ILE F 75 -8.03 24.28 23.47
C ILE F 75 -7.88 23.90 24.93
N ARG F 76 -6.97 22.97 25.24
CA ARG F 76 -6.82 22.56 26.62
C ARG F 76 -6.45 23.74 27.50
N LEU F 77 -5.41 24.48 27.11
CA LEU F 77 -5.02 25.69 27.80
C LEU F 77 -6.18 26.66 28.01
N TRP F 78 -7.03 26.84 27.00
CA TRP F 78 -8.24 27.68 27.17
C TRP F 78 -9.30 27.06 28.08
N VAL F 79 -9.42 25.75 28.12
CA VAL F 79 -10.37 25.15 29.06
C VAL F 79 -9.89 25.41 30.48
N LEU F 80 -8.61 25.14 30.73
CA LEU F 80 -8.01 25.44 32.03
C LEU F 80 -8.09 26.92 32.35
N GLN F 81 -7.90 27.78 31.36
CA GLN F 81 -7.91 29.22 31.62
C GLN F 81 -9.32 29.69 31.96
N ILE F 82 -10.31 29.23 31.20
CA ILE F 82 -11.70 29.59 31.46
C ILE F 82 -12.10 29.15 32.85
N ILE F 83 -11.73 27.93 33.22
CA ILE F 83 -12.04 27.41 34.55
C ILE F 83 -11.34 28.20 35.64
N PHE F 84 -10.04 28.44 35.49
CA PHE F 84 -9.28 29.12 36.52
C PHE F 84 -9.75 30.55 36.72
N VAL F 85 -9.94 31.29 35.63
CA VAL F 85 -10.43 32.66 35.70
C VAL F 85 -11.87 32.72 36.22
N SER F 86 -12.73 31.78 35.82
CA SER F 86 -14.09 31.70 36.37
C SER F 86 -14.15 31.34 37.84
N THR F 87 -13.20 30.55 38.35
CA THR F 87 -13.34 30.02 39.71
C THR F 87 -13.46 31.07 40.81
N PRO F 88 -12.71 32.19 40.79
CA PRO F 88 -12.86 33.18 41.87
C PRO F 88 -14.29 33.67 42.05
N SER F 89 -15.02 33.87 40.95
CA SER F 89 -16.43 34.24 41.03
C SER F 89 -17.22 33.19 41.80
N LEU F 90 -16.98 31.91 41.50
CA LEU F 90 -17.67 30.84 42.20
C LEU F 90 -17.33 30.88 43.69
N VAL F 91 -16.06 31.12 44.02
CA VAL F 91 -15.67 31.21 45.41
C VAL F 91 -16.42 32.34 46.10
N TYR F 92 -16.56 33.47 45.41
CA TYR F 92 -17.25 34.61 45.98
C TYR F 92 -18.72 34.30 46.23
N VAL F 93 -19.40 33.67 45.27
CA VAL F 93 -20.82 33.35 45.51
C VAL F 93 -20.92 32.39 46.69
N GLY F 94 -19.96 31.46 46.79
CA GLY F 94 -19.97 30.53 47.90
C GLY F 94 -19.93 31.25 49.22
N HIS F 95 -19.09 32.29 49.30
CA HIS F 95 -19.10 33.15 50.49
C HIS F 95 -20.44 33.85 50.65
N ALA F 96 -20.98 34.39 49.57
CA ALA F 96 -22.27 35.09 49.65
C ALA F 96 -23.39 34.15 50.07
N VAL F 97 -23.49 32.98 49.45
CA VAL F 97 -24.49 31.99 49.80
C VAL F 97 -24.25 31.56 51.24
N LEU F 154 -16.97 41.76 52.97
CA LEU F 154 -17.51 41.22 51.72
C LEU F 154 -16.86 41.91 50.53
N LEU F 155 -16.75 43.23 50.63
CA LEU F 155 -16.13 44.02 49.57
C LEU F 155 -14.69 43.59 49.35
N ARG F 156 -13.97 43.34 50.45
CA ARG F 156 -12.59 42.89 50.34
C ARG F 156 -12.51 41.57 49.57
N THR F 157 -13.46 40.67 49.84
CA THR F 157 -13.52 39.41 49.11
C THR F 157 -13.69 39.67 47.61
N TYR F 158 -14.55 40.62 47.26
CA TYR F 158 -14.78 40.94 45.85
C TYR F 158 -13.50 41.44 45.21
N VAL F 159 -12.79 42.33 45.90
CA VAL F 159 -11.54 42.88 45.37
C VAL F 159 -10.52 41.77 45.19
N CYS F 160 -10.40 40.88 46.19
CA CYS F 160 -9.45 39.79 46.08
C CYS F 160 -9.78 38.87 44.91
N HIS F 161 -11.05 38.54 44.74
CA HIS F 161 -11.45 37.63 43.67
C HIS F 161 -11.18 38.26 42.30
N ILE F 162 -11.53 39.53 42.10
CA ILE F 162 -11.29 40.15 40.80
C ILE F 162 -9.79 40.27 40.53
N ILE F 163 -9.01 40.59 41.55
CA ILE F 163 -7.55 40.63 41.38
C ILE F 163 -7.04 39.26 40.96
N PHE F 164 -7.51 38.20 41.60
CA PHE F 164 -7.12 36.84 41.20
C PHE F 164 -7.47 36.58 39.75
N LYS F 165 -8.69 36.92 39.33
CA LYS F 165 -9.07 36.75 37.93
C LYS F 165 -8.10 37.47 37.01
N THR F 166 -7.83 38.74 37.31
CA THR F 166 -6.92 39.53 36.50
C THR F 166 -5.55 38.88 36.42
N LEU F 167 -4.98 38.50 37.56
CA LEU F 167 -3.62 37.97 37.58
C LEU F 167 -3.54 36.63 36.86
N PHE F 168 -4.54 35.76 37.06
CA PHE F 168 -4.49 34.46 36.40
C PHE F 168 -4.64 34.62 34.90
N GLU F 169 -5.55 35.49 34.45
CA GLU F 169 -5.74 35.66 33.02
C GLU F 169 -4.50 36.28 32.38
N VAL F 170 -3.84 37.20 33.09
CA VAL F 170 -2.57 37.73 32.63
C VAL F 170 -1.54 36.62 32.51
N GLY F 171 -1.48 35.76 33.54
CA GLY F 171 -0.56 34.64 33.51
C GLY F 171 -0.81 33.73 32.33
N PHE F 172 -2.08 33.54 31.97
CA PHE F 172 -2.40 32.65 30.87
C PHE F 172 -2.04 33.26 29.53
N ILE F 173 -2.33 34.55 29.33
CA ILE F 173 -1.98 35.14 28.04
C ILE F 173 -0.47 35.18 27.86
N VAL F 174 0.28 35.44 28.94
CA VAL F 174 1.73 35.51 28.78
C VAL F 174 2.32 34.11 28.64
N GLY F 175 1.79 33.12 29.35
CA GLY F 175 2.26 31.76 29.17
C GLY F 175 1.97 31.25 27.76
N HIS F 176 0.76 31.51 27.28
CA HIS F 176 0.42 31.12 25.92
C HIS F 176 1.34 31.77 24.91
N TYR F 177 1.61 33.07 25.07
CA TYR F 177 2.56 33.74 24.19
C TYR F 177 3.93 33.09 24.27
N PHE F 178 4.34 32.68 25.48
CA PHE F 178 5.65 32.08 25.65
C PHE F 178 5.73 30.78 24.84
N LEU F 179 4.70 29.94 24.95
CA LEU F 179 4.70 28.69 24.20
C LEU F 179 4.61 28.93 22.71
N TYR F 180 3.62 29.72 22.27
CA TYR F 180 3.45 30.10 20.88
C TYR F 180 3.06 31.57 20.83
N GLY F 181 3.81 32.35 20.06
CA GLY F 181 3.57 33.77 20.01
C GLY F 181 2.44 34.17 19.09
N PHE F 182 1.23 33.72 19.43
CA PHE F 182 -0.02 34.03 18.72
C PHE F 182 0.10 33.97 17.19
N ARG F 183 0.88 33.01 16.69
CA ARG F 183 1.05 32.87 15.26
C ARG F 183 1.52 31.48 14.87
N ILE F 184 0.60 30.52 14.74
CA ILE F 184 0.99 29.20 14.27
C ILE F 184 1.49 29.32 12.84
N LEU F 185 2.59 28.76 12.60
CA LEU F 185 3.16 28.65 11.27
C LEU F 185 2.87 27.28 10.70
N PRO F 186 2.72 27.13 9.39
CA PRO F 186 2.42 25.79 8.85
C PRO F 186 3.54 24.80 9.02
N LEU F 187 4.77 25.27 9.17
CA LEU F 187 5.94 24.42 9.21
C LEU F 187 6.55 24.39 10.60
N TYR F 188 7.05 23.22 10.99
CA TYR F 188 7.79 23.06 12.24
C TYR F 188 8.89 22.05 12.00
N ARG F 189 10.13 22.52 11.91
CA ARG F 189 11.27 21.62 11.86
C ARG F 189 11.65 21.21 13.27
N CYS F 190 11.73 19.89 13.48
CA CYS F 190 12.01 19.32 14.79
C CYS F 190 13.12 18.30 14.67
N SER F 191 13.73 18.01 15.81
CA SER F 191 14.95 17.21 15.86
C SER F 191 14.92 16.26 17.04
N ARG F 192 13.74 15.71 17.35
CA ARG F 192 13.67 14.73 18.40
C ARG F 192 14.45 13.48 17.98
N TRP F 193 14.63 12.58 18.93
CA TRP F 193 15.51 11.42 18.67
C TRP F 193 15.06 10.56 17.51
N PRO F 194 13.83 10.06 17.46
CA PRO F 194 13.48 9.22 16.31
C PRO F 194 13.46 9.99 15.02
N CYS F 195 13.15 11.28 15.06
CA CYS F 195 13.19 12.10 13.86
C CYS F 195 14.64 12.32 13.44
N PRO F 196 15.08 11.82 12.27
CA PRO F 196 16.48 11.98 11.89
C PRO F 196 16.82 13.23 11.08
N ASN F 197 17.88 13.95 11.44
CA ASN F 197 18.31 15.11 10.64
C ASN F 197 17.27 16.21 10.45
N VAL F 198 16.72 16.69 11.56
CA VAL F 198 15.78 17.82 11.61
C VAL F 198 14.75 17.87 10.48
N VAL F 199 13.89 16.86 10.42
CA VAL F 199 12.84 16.81 9.41
C VAL F 199 11.83 17.94 9.62
N ASP F 200 11.30 18.46 8.51
CA ASP F 200 10.27 19.49 8.55
C ASP F 200 8.88 18.85 8.53
N CYS F 201 8.08 19.11 9.56
CA CYS F 201 6.73 18.57 9.66
C CYS F 201 5.73 19.71 9.47
N PHE F 202 4.50 19.34 9.13
CA PHE F 202 3.46 20.29 8.78
C PHE F 202 2.25 20.18 9.71
N VAL F 203 1.51 21.28 9.78
CA VAL F 203 0.41 21.47 10.70
C VAL F 203 -0.88 21.61 9.91
N SER F 204 -1.99 21.24 10.55
CA SER F 204 -3.31 21.32 9.95
C SER F 204 -4.00 22.61 10.37
N ARG F 205 -4.70 23.23 9.41
CA ARG F 205 -5.44 24.47 9.57
C ARG F 205 -4.68 25.53 10.36
N PRO F 206 -3.47 25.89 9.94
CA PRO F 206 -2.70 26.89 10.71
C PRO F 206 -3.37 28.24 10.77
N THR F 207 -3.79 28.76 9.61
CA THR F 207 -4.38 30.10 9.55
C THR F 207 -5.62 30.21 10.43
N GLU F 208 -6.53 29.25 10.32
CA GLU F 208 -7.73 29.29 11.13
C GLU F 208 -7.41 29.20 12.61
N LYS F 209 -6.36 28.46 12.95
CA LYS F 209 -6.00 28.31 14.35
C LYS F 209 -5.42 29.59 14.90
N THR F 210 -4.62 30.30 14.11
CA THR F 210 -4.10 31.56 14.61
C THR F 210 -5.20 32.61 14.67
N ILE F 211 -6.19 32.51 13.79
CA ILE F 211 -7.33 33.41 13.87
C ILE F 211 -8.07 33.23 15.19
N PHE F 212 -8.36 32.00 15.57
CA PHE F 212 -8.99 31.80 16.87
C PHE F 212 -8.07 32.17 18.03
N ILE F 213 -6.78 31.91 17.91
CA ILE F 213 -5.84 32.33 18.94
C ILE F 213 -5.92 33.83 19.16
N LEU F 214 -5.79 34.60 18.08
CA LEU F 214 -5.87 36.05 18.17
C LEU F 214 -7.20 36.50 18.72
N PHE F 215 -8.27 35.89 18.24
CA PHE F 215 -9.62 36.22 18.69
C PHE F 215 -9.72 36.07 20.20
N MET F 216 -9.39 34.89 20.71
CA MET F 216 -9.51 34.60 22.13
C MET F 216 -8.52 35.42 22.94
N LEU F 217 -7.38 35.77 22.37
CA LEU F 217 -6.44 36.65 23.06
C LEU F 217 -7.03 38.04 23.22
N SER F 218 -7.72 38.52 22.19
CA SER F 218 -8.38 39.82 22.30
C SER F 218 -9.53 39.75 23.29
N VAL F 219 -10.22 38.61 23.34
CA VAL F 219 -11.28 38.43 24.31
C VAL F 219 -10.73 38.47 25.73
N ALA F 220 -9.58 37.83 25.94
CA ALA F 220 -8.96 37.87 27.27
C ALA F 220 -8.50 39.28 27.61
N SER F 221 -7.98 40.01 26.63
CA SER F 221 -7.61 41.41 26.87
C SER F 221 -8.84 42.24 27.23
N VAL F 222 -9.96 41.95 26.58
CA VAL F 222 -11.21 42.64 26.91
C VAL F 222 -11.64 42.30 28.33
N SER F 223 -11.50 41.04 28.73
CA SER F 223 -11.85 40.66 30.09
C SER F 223 -10.95 41.38 31.09
N LEU F 224 -9.68 41.56 30.74
CA LEU F 224 -8.78 42.31 31.61
C LEU F 224 -9.19 43.78 31.69
N PHE F 225 -9.56 44.38 30.56
CA PHE F 225 -10.06 45.75 30.58
C PHE F 225 -11.27 45.87 31.49
N LEU F 226 -12.24 44.96 31.34
CA LEU F 226 -13.43 45.00 32.17
C LEU F 226 -13.08 44.86 33.64
N ASN F 227 -12.19 43.93 33.98
CA ASN F 227 -11.88 43.69 35.37
C ASN F 227 -11.16 44.87 36.00
N ILE F 228 -10.18 45.45 35.30
CA ILE F 228 -9.43 46.55 35.91
C ILE F 228 -10.26 47.83 35.94
N LEU F 229 -11.10 48.05 34.92
CA LEU F 229 -11.97 49.23 34.95
C LEU F 229 -12.99 49.10 36.07
N GLU F 230 -13.55 47.90 36.26
CA GLU F 230 -14.40 47.65 37.41
C GLU F 230 -13.65 47.90 38.71
N MET F 231 -12.41 47.46 38.79
CA MET F 231 -11.58 47.69 39.97
C MET F 231 -11.45 49.19 40.28
N SER F 232 -10.88 49.94 39.34
CA SER F 232 -10.72 51.39 39.54
C SER F 232 -12.06 52.05 39.83
N HIS F 233 -13.12 51.59 39.17
CA HIS F 233 -14.47 52.10 39.40
C HIS F 233 -14.89 51.87 40.84
N LEU F 234 -14.74 50.63 41.32
CA LEU F 234 -15.15 50.24 42.65
C LEU F 234 -13.94 49.97 43.54
N GLY G 2 26.67 -7.43 -26.86
CA GLY G 2 25.61 -7.51 -27.86
C GLY G 2 25.99 -8.41 -29.03
N ASP G 3 25.10 -8.47 -30.02
CA ASP G 3 25.28 -9.31 -31.21
C ASP G 3 26.27 -8.65 -32.19
N TRP G 4 27.48 -8.38 -31.69
CA TRP G 4 28.53 -7.72 -32.43
C TRP G 4 29.60 -8.65 -33.00
N SER G 5 29.46 -9.96 -32.87
CA SER G 5 30.50 -10.86 -33.39
C SER G 5 30.65 -10.74 -34.91
N PHE G 6 29.55 -10.85 -35.66
CA PHE G 6 29.66 -10.84 -37.12
C PHE G 6 30.22 -9.52 -37.65
N LEU G 7 29.73 -8.40 -37.11
CA LEU G 7 30.24 -7.11 -37.55
C LEU G 7 31.72 -7.01 -37.26
N GLY G 8 32.12 -7.44 -36.06
CA GLY G 8 33.52 -7.42 -35.70
C GLY G 8 34.36 -8.25 -36.66
N ASN G 9 33.85 -9.42 -37.06
CA ASN G 9 34.56 -10.24 -38.04
C ASN G 9 34.78 -9.48 -39.34
N ILE G 10 33.73 -8.85 -39.85
CA ILE G 10 33.85 -8.18 -41.15
C ILE G 10 34.80 -6.99 -41.05
N LEU G 11 34.69 -6.22 -39.98
CA LEU G 11 35.58 -5.07 -39.81
C LEU G 11 37.02 -5.49 -39.55
N GLU G 12 37.23 -6.60 -38.84
CA GLU G 12 38.58 -7.14 -38.68
C GLU G 12 39.15 -7.56 -40.03
N GLU G 13 38.30 -8.09 -40.91
CA GLU G 13 38.73 -8.36 -42.28
C GLU G 13 39.10 -7.06 -42.99
N VAL G 14 38.36 -5.98 -42.70
CA VAL G 14 38.67 -4.70 -43.32
C VAL G 14 40.01 -4.17 -42.83
N ASN G 15 40.38 -4.51 -41.59
CA ASN G 15 41.59 -3.95 -40.99
C ASN G 15 42.84 -4.26 -41.80
N GLU G 16 42.80 -5.31 -42.63
CA GLU G 16 43.93 -5.63 -43.49
C GLU G 16 44.13 -4.55 -44.55
N HIS G 17 43.04 -4.10 -45.17
CA HIS G 17 43.09 -3.14 -46.26
C HIS G 17 43.06 -1.68 -45.80
N SER G 18 42.67 -1.40 -44.57
CA SER G 18 42.61 -0.02 -44.11
C SER G 18 44.01 0.56 -43.96
N THR G 19 44.08 1.89 -44.04
CA THR G 19 45.34 2.57 -43.85
C THR G 19 45.69 2.52 -42.36
N VAL G 20 46.97 2.77 -42.07
CA VAL G 20 47.49 2.65 -40.71
C VAL G 20 46.70 3.57 -39.77
N ILE G 21 46.46 4.80 -40.22
CA ILE G 21 45.60 5.70 -39.46
C ILE G 21 44.19 5.14 -39.42
N GLY G 22 43.75 4.52 -40.52
CA GLY G 22 42.43 3.91 -40.52
C GLY G 22 42.35 2.76 -39.54
N ARG G 23 43.45 2.03 -39.35
CA ARG G 23 43.45 0.97 -38.34
C ARG G 23 43.31 1.58 -36.96
N VAL G 24 44.00 2.69 -36.73
CA VAL G 24 43.88 3.41 -35.46
C VAL G 24 42.43 3.83 -35.21
N TRP G 25 41.76 4.30 -36.27
CA TRP G 25 40.36 4.70 -36.13
C TRP G 25 39.47 3.51 -35.81
N LEU G 26 39.69 2.40 -36.51
CA LEU G 26 38.89 1.20 -36.27
C LEU G 26 39.07 0.72 -34.84
N THR G 27 40.30 0.76 -34.35
CA THR G 27 40.56 0.36 -32.98
C THR G 27 39.92 1.33 -32.00
N VAL G 28 39.94 2.62 -32.29
CA VAL G 28 39.24 3.58 -31.44
C VAL G 28 37.79 3.19 -31.33
N LEU G 29 37.17 2.87 -32.47
CA LEU G 29 35.79 2.43 -32.52
C LEU G 29 35.55 1.24 -31.60
N PHE G 30 36.24 0.12 -31.86
CA PHE G 30 35.97 -1.11 -31.12
C PHE G 30 36.31 -0.97 -29.64
N ILE G 31 37.50 -0.46 -29.34
CA ILE G 31 37.98 -0.40 -27.97
C ILE G 31 37.10 0.51 -27.13
N PHE G 32 36.69 1.67 -27.67
CA PHE G 32 35.94 2.64 -26.88
C PHE G 32 34.45 2.59 -27.12
N ARG G 33 33.98 2.87 -28.33
CA ARG G 33 32.55 3.07 -28.52
C ARG G 33 31.76 1.80 -28.27
N ILE G 34 32.18 0.68 -28.83
CA ILE G 34 31.42 -0.55 -28.68
C ILE G 34 31.57 -1.10 -27.28
N LEU G 35 32.81 -1.23 -26.82
CA LEU G 35 33.08 -1.84 -25.53
C LEU G 35 32.41 -1.07 -24.40
N ILE G 36 32.54 0.26 -24.42
CA ILE G 36 31.90 1.09 -23.40
C ILE G 36 30.39 1.05 -23.54
N LEU G 37 29.87 1.10 -24.77
CA LEU G 37 28.42 1.12 -24.96
C LEU G 37 27.79 -0.16 -24.41
N GLY G 38 28.38 -1.31 -24.71
CA GLY G 38 27.88 -2.57 -24.21
C GLY G 38 28.17 -2.87 -22.76
N THR G 39 29.44 -2.70 -22.39
CA THR G 39 29.90 -3.09 -21.07
C THR G 39 29.42 -2.14 -19.97
N ALA G 40 29.52 -0.84 -20.20
CA ALA G 40 29.26 0.16 -19.17
C ALA G 40 27.95 0.89 -19.33
N ALA G 41 27.72 1.49 -20.50
CA ALA G 41 26.54 2.32 -20.70
C ALA G 41 25.25 1.52 -20.55
N ASP G 42 25.24 0.27 -21.03
CA ASP G 42 24.02 -0.53 -21.00
C ASP G 42 23.50 -0.68 -19.58
N PHE G 43 24.40 -0.86 -18.62
CA PHE G 43 23.98 -1.04 -17.23
C PHE G 43 23.55 0.28 -16.64
N VAL G 44 24.10 1.38 -17.14
CA VAL G 44 23.72 2.70 -16.66
C VAL G 44 22.29 3.00 -17.07
N TRP G 45 22.02 2.96 -18.37
CA TRP G 45 20.70 3.26 -18.88
C TRP G 45 19.69 2.13 -18.69
N GLY G 46 20.10 0.98 -18.14
CA GLY G 46 19.16 -0.11 -17.97
C GLY G 46 18.05 0.18 -16.98
N ASP G 47 18.22 1.18 -16.12
CA ASP G 47 17.22 1.61 -15.15
C ASP G 47 16.85 3.06 -15.44
N GLU G 48 16.69 3.38 -16.72
CA GLU G 48 16.43 4.76 -17.12
C GLU G 48 14.97 5.13 -16.87
N GLN G 49 14.06 4.19 -17.05
CA GLN G 49 12.63 4.41 -16.86
C GLN G 49 12.12 3.84 -15.56
N SER G 50 12.73 2.77 -15.07
CA SER G 50 12.30 2.18 -13.80
C SER G 50 12.45 3.16 -12.66
N ASP G 51 13.54 3.92 -12.66
CA ASP G 51 13.86 4.85 -11.59
C ASP G 51 13.55 6.30 -11.95
N PHE G 52 12.80 6.52 -13.03
CA PHE G 52 12.39 7.86 -13.41
C PHE G 52 11.10 8.12 -12.66
N VAL G 53 11.24 8.59 -11.42
CA VAL G 53 10.10 8.85 -10.55
C VAL G 53 9.74 10.32 -10.68
N CYS G 54 8.49 10.56 -11.04
CA CYS G 54 7.94 11.90 -11.07
C CYS G 54 7.13 12.13 -9.80
N ASN G 55 6.70 13.38 -9.63
CA ASN G 55 6.14 13.82 -8.36
C ASN G 55 4.64 13.53 -8.28
N THR G 56 3.90 13.75 -9.35
CA THR G 56 2.46 13.55 -9.33
C THR G 56 2.10 12.08 -9.18
N GLN G 57 0.92 11.85 -8.61
CA GLN G 57 0.35 10.52 -8.49
C GLN G 57 -0.63 10.24 -9.62
N GLN G 58 -0.58 11.03 -10.69
CA GLN G 58 -1.30 10.66 -11.90
C GLN G 58 -0.73 9.35 -12.44
N PRO G 59 -1.55 8.55 -13.12
CA PRO G 59 -1.07 7.24 -13.56
C PRO G 59 -0.12 7.29 -14.73
N GLY G 60 -0.43 8.12 -15.73
CA GLY G 60 0.29 8.11 -16.98
C GLY G 60 1.34 9.18 -17.17
N CYS G 61 1.45 10.11 -16.23
CA CYS G 61 2.37 11.23 -16.40
C CYS G 61 3.82 10.77 -16.51
N GLU G 62 4.17 9.68 -15.83
CA GLU G 62 5.56 9.29 -15.70
C GLU G 62 6.16 8.93 -17.05
N ASN G 63 5.55 7.96 -17.74
CA ASN G 63 6.17 7.47 -18.97
C ASN G 63 6.03 8.47 -20.10
N VAL G 64 4.94 9.22 -20.12
CA VAL G 64 4.80 10.29 -21.10
C VAL G 64 5.89 11.34 -20.92
N CYS G 65 6.08 11.79 -19.69
CA CYS G 65 7.07 12.83 -19.45
C CYS G 65 8.47 12.30 -19.70
N TYR G 66 8.71 11.02 -19.44
CA TYR G 66 9.97 10.41 -19.82
C TYR G 66 10.17 10.50 -21.32
N ASP G 67 9.16 10.09 -22.07
CA ASP G 67 9.24 10.11 -23.53
C ASP G 67 9.53 11.50 -24.06
N GLU G 68 8.86 12.51 -23.52
CA GLU G 68 9.16 13.88 -23.92
C GLU G 68 10.61 14.24 -23.57
N ALA G 69 11.03 13.91 -22.35
CA ALA G 69 12.39 14.25 -21.92
C ALA G 69 13.44 13.55 -22.76
N PHE G 70 13.27 12.25 -22.99
CA PHE G 70 14.19 11.44 -23.78
C PHE G 70 13.40 10.87 -24.93
N PRO G 71 13.35 11.56 -26.08
CA PRO G 71 12.61 11.01 -27.21
C PRO G 71 13.18 9.69 -27.66
N ILE G 72 14.50 9.64 -27.81
CA ILE G 72 15.22 8.41 -28.04
C ILE G 72 16.37 8.38 -27.05
N SER G 73 16.66 7.20 -26.51
CA SER G 73 17.69 7.06 -25.52
C SER G 73 19.06 7.27 -26.14
N HIS G 74 19.99 7.79 -25.33
CA HIS G 74 21.33 8.08 -25.82
C HIS G 74 22.02 6.83 -26.34
N ILE G 75 21.83 5.70 -25.67
CA ILE G 75 22.40 4.45 -26.14
C ILE G 75 21.90 4.12 -27.54
N ARG G 76 20.60 4.25 -27.77
CA ARG G 76 20.07 3.93 -29.08
C ARG G 76 20.74 4.79 -30.15
N LEU G 77 20.72 6.11 -29.94
CA LEU G 77 21.40 7.03 -30.85
C LEU G 77 22.85 6.65 -31.10
N TRP G 78 23.59 6.23 -30.07
CA TRP G 78 24.96 5.74 -30.27
C TRP G 78 25.05 4.40 -31.00
N VAL G 79 24.07 3.51 -30.84
CA VAL G 79 24.09 2.28 -31.61
C VAL G 79 23.90 2.60 -33.09
N LEU G 80 22.90 3.42 -33.39
CA LEU G 80 22.68 3.89 -34.75
C LEU G 80 23.88 4.66 -35.29
N GLN G 81 24.53 5.46 -34.44
CA GLN G 81 25.66 6.25 -34.91
C GLN G 81 26.85 5.35 -35.22
N ILE G 82 27.15 4.41 -34.33
CA ILE G 82 28.26 3.48 -34.53
C ILE G 82 28.04 2.70 -35.81
N ILE G 83 26.82 2.21 -36.02
CA ILE G 83 26.51 1.46 -37.23
C ILE G 83 26.61 2.34 -38.48
N PHE G 84 26.04 3.53 -38.45
CA PHE G 84 26.05 4.37 -39.63
C PHE G 84 27.46 4.82 -40.00
N VAL G 85 28.23 5.27 -39.03
CA VAL G 85 29.61 5.66 -39.26
C VAL G 85 30.49 4.48 -39.67
N SER G 86 30.29 3.31 -39.08
CA SER G 86 31.01 2.11 -39.51
C SER G 86 30.64 1.62 -40.91
N THR G 87 29.41 1.83 -41.36
CA THR G 87 28.97 1.21 -42.61
C THR G 87 29.80 1.58 -43.84
N PRO G 88 30.23 2.83 -44.04
CA PRO G 88 31.04 3.13 -45.24
C PRO G 88 32.27 2.26 -45.38
N SER G 89 32.95 1.96 -44.28
CA SER G 89 34.08 1.04 -44.31
C SER G 89 33.67 -0.32 -44.85
N LEU G 90 32.54 -0.83 -44.38
CA LEU G 90 32.06 -2.11 -44.87
C LEU G 90 31.76 -2.04 -46.36
N VAL G 91 31.17 -0.94 -46.81
CA VAL G 91 30.89 -0.77 -48.24
C VAL G 91 32.20 -0.81 -49.04
N TYR G 92 33.24 -0.16 -48.49
CA TYR G 92 34.51 -0.12 -49.19
C TYR G 92 35.13 -1.51 -49.28
N VAL G 93 35.12 -2.28 -48.19
CA VAL G 93 35.70 -3.63 -48.28
C VAL G 93 34.90 -4.45 -49.28
N GLY G 94 33.59 -4.24 -49.32
CA GLY G 94 32.76 -4.96 -50.28
C GLY G 94 33.22 -4.70 -51.69
N HIS G 95 33.54 -3.44 -51.99
CA HIS G 95 34.12 -3.12 -53.28
C HIS G 95 35.49 -3.78 -53.44
N ALA G 96 36.33 -3.75 -52.41
CA ALA G 96 37.65 -4.37 -52.50
C ALA G 96 37.55 -5.88 -52.71
N VAL G 97 36.72 -6.54 -51.90
CA VAL G 97 36.51 -7.98 -52.03
C VAL G 97 35.91 -8.26 -53.41
N LEU G 154 39.50 3.28 -57.15
CA LEU G 154 39.49 2.72 -55.81
C LEU G 154 39.74 3.82 -54.78
N LEU G 155 40.72 4.67 -55.08
CA LEU G 155 41.05 5.77 -54.20
C LEU G 155 39.85 6.70 -54.02
N ARG G 156 39.15 6.97 -55.11
CA ARG G 156 37.96 7.81 -55.05
C ARG G 156 36.92 7.21 -54.11
N THR G 157 36.76 5.89 -54.16
CA THR G 157 35.85 5.21 -53.25
C THR G 157 36.26 5.45 -51.80
N TYR G 158 37.57 5.38 -51.52
CA TYR G 158 38.07 5.59 -50.18
C TYR G 158 37.74 7.00 -49.70
N VAL G 159 37.97 7.99 -50.56
CA VAL G 159 37.69 9.38 -50.22
C VAL G 159 36.20 9.56 -49.95
N CYS G 160 35.36 8.99 -50.81
CA CYS G 160 33.92 9.12 -50.63
C CYS G 160 33.48 8.50 -49.31
N HIS G 161 34.00 7.30 -49.00
CA HIS G 161 33.59 6.62 -47.78
C HIS G 161 34.03 7.40 -46.54
N ILE G 162 35.27 7.90 -46.50
CA ILE G 162 35.71 8.65 -45.33
C ILE G 162 34.92 9.94 -45.19
N ILE G 163 34.63 10.61 -46.31
CA ILE G 163 33.80 11.82 -46.24
C ILE G 163 32.43 11.48 -45.67
N PHE G 164 31.83 10.38 -46.12
CA PHE G 164 30.55 9.95 -45.55
C PHE G 164 30.64 9.74 -44.05
N LYS G 165 31.68 9.03 -43.60
CA LYS G 165 31.88 8.82 -42.16
C LYS G 165 31.93 10.16 -41.43
N THR G 166 32.76 11.07 -41.94
CA THR G 166 32.91 12.39 -41.32
C THR G 166 31.56 13.11 -41.24
N LEU G 167 30.84 13.17 -42.35
CA LEU G 167 29.59 13.93 -42.40
C LEU G 167 28.54 13.31 -41.49
N PHE G 168 28.43 11.99 -41.50
CA PHE G 168 27.43 11.34 -40.66
C PHE G 168 27.74 11.55 -39.19
N GLU G 169 29.01 11.40 -38.80
CA GLU G 169 29.37 11.57 -37.41
C GLU G 169 29.17 13.00 -36.96
N VAL G 170 29.45 13.96 -37.85
CA VAL G 170 29.13 15.36 -37.56
C VAL G 170 27.63 15.53 -37.35
N GLY G 171 26.85 14.93 -38.24
CA GLY G 171 25.40 15.00 -38.11
C GLY G 171 24.91 14.44 -36.80
N PHE G 172 25.56 13.38 -36.32
CA PHE G 172 25.11 12.76 -35.09
C PHE G 172 25.49 13.60 -33.87
N ILE G 173 26.71 14.15 -33.85
CA ILE G 173 27.06 14.97 -32.68
C ILE G 173 26.20 16.23 -32.64
N VAL G 174 25.88 16.82 -33.78
CA VAL G 174 25.06 18.04 -33.75
C VAL G 174 23.60 17.70 -33.45
N GLY G 175 23.08 16.58 -33.96
CA GLY G 175 21.73 16.18 -33.61
C GLY G 175 21.61 15.86 -32.15
N HIS G 176 22.58 15.13 -31.60
CA HIS G 176 22.57 14.82 -30.19
C HIS G 176 22.62 16.10 -29.35
N TYR G 177 23.48 17.05 -29.73
CA TYR G 177 23.50 18.33 -29.02
C TYR G 177 22.15 19.02 -29.11
N PHE G 178 21.49 18.93 -30.27
CA PHE G 178 20.20 19.59 -30.45
C PHE G 178 19.19 19.01 -29.47
N LEU G 179 19.13 17.68 -29.37
CA LEU G 179 18.18 17.05 -28.45
C LEU G 179 18.55 17.36 -27.00
N TYR G 180 19.79 17.09 -26.62
CA TYR G 180 20.32 17.38 -25.30
C TYR G 180 21.71 17.95 -25.43
N GLY G 181 21.94 19.11 -24.84
CA GLY G 181 23.22 19.76 -24.98
C GLY G 181 24.29 19.25 -24.05
N PHE G 182 24.63 17.97 -24.22
CA PHE G 182 25.68 17.26 -23.48
C PHE G 182 25.67 17.53 -21.98
N ARG G 183 24.49 17.66 -21.39
CA ARG G 183 24.37 17.93 -19.97
C ARG G 183 23.01 17.54 -19.41
N ILE G 184 22.82 16.27 -19.08
CA ILE G 184 21.57 15.87 -18.45
C ILE G 184 21.46 16.54 -17.09
N LEU G 185 20.37 17.13 -16.85
CA LEU G 185 20.04 17.72 -15.58
C LEU G 185 19.16 16.76 -14.79
N PRO G 186 19.24 16.74 -13.46
CA PRO G 186 18.40 15.80 -12.70
C PRO G 186 16.92 16.08 -12.81
N LEU G 187 16.54 17.31 -13.12
CA LEU G 187 15.15 17.74 -13.12
C LEU G 187 14.66 17.99 -14.53
N TYR G 188 13.40 17.65 -14.78
CA TYR G 188 12.75 17.96 -16.05
C TYR G 188 11.29 18.28 -15.75
N ARG G 189 10.93 19.55 -15.83
CA ARG G 189 9.53 19.94 -15.72
C ARG G 189 8.86 19.78 -17.07
N CYS G 190 7.75 19.04 -17.10
CA CYS G 190 7.04 18.73 -18.33
C CYS G 190 5.57 19.03 -18.14
N SER G 191 4.88 19.19 -19.26
CA SER G 191 3.52 19.67 -19.29
C SER G 191 2.69 18.92 -20.31
N ARG G 192 2.94 17.62 -20.44
CA ARG G 192 2.12 16.82 -21.33
C ARG G 192 0.69 16.77 -20.79
N TRP G 193 -0.22 16.24 -21.61
CA TRP G 193 -1.63 16.30 -21.26
C TRP G 193 -1.97 15.60 -19.94
N PRO G 194 -1.62 14.34 -19.72
CA PRO G 194 -1.99 13.73 -18.44
C PRO G 194 -1.26 14.36 -17.28
N CYS G 195 -0.07 14.87 -17.49
CA CYS G 195 0.66 15.56 -16.43
C CYS G 195 -0.01 16.91 -16.15
N PRO G 196 -0.59 17.13 -14.96
CA PRO G 196 -1.28 18.41 -14.71
C PRO G 196 -0.43 19.52 -14.12
N ASN G 197 -0.52 20.74 -14.65
CA ASN G 197 0.20 21.87 -14.07
C ASN G 197 1.71 21.72 -13.97
N VAL G 198 2.35 21.41 -15.09
CA VAL G 198 3.80 21.32 -15.24
C VAL G 198 4.56 20.70 -14.07
N VAL G 199 4.26 19.42 -13.78
CA VAL G 199 4.93 18.70 -12.71
C VAL G 199 6.42 18.54 -13.01
N ASP G 200 7.24 18.59 -11.95
CA ASP G 200 8.68 18.38 -12.07
C ASP G 200 9.00 16.90 -11.85
N CYS G 201 9.63 16.26 -12.84
CA CYS G 201 10.01 14.85 -12.77
C CYS G 201 11.52 14.75 -12.66
N PHE G 202 12.00 13.60 -12.18
CA PHE G 202 13.41 13.40 -11.91
C PHE G 202 13.97 12.24 -12.72
N VAL G 203 15.29 12.29 -12.90
CA VAL G 203 16.04 11.38 -13.75
C VAL G 203 16.98 10.56 -12.89
N SER G 204 17.31 9.36 -13.38
CA SER G 204 18.22 8.44 -12.72
C SER G 204 19.62 8.60 -13.26
N ARG G 205 20.60 8.55 -12.36
CA ARG G 205 22.02 8.67 -12.65
C ARG G 205 22.35 9.78 -13.64
N PRO G 206 21.94 11.02 -13.37
CA PRO G 206 22.21 12.09 -14.32
C PRO G 206 23.69 12.35 -14.54
N THR G 207 24.44 12.49 -13.44
CA THR G 207 25.86 12.82 -13.53
C THR G 207 26.63 11.78 -14.33
N GLU G 208 26.42 10.50 -14.01
CA GLU G 208 27.12 9.45 -14.74
C GLU G 208 26.74 9.44 -16.20
N LYS G 209 25.49 9.78 -16.50
CA LYS G 209 25.06 9.78 -17.89
C LYS G 209 25.69 10.91 -18.66
N THR G 210 25.82 12.08 -18.05
CA THR G 210 26.48 13.17 -18.77
C THR G 210 27.97 12.90 -18.89
N ILE G 211 28.56 12.18 -17.94
CA ILE G 211 29.96 11.79 -18.07
C ILE G 211 30.16 10.91 -19.29
N PHE G 212 29.32 9.90 -19.46
CA PHE G 212 29.45 9.08 -20.66
C PHE G 212 29.11 9.85 -21.93
N ILE G 213 28.13 10.75 -21.87
CA ILE G 213 27.82 11.58 -23.03
C ILE G 213 29.05 12.37 -23.45
N LEU G 214 29.65 13.09 -22.51
CA LEU G 214 30.85 13.89 -22.81
C LEU G 214 31.97 13.00 -23.32
N PHE G 215 32.17 11.85 -22.68
CA PHE G 215 33.21 10.92 -23.06
C PHE G 215 33.04 10.53 -24.52
N MET G 216 31.86 10.02 -24.87
CA MET G 216 31.61 9.55 -26.22
C MET G 216 31.60 10.69 -27.23
N LEU G 217 31.23 11.89 -26.79
CA LEU G 217 31.31 13.06 -27.67
C LEU G 217 32.77 13.37 -28.00
N SER G 218 33.64 13.27 -27.00
CA SER G 218 35.06 13.49 -27.25
C SER G 218 35.63 12.39 -28.12
N VAL G 219 35.12 11.16 -27.96
CA VAL G 219 35.55 10.06 -28.82
C VAL G 219 35.14 10.32 -30.26
N ALA G 220 33.93 10.83 -30.47
CA ALA G 220 33.50 11.15 -31.81
C ALA G 220 34.31 12.29 -32.40
N SER G 221 34.65 13.28 -31.57
CA SER G 221 35.52 14.36 -32.05
C SER G 221 36.89 13.82 -32.43
N VAL G 222 37.40 12.86 -31.67
CA VAL G 222 38.66 12.23 -32.00
C VAL G 222 38.56 11.47 -33.31
N SER G 223 37.44 10.78 -33.54
CA SER G 223 37.25 10.08 -34.80
C SER G 223 37.20 11.07 -35.95
N LEU G 224 36.61 12.23 -35.73
CA LEU G 224 36.60 13.27 -36.76
C LEU G 224 38.00 13.78 -37.04
N PHE G 225 38.78 14.02 -35.99
CA PHE G 225 40.17 14.43 -36.17
C PHE G 225 40.92 13.40 -36.99
N LEU G 226 40.80 12.12 -36.63
CA LEU G 226 41.49 11.07 -37.37
C LEU G 226 41.06 11.05 -38.83
N ASN G 227 39.76 11.16 -39.08
CA ASN G 227 39.28 11.06 -40.45
C ASN G 227 39.74 12.23 -41.30
N ILE G 228 39.67 13.46 -40.77
CA ILE G 228 40.03 14.60 -41.58
C ILE G 228 41.55 14.70 -41.74
N LEU G 229 42.31 14.31 -40.71
CA LEU G 229 43.76 14.31 -40.85
C LEU G 229 44.19 13.25 -41.86
N GLU G 230 43.57 12.08 -41.82
CA GLU G 230 43.79 11.09 -42.86
C GLU G 230 43.45 11.63 -44.24
N MET G 231 42.34 12.36 -44.34
CA MET G 231 41.94 12.98 -45.61
C MET G 231 43.02 13.91 -46.13
N SER G 232 43.35 14.95 -45.36
CA SER G 232 44.40 15.90 -45.78
C SER G 232 45.70 15.18 -46.07
N HIS G 233 46.01 14.16 -45.27
CA HIS G 233 47.22 13.36 -45.48
C HIS G 233 47.19 12.67 -46.83
N LEU G 234 46.08 12.00 -47.12
CA LEU G 234 45.92 11.25 -48.35
C LEU G 234 44.91 11.91 -49.28
N GLY H 2 20.85 -12.61 -29.90
CA GLY H 2 20.02 -13.79 -29.96
C GLY H 2 20.73 -14.98 -30.57
N ASP H 3 19.99 -16.08 -30.73
CA ASP H 3 20.52 -17.33 -31.26
C ASP H 3 20.67 -17.25 -32.79
N TRP H 4 21.44 -16.26 -33.23
CA TRP H 4 21.67 -15.97 -34.65
C TRP H 4 22.99 -16.48 -35.20
N SER H 5 23.79 -17.22 -34.42
CA SER H 5 25.08 -17.68 -34.95
C SER H 5 24.90 -18.63 -36.13
N PHE H 6 24.08 -19.66 -36.00
CA PHE H 6 23.96 -20.65 -37.08
C PHE H 6 23.41 -20.03 -38.35
N LEU H 7 22.37 -19.21 -38.23
CA LEU H 7 21.81 -18.56 -39.42
C LEU H 7 22.88 -17.70 -40.08
N GLY H 8 23.62 -16.95 -39.27
CA GLY H 8 24.68 -16.11 -39.81
C GLY H 8 25.72 -16.93 -40.55
N ASN H 9 26.07 -18.09 -40.01
CA ASN H 9 27.01 -18.99 -40.68
C ASN H 9 26.49 -19.38 -42.06
N ILE H 10 25.23 -19.79 -42.13
CA ILE H 10 24.69 -20.28 -43.40
C ILE H 10 24.61 -19.14 -44.42
N LEU H 11 24.15 -17.98 -43.97
CA LEU H 11 24.04 -16.83 -44.88
C LEU H 11 25.42 -16.32 -45.30
N GLU H 12 26.41 -16.37 -44.41
CA GLU H 12 27.78 -16.02 -44.80
C GLU H 12 28.28 -16.99 -45.85
N GLU H 13 27.92 -18.27 -45.74
CA GLU H 13 28.23 -19.22 -46.81
C GLU H 13 27.53 -18.82 -48.11
N VAL H 14 26.31 -18.30 -48.00
CA VAL H 14 25.57 -17.87 -49.19
C VAL H 14 26.27 -16.67 -49.84
N ASN H 15 26.93 -15.84 -49.03
CA ASN H 15 27.52 -14.60 -49.55
C ASN H 15 28.53 -14.86 -50.65
N GLU H 16 29.10 -16.06 -50.72
CA GLU H 16 30.03 -16.41 -51.79
C GLU H 16 29.29 -16.46 -53.14
N HIS H 17 28.12 -17.08 -53.17
CA HIS H 17 27.36 -17.27 -54.40
C HIS H 17 26.44 -16.11 -54.74
N SER H 18 26.13 -15.23 -53.80
CA SER H 18 25.21 -14.14 -54.09
C SER H 18 25.86 -13.13 -55.03
N THR H 19 25.01 -12.39 -55.74
CA THR H 19 25.49 -11.35 -56.62
C THR H 19 25.98 -10.18 -55.76
N VAL H 20 26.79 -9.31 -56.39
CA VAL H 20 27.42 -8.21 -55.66
C VAL H 20 26.36 -7.34 -55.01
N ILE H 21 25.31 -7.04 -55.75
CA ILE H 21 24.17 -6.32 -55.18
C ILE H 21 23.52 -7.18 -54.11
N GLY H 22 23.47 -8.50 -54.34
CA GLY H 22 22.93 -9.38 -53.33
C GLY H 22 23.77 -9.39 -52.06
N ARG H 23 25.09 -9.23 -52.21
CA ARG H 23 25.93 -9.13 -51.01
C ARG H 23 25.59 -7.85 -50.26
N VAL H 24 25.39 -6.76 -51.00
CA VAL H 24 24.99 -5.51 -50.38
C VAL H 24 23.68 -5.67 -49.62
N TRP H 25 22.74 -6.41 -50.18
CA TRP H 25 21.47 -6.64 -49.51
C TRP H 25 21.66 -7.46 -48.24
N LEU H 26 22.47 -8.52 -48.33
CA LEU H 26 22.72 -9.37 -47.17
C LEU H 26 23.37 -8.56 -46.05
N THR H 27 24.31 -7.69 -46.41
CA THR H 27 24.95 -6.85 -45.41
C THR H 27 23.96 -5.86 -44.83
N VAL H 28 23.07 -5.30 -45.65
CA VAL H 28 22.03 -4.42 -45.12
C VAL H 28 21.25 -5.15 -44.05
N LEU H 29 20.86 -6.39 -44.37
CA LEU H 29 20.14 -7.24 -43.43
C LEU H 29 20.89 -7.38 -42.11
N PHE H 30 22.10 -7.93 -42.15
CA PHE H 30 22.83 -8.22 -40.92
C PHE H 30 23.19 -6.95 -40.14
N ILE H 31 23.75 -5.97 -40.83
CA ILE H 31 24.24 -4.77 -40.18
C ILE H 31 23.10 -4.00 -39.53
N PHE H 32 21.95 -3.88 -40.22
CA PHE H 32 20.87 -3.05 -39.70
C PHE H 32 19.77 -3.86 -39.03
N ARG H 33 19.08 -4.75 -39.74
CA ARG H 33 17.88 -5.34 -39.16
C ARG H 33 18.19 -6.22 -37.96
N ILE H 34 19.18 -7.09 -38.06
CA ILE H 34 19.46 -8.01 -36.97
C ILE H 34 20.13 -7.27 -35.83
N LEU H 35 21.18 -6.52 -36.14
CA LEU H 35 21.96 -5.85 -35.11
C LEU H 35 21.10 -4.87 -34.32
N ILE H 36 20.31 -4.06 -35.01
CA ILE H 36 19.41 -3.12 -34.35
C ILE H 36 18.32 -3.85 -33.58
N LEU H 37 17.75 -4.90 -34.17
CA LEU H 37 16.66 -5.61 -33.50
C LEU H 37 17.13 -6.21 -32.19
N GLY H 38 18.29 -6.84 -32.19
CA GLY H 38 18.83 -7.43 -30.99
C GLY H 38 19.44 -6.45 -30.00
N THR H 39 20.30 -5.59 -30.52
CA THR H 39 21.09 -4.68 -29.68
C THR H 39 20.24 -3.55 -29.10
N ALA H 40 19.41 -2.91 -29.91
CA ALA H 40 18.69 -1.71 -29.52
C ALA H 40 17.21 -1.94 -29.25
N ALA H 41 16.49 -2.51 -30.20
CA ALA H 41 15.04 -2.66 -30.08
C ALA H 41 14.66 -3.53 -28.89
N ASP H 42 15.43 -4.59 -28.64
CA ASP H 42 15.08 -5.53 -27.57
C ASP H 42 14.99 -4.82 -26.23
N PHE H 43 15.90 -3.88 -25.97
CA PHE H 43 15.89 -3.16 -24.71
C PHE H 43 14.77 -2.15 -24.67
N VAL H 44 14.37 -1.64 -25.83
CA VAL H 44 13.27 -0.70 -25.91
C VAL H 44 11.97 -1.38 -25.54
N TRP H 45 11.63 -2.44 -26.26
CA TRP H 45 10.39 -3.16 -26.02
C TRP H 45 10.44 -4.08 -24.80
N GLY H 46 11.59 -4.20 -24.12
CA GLY H 46 11.65 -5.08 -22.98
C GLY H 46 10.78 -4.67 -21.81
N ASP H 47 10.35 -3.41 -21.78
CA ASP H 47 9.46 -2.88 -20.76
C ASP H 47 8.17 -2.39 -21.41
N GLU H 48 7.68 -3.17 -22.36
CA GLU H 48 6.51 -2.77 -23.13
C GLU H 48 5.24 -2.96 -22.33
N GLN H 49 5.17 -4.01 -21.52
CA GLN H 49 4.01 -4.31 -20.70
C GLN H 49 4.19 -3.93 -19.25
N SER H 50 5.43 -3.96 -18.75
CA SER H 50 5.68 -3.57 -17.36
C SER H 50 5.28 -2.13 -17.11
N ASP H 51 5.57 -1.25 -18.05
CA ASP H 51 5.31 0.18 -17.92
C ASP H 51 4.07 0.62 -18.67
N PHE H 52 3.23 -0.30 -19.12
CA PHE H 52 1.98 0.03 -19.78
C PHE H 52 0.97 0.20 -18.66
N VAL H 53 0.91 1.40 -18.10
CA VAL H 53 0.03 1.71 -16.99
C VAL H 53 -1.24 2.31 -17.55
N CYS H 54 -2.36 1.70 -17.23
CA CYS H 54 -3.67 2.23 -17.55
C CYS H 54 -4.25 2.94 -16.35
N ASN H 55 -5.38 3.62 -16.57
CA ASN H 55 -5.92 4.54 -15.58
C ASN H 55 -6.80 3.83 -14.56
N THR H 56 -7.63 2.90 -15.00
CA THR H 56 -8.53 2.21 -14.10
C THR H 56 -7.80 1.32 -13.11
N GLN H 57 -8.42 1.12 -11.96
CA GLN H 57 -7.93 0.21 -10.95
C GLN H 57 -8.61 -1.15 -11.05
N GLN H 58 -9.24 -1.44 -12.19
CA GLN H 58 -9.68 -2.79 -12.46
C GLN H 58 -8.46 -3.71 -12.54
N PRO H 59 -8.61 -4.98 -12.18
CA PRO H 59 -7.44 -5.85 -12.14
C PRO H 59 -6.94 -6.27 -13.50
N GLY H 60 -7.86 -6.63 -14.40
CA GLY H 60 -7.50 -7.23 -15.67
C GLY H 60 -7.47 -6.33 -16.88
N CYS H 61 -7.89 -5.07 -16.72
CA CYS H 61 -7.99 -4.18 -17.87
C CYS H 61 -6.64 -3.94 -18.52
N GLU H 62 -5.58 -3.95 -17.74
CA GLU H 62 -4.27 -3.52 -18.23
C GLU H 62 -3.77 -4.45 -19.33
N ASN H 63 -3.65 -5.74 -19.03
CA ASN H 63 -3.04 -6.64 -20.00
C ASN H 63 -3.96 -6.93 -21.17
N VAL H 64 -5.26 -6.95 -20.93
CA VAL H 64 -6.22 -7.09 -22.03
C VAL H 64 -6.10 -5.91 -22.99
N CYS H 65 -6.09 -4.70 -22.45
CA CYS H 65 -6.04 -3.52 -23.32
C CYS H 65 -4.70 -3.44 -24.02
N TYR H 66 -3.63 -3.89 -23.37
CA TYR H 66 -2.35 -4.02 -24.06
C TYR H 66 -2.47 -4.94 -25.25
N ASP H 67 -3.03 -6.12 -25.02
CA ASP H 67 -3.18 -7.11 -26.07
C ASP H 67 -3.96 -6.57 -27.25
N GLU H 68 -5.06 -5.87 -26.98
CA GLU H 68 -5.81 -5.24 -28.05
C GLU H 68 -4.96 -4.21 -28.78
N ALA H 69 -4.27 -3.36 -28.02
CA ALA H 69 -3.44 -2.31 -28.63
C ALA H 69 -2.32 -2.89 -29.47
N PHE H 70 -1.60 -3.86 -28.92
CA PHE H 70 -0.49 -4.53 -29.60
C PHE H 70 -0.84 -6.00 -29.71
N PRO H 71 -1.50 -6.43 -30.79
CA PRO H 71 -1.83 -7.85 -30.90
C PRO H 71 -0.58 -8.70 -30.92
N ILE H 72 0.40 -8.31 -31.73
CA ILE H 72 1.72 -8.89 -31.72
C ILE H 72 2.72 -7.74 -31.64
N SER H 73 3.78 -7.94 -30.90
CA SER H 73 4.76 -6.88 -30.72
C SER H 73 5.54 -6.65 -32.01
N HIS H 74 5.98 -5.41 -32.20
CA HIS H 74 6.69 -5.04 -33.42
C HIS H 74 7.96 -5.85 -33.57
N ILE H 75 8.68 -6.11 -32.48
CA ILE H 75 9.87 -6.94 -32.54
C ILE H 75 9.54 -8.32 -33.08
N ARG H 76 8.47 -8.93 -32.58
CA ARG H 76 8.13 -10.26 -33.05
C ARG H 76 7.89 -10.26 -34.55
N LEU H 77 7.02 -9.35 -35.02
CA LEU H 77 6.78 -9.19 -36.44
C LEU H 77 8.07 -9.01 -37.25
N TRP H 78 9.02 -8.22 -36.74
CA TRP H 78 10.31 -8.10 -37.42
C TRP H 78 11.18 -9.35 -37.33
N VAL H 79 11.09 -10.14 -36.28
CA VAL H 79 11.83 -11.39 -36.26
C VAL H 79 11.28 -12.33 -37.32
N LEU H 80 9.96 -12.47 -37.36
CA LEU H 80 9.31 -13.26 -38.39
C LEU H 80 9.60 -12.71 -39.79
N GLN H 81 9.64 -11.40 -39.94
CA GLN H 81 9.87 -10.81 -41.25
C GLN H 81 11.30 -11.06 -41.70
N ILE H 82 12.27 -10.86 -40.82
CA ILE H 82 13.66 -11.09 -41.14
C ILE H 82 13.87 -12.55 -41.55
N ILE H 83 13.28 -13.46 -40.79
CA ILE H 83 13.38 -14.89 -41.10
C ILE H 83 12.72 -15.23 -42.43
N PHE H 84 11.50 -14.74 -42.65
CA PHE H 84 10.77 -15.08 -43.86
C PHE H 84 11.46 -14.53 -45.10
N VAL H 85 11.86 -13.26 -45.06
CA VAL H 85 12.57 -12.64 -46.17
C VAL H 85 13.94 -13.27 -46.40
N SER H 86 14.67 -13.60 -45.32
CA SER H 86 15.93 -14.32 -45.47
C SER H 86 15.81 -15.73 -46.01
N THR H 87 14.70 -16.43 -45.74
CA THR H 87 14.64 -17.85 -46.07
C THR H 87 14.84 -18.17 -47.55
N PRO H 88 14.28 -17.42 -48.52
CA PRO H 88 14.51 -17.77 -49.93
C PRO H 88 15.97 -17.88 -50.31
N SER H 89 16.81 -16.99 -49.78
CA SER H 89 18.25 -17.09 -50.01
C SER H 89 18.80 -18.43 -49.52
N LEU H 90 18.37 -18.85 -48.33
CA LEU H 90 18.82 -20.13 -47.80
C LEU H 90 18.36 -21.28 -48.71
N VAL H 91 17.13 -21.19 -49.20
CA VAL H 91 16.62 -22.21 -50.12
C VAL H 91 17.49 -22.27 -51.38
N TYR H 92 17.88 -21.10 -51.88
CA TYR H 92 18.70 -21.05 -53.08
C TYR H 92 20.06 -21.67 -52.84
N VAL H 93 20.72 -21.35 -51.72
CA VAL H 93 22.03 -21.96 -51.47
C VAL H 93 21.87 -23.47 -51.36
N GLY H 94 20.77 -23.90 -50.74
CA GLY H 94 20.53 -25.33 -50.62
C GLY H 94 20.49 -26.00 -51.97
N HIS H 95 19.83 -25.35 -52.93
CA HIS H 95 19.88 -25.85 -54.30
C HIS H 95 21.30 -25.80 -54.86
N ALA H 96 22.03 -24.71 -54.63
CA ALA H 96 23.39 -24.60 -55.13
C ALA H 96 24.31 -25.65 -54.51
N VAL H 97 24.25 -25.80 -53.20
CA VAL H 97 25.05 -26.81 -52.51
C VAL H 97 24.62 -28.19 -53.00
N LEU H 154 19.00 -22.72 -62.93
CA LEU H 154 19.54 -22.10 -61.73
C LEU H 154 19.12 -20.64 -61.66
N LEU H 155 19.23 -19.96 -62.81
CA LEU H 155 18.85 -18.56 -62.89
C LEU H 155 17.37 -18.38 -62.54
N ARG H 156 16.53 -19.28 -63.03
CA ARG H 156 15.10 -19.23 -62.72
C ARG H 156 14.88 -19.33 -61.22
N THR H 157 15.64 -20.20 -60.55
CA THR H 157 15.55 -20.32 -59.10
C THR H 157 15.90 -18.98 -58.43
N TYR H 158 16.93 -18.30 -58.93
CA TYR H 158 17.32 -17.01 -58.37
C TYR H 158 16.21 -15.99 -58.52
N VAL H 159 15.60 -15.95 -59.70
CA VAL H 159 14.51 -15.01 -59.95
C VAL H 159 13.33 -15.31 -59.03
N CYS H 160 12.98 -16.60 -58.89
CA CYS H 160 11.87 -16.96 -58.02
C CYS H 160 12.15 -16.57 -56.58
N HIS H 161 13.37 -16.83 -56.10
CA HIS H 161 13.69 -16.53 -54.71
C HIS H 161 13.65 -15.02 -54.46
N ILE H 162 14.22 -14.21 -55.35
CA ILE H 162 14.20 -12.76 -55.13
C ILE H 162 12.77 -12.24 -55.20
N ILE H 163 11.96 -12.76 -56.12
CA ILE H 163 10.56 -12.34 -56.18
C ILE H 163 9.87 -12.68 -54.86
N PHE H 164 10.10 -13.89 -54.32
CA PHE H 164 9.53 -14.24 -53.04
C PHE H 164 9.95 -13.26 -51.95
N LYS H 165 11.24 -12.94 -51.88
CA LYS H 165 11.71 -11.96 -50.91
C LYS H 165 10.95 -10.64 -51.04
N THR H 166 10.87 -10.13 -52.27
CA THR H 166 10.17 -8.89 -52.54
C THR H 166 8.73 -8.95 -52.08
N LEU H 167 8.01 -10.00 -52.48
CA LEU H 167 6.59 -10.09 -52.17
C LEU H 167 6.35 -10.24 -50.67
N PHE H 168 7.16 -11.05 -50.00
CA PHE H 168 6.97 -11.22 -48.56
C PHE H 168 7.26 -9.94 -47.81
N GLU H 169 8.33 -9.24 -48.19
CA GLU H 169 8.67 -8.01 -47.49
C GLU H 169 7.62 -6.94 -47.75
N VAL H 170 7.06 -6.90 -48.95
CA VAL H 170 5.94 -6.01 -49.23
C VAL H 170 4.75 -6.37 -48.34
N GLY H 171 4.47 -7.67 -48.24
CA GLY H 171 3.38 -8.11 -47.39
C GLY H 171 3.58 -7.71 -45.95
N PHE H 172 4.82 -7.73 -45.48
CA PHE H 172 5.08 -7.38 -44.09
C PHE H 172 4.96 -5.89 -43.84
N ILE H 173 5.47 -5.05 -44.76
CA ILE H 173 5.33 -3.62 -44.53
C ILE H 173 3.86 -3.20 -44.60
N VAL H 174 3.08 -3.81 -45.49
CA VAL H 174 1.67 -3.41 -45.58
C VAL H 174 0.87 -3.98 -44.41
N GLY H 175 1.18 -5.19 -43.96
CA GLY H 175 0.51 -5.72 -42.79
C GLY H 175 0.82 -4.91 -41.55
N HIS H 176 2.11 -4.56 -41.37
CA HIS H 176 2.50 -3.74 -40.24
C HIS H 176 1.78 -2.40 -40.28
N TYR H 177 1.72 -1.77 -41.46
CA TYR H 177 0.97 -0.51 -41.58
C TYR H 177 -0.49 -0.72 -41.21
N PHE H 178 -1.06 -1.86 -41.61
CA PHE H 178 -2.46 -2.12 -41.32
C PHE H 178 -2.69 -2.17 -39.82
N LEU H 179 -1.82 -2.89 -39.10
CA LEU H 179 -1.97 -2.99 -37.65
C LEU H 179 -1.71 -1.64 -36.99
N TYR H 180 -0.58 -1.02 -37.29
CA TYR H 180 -0.22 0.30 -36.79
C TYR H 180 0.41 1.10 -37.92
N GLY H 181 -0.12 2.28 -38.18
CA GLY H 181 0.35 3.07 -39.29
C GLY H 181 1.60 3.85 -39.00
N PHE H 182 2.68 3.14 -38.71
CA PHE H 182 4.02 3.68 -38.45
C PHE H 182 4.03 4.90 -37.54
N ARG H 183 3.15 4.91 -36.54
CA ARG H 183 3.08 6.02 -35.61
C ARG H 183 2.42 5.65 -34.30
N ILE H 184 3.18 5.06 -33.37
CA ILE H 184 2.62 4.78 -32.05
C ILE H 184 2.28 6.09 -31.37
N LEU H 185 1.12 6.16 -30.86
CA LEU H 185 0.65 7.27 -30.07
C LEU H 185 0.76 6.92 -28.60
N PRO H 186 1.01 7.89 -27.71
CA PRO H 186 1.12 7.54 -26.29
C PRO H 186 -0.15 7.04 -25.67
N LEU H 187 -1.30 7.36 -26.25
CA LEU H 187 -2.60 7.06 -25.68
C LEU H 187 -3.32 6.01 -26.50
N TYR H 188 -4.04 5.13 -25.83
CA TYR H 188 -4.89 4.15 -26.47
C TYR H 188 -6.13 3.95 -25.61
N ARG H 189 -7.26 4.49 -26.05
CA ARG H 189 -8.52 4.23 -25.39
C ARG H 189 -9.08 2.91 -25.88
N CYS H 190 -9.40 2.01 -24.95
CA CYS H 190 -9.88 0.69 -25.25
C CYS H 190 -11.13 0.39 -24.45
N SER H 191 -11.88 -0.60 -24.92
CA SER H 191 -13.21 -0.88 -24.40
C SER H 191 -13.44 -2.38 -24.31
N ARG H 192 -12.40 -3.13 -23.94
CA ARG H 192 -12.58 -4.55 -23.73
C ARG H 192 -13.51 -4.76 -22.54
N TRP H 193 -13.93 -6.01 -22.36
CA TRP H 193 -14.96 -6.30 -21.35
C TRP H 193 -14.56 -5.91 -19.94
N PRO H 194 -13.43 -6.34 -19.39
CA PRO H 194 -13.12 -5.94 -18.02
C PRO H 194 -12.86 -4.46 -17.91
N CYS H 195 -12.35 -3.82 -18.96
CA CYS H 195 -12.15 -2.39 -18.95
C CYS H 195 -13.50 -1.68 -19.00
N PRO H 196 -13.92 -0.95 -17.96
CA PRO H 196 -15.23 -0.30 -18.00
C PRO H 196 -15.30 1.10 -18.58
N ASN H 197 -16.25 1.40 -19.47
CA ASN H 197 -16.41 2.75 -19.98
C ASN H 197 -15.19 3.35 -20.69
N VAL H 198 -14.66 2.63 -21.66
CA VAL H 198 -13.56 3.06 -22.53
C VAL H 198 -12.44 3.83 -21.85
N VAL H 199 -11.76 3.18 -20.90
CA VAL H 199 -10.65 3.80 -20.19
C VAL H 199 -9.49 4.09 -21.15
N ASP H 200 -8.79 5.19 -20.89
CA ASP H 200 -7.61 5.57 -21.67
C ASP H 200 -6.35 5.00 -21.01
N CYS H 201 -5.60 4.18 -21.74
CA CYS H 201 -4.37 3.57 -21.25
C CYS H 201 -3.18 4.19 -21.97
N PHE H 202 -2.01 4.06 -21.37
CA PHE H 202 -0.80 4.71 -21.86
C PHE H 202 0.29 3.69 -22.20
N VAL H 203 1.19 4.12 -23.07
CA VAL H 203 2.22 3.30 -23.66
C VAL H 203 3.58 3.80 -23.20
N SER H 204 4.55 2.90 -23.18
CA SER H 204 5.93 3.21 -22.79
C SER H 204 6.77 3.47 -24.02
N ARG H 205 7.64 4.48 -23.91
CA ARG H 205 8.56 4.92 -24.95
C ARG H 205 7.92 4.99 -26.33
N PRO H 206 6.82 5.73 -26.49
CA PRO H 206 6.17 5.78 -27.80
C PRO H 206 7.05 6.38 -28.89
N THR H 207 7.65 7.54 -28.61
CA THR H 207 8.45 8.23 -29.61
C THR H 207 9.61 7.38 -30.10
N GLU H 208 10.35 6.79 -29.18
CA GLU H 208 11.47 5.95 -29.57
C GLU H 208 11.01 4.74 -30.37
N LYS H 209 9.83 4.23 -30.06
CA LYS H 209 9.34 3.06 -30.77
C LYS H 209 8.93 3.42 -32.19
N THR H 210 8.32 4.59 -32.37
CA THR H 210 7.98 4.98 -33.73
C THR H 210 9.22 5.34 -34.52
N ILE H 211 10.26 5.83 -33.85
CA ILE H 211 11.53 6.07 -34.53
C ILE H 211 12.10 4.78 -35.08
N PHE H 212 12.15 3.74 -34.27
CA PHE H 212 12.64 2.46 -34.80
C PHE H 212 11.70 1.87 -35.85
N ILE H 213 10.39 2.05 -35.68
CA ILE H 213 9.44 1.58 -36.69
C ILE H 213 9.76 2.23 -38.04
N LEU H 214 9.85 3.56 -38.05
CA LEU H 214 10.15 4.29 -39.28
C LEU H 214 11.49 3.87 -39.85
N PHE H 215 12.49 3.74 -38.98
CA PHE H 215 13.82 3.34 -39.39
C PHE H 215 13.77 2.00 -40.12
N MET H 216 13.20 0.99 -39.48
CA MET H 216 13.15 -0.34 -40.06
C MET H 216 12.25 -0.40 -41.28
N LEU H 217 11.22 0.45 -41.33
CA LEU H 217 10.39 0.55 -42.52
C LEU H 217 11.19 1.08 -43.70
N SER H 218 12.04 2.07 -43.44
CA SER H 218 12.88 2.60 -44.50
C SER H 218 13.92 1.57 -44.90
N VAL H 219 14.40 0.78 -43.95
CA VAL H 219 15.34 -0.29 -44.27
C VAL H 219 14.67 -1.33 -45.16
N ALA H 220 13.43 -1.68 -44.87
CA ALA H 220 12.71 -2.62 -45.71
C ALA H 220 12.46 -2.04 -47.10
N SER H 221 12.15 -0.75 -47.17
CA SER H 221 12.00 -0.11 -48.48
C SER H 221 13.31 -0.14 -49.25
N VAL H 222 14.43 0.04 -48.56
CA VAL H 222 15.73 -0.05 -49.19
C VAL H 222 15.98 -1.47 -49.70
N SER H 223 15.61 -2.46 -48.92
CA SER H 223 15.76 -3.84 -49.37
C SER H 223 14.91 -4.11 -50.59
N LEU H 224 13.72 -3.52 -50.65
CA LEU H 224 12.88 -3.66 -51.83
C LEU H 224 13.53 -2.99 -53.04
N PHE H 225 14.08 -1.79 -52.85
CA PHE H 225 14.80 -1.12 -53.93
C PHE H 225 15.93 -1.99 -54.44
N LEU H 226 16.74 -2.54 -53.53
CA LEU H 226 17.85 -3.39 -53.94
C LEU H 226 17.36 -4.60 -54.70
N ASN H 227 16.30 -5.26 -54.21
CA ASN H 227 15.83 -6.48 -54.84
C ASN H 227 15.27 -6.21 -56.23
N ILE H 228 14.46 -5.15 -56.39
CA ILE H 228 13.85 -4.92 -57.70
C ILE H 228 14.88 -4.36 -58.68
N LEU H 229 15.82 -3.55 -58.21
CA LEU H 229 16.87 -3.07 -59.11
C LEU H 229 17.76 -4.22 -59.56
N GLU H 230 18.10 -5.13 -58.64
CA GLU H 230 18.79 -6.35 -59.02
C GLU H 230 17.99 -7.14 -60.05
N MET H 231 16.67 -7.25 -59.84
CA MET H 231 15.80 -7.94 -60.77
C MET H 231 15.89 -7.34 -62.18
N SER H 232 15.54 -6.06 -62.31
CA SER H 232 15.61 -5.39 -63.61
C SER H 232 17.01 -5.48 -64.20
N HIS H 233 18.03 -5.38 -63.34
CA HIS H 233 19.42 -5.50 -63.78
C HIS H 233 19.67 -6.88 -64.39
N LEU H 234 19.27 -7.92 -63.67
CA LEU H 234 19.50 -9.29 -64.08
C LEU H 234 18.20 -9.97 -64.47
N GLY I 2 19.69 -20.10 -26.40
CA GLY I 2 19.86 -21.17 -25.44
C GLY I 2 21.09 -22.00 -25.69
N ASP I 3 21.27 -23.05 -24.88
CA ASP I 3 22.44 -23.94 -24.97
C ASP I 3 22.29 -24.92 -26.14
N TRP I 4 22.12 -24.34 -27.34
CA TRP I 4 21.91 -25.08 -28.58
C TRP I 4 23.15 -25.24 -29.45
N SER I 5 24.32 -24.80 -29.02
CA SER I 5 25.51 -24.92 -29.87
C SER I 5 25.85 -26.38 -30.16
N PHE I 6 25.97 -27.20 -29.13
CA PHE I 6 26.39 -28.59 -29.35
C PHE I 6 25.41 -29.36 -30.21
N LEU I 7 24.11 -29.21 -29.94
CA LEU I 7 23.12 -29.91 -30.75
C LEU I 7 23.23 -29.45 -32.20
N GLY I 8 23.36 -28.14 -32.40
CA GLY I 8 23.51 -27.62 -33.74
C GLY I 8 24.71 -28.20 -34.45
N ASN I 9 25.83 -28.35 -33.73
CA ASN I 9 27.02 -28.96 -34.31
C ASN I 9 26.72 -30.37 -34.80
N ILE I 10 26.07 -31.18 -33.95
CA ILE I 10 25.84 -32.57 -34.31
C ILE I 10 24.87 -32.66 -35.48
N LEU I 11 23.82 -31.86 -35.47
CA LEU I 11 22.86 -31.88 -36.57
C LEU I 11 23.46 -31.33 -37.87
N GLU I 12 24.33 -30.34 -37.77
CA GLU I 12 25.04 -29.86 -38.95
C GLU I 12 25.93 -30.96 -39.52
N GLU I 13 26.53 -31.77 -38.64
CA GLU I 13 27.24 -32.95 -39.12
C GLU I 13 26.30 -33.92 -39.81
N VAL I 14 25.07 -34.04 -39.30
CA VAL I 14 24.09 -34.92 -39.92
C VAL I 14 23.71 -34.41 -41.31
N ASN I 15 23.74 -33.09 -41.51
CA ASN I 15 23.27 -32.51 -42.75
C ASN I 15 24.03 -33.03 -43.97
N GLU I 16 25.25 -33.55 -43.77
CA GLU I 16 26.00 -34.14 -44.85
C GLU I 16 25.34 -35.41 -45.37
N HIS I 17 24.88 -36.26 -44.44
CA HIS I 17 24.30 -37.55 -44.79
C HIS I 17 22.80 -37.51 -45.05
N SER I 18 22.11 -36.44 -44.63
CA SER I 18 20.67 -36.39 -44.84
C SER I 18 20.34 -36.20 -46.31
N THR I 19 19.13 -36.63 -46.68
CA THR I 19 18.66 -36.45 -48.04
C THR I 19 18.36 -34.97 -48.26
N VAL I 20 18.28 -34.60 -49.54
CA VAL I 20 18.10 -33.19 -49.90
C VAL I 20 16.83 -32.64 -49.26
N ILE I 21 15.75 -33.43 -49.34
CA ILE I 21 14.52 -33.06 -48.65
C ILE I 21 14.77 -33.06 -47.14
N GLY I 22 15.59 -34.00 -46.66
CA GLY I 22 15.91 -34.02 -45.25
C GLY I 22 16.69 -32.78 -44.84
N ARG I 23 17.53 -32.26 -45.74
CA ARG I 23 18.24 -31.02 -45.44
C ARG I 23 17.24 -29.88 -45.32
N VAL I 24 16.25 -29.87 -46.21
CA VAL I 24 15.21 -28.85 -46.15
C VAL I 24 14.47 -28.93 -44.83
N TRP I 25 14.20 -30.15 -44.36
CA TRP I 25 13.52 -30.31 -43.08
C TRP I 25 14.38 -29.82 -41.92
N LEU I 26 15.67 -30.16 -41.94
CA LEU I 26 16.57 -29.72 -40.89
C LEU I 26 16.66 -28.21 -40.85
N THR I 27 16.71 -27.57 -42.02
CA THR I 27 16.74 -26.12 -42.07
C THR I 27 15.42 -25.53 -41.58
N VAL I 28 14.30 -26.15 -41.91
CA VAL I 28 13.03 -25.68 -41.38
C VAL I 28 13.08 -25.67 -39.86
N LEU I 29 13.59 -26.77 -39.29
CA LEU I 29 13.76 -26.88 -37.85
C LEU I 29 14.58 -25.72 -37.29
N PHE I 30 15.82 -25.58 -37.74
CA PHE I 30 16.72 -24.58 -37.15
C PHE I 30 16.23 -23.16 -37.40
N ILE I 31 15.89 -22.85 -38.65
CA ILE I 31 15.52 -21.48 -39.02
C ILE I 31 14.26 -21.06 -38.29
N PHE I 32 13.25 -21.93 -38.19
CA PHE I 32 11.98 -21.52 -37.62
C PHE I 32 11.81 -21.94 -36.16
N ARG I 33 11.81 -23.24 -35.87
CA ARG I 33 11.40 -23.67 -34.53
C ARG I 33 12.38 -23.19 -33.46
N ILE I 34 13.68 -23.38 -33.68
CA ILE I 34 14.65 -23.02 -32.66
C ILE I 34 14.79 -21.51 -32.57
N LEU I 35 15.02 -20.87 -33.72
CA LEU I 35 15.27 -19.44 -33.74
C LEU I 35 14.09 -18.66 -33.18
N ILE I 36 12.87 -19.01 -33.59
CA ILE I 36 11.68 -18.35 -33.08
C ILE I 36 11.48 -18.67 -31.61
N LEU I 37 11.69 -19.92 -31.20
CA LEU I 37 11.45 -20.30 -29.82
C LEU I 37 12.37 -19.53 -28.88
N GLY I 38 13.64 -19.43 -29.24
CA GLY I 38 14.60 -18.70 -28.42
C GLY I 38 14.52 -17.19 -28.53
N THR I 39 14.49 -16.70 -29.78
CA THR I 39 14.56 -15.27 -30.05
C THR I 39 13.27 -14.55 -29.70
N ALA I 40 12.13 -15.09 -30.10
CA ALA I 40 10.85 -14.40 -29.99
C ALA I 40 9.96 -14.93 -28.88
N ALA I 41 9.69 -16.23 -28.87
CA ALA I 41 8.75 -16.81 -27.92
C ALA I 41 9.22 -16.63 -26.48
N ASP I 42 10.52 -16.76 -26.23
CA ASP I 42 11.04 -16.68 -24.87
C ASP I 42 10.68 -15.36 -24.22
N PHE I 43 10.74 -14.27 -24.98
CA PHE I 43 10.43 -12.95 -24.44
C PHE I 43 8.93 -12.79 -24.26
N VAL I 44 8.15 -13.48 -25.07
CA VAL I 44 6.70 -13.43 -24.96
C VAL I 44 6.26 -14.10 -23.66
N TRP I 45 6.63 -15.35 -23.48
CA TRP I 45 6.24 -16.09 -22.30
C TRP I 45 7.06 -15.75 -21.06
N GLY I 46 8.06 -14.88 -21.17
CA GLY I 46 8.85 -14.55 -20.00
C GLY I 46 8.10 -13.83 -18.91
N ASP I 47 6.94 -13.26 -19.23
CA ASP I 47 6.07 -12.58 -18.28
C ASP I 47 4.71 -13.28 -18.25
N GLU I 48 4.75 -14.61 -18.27
CA GLU I 48 3.53 -15.39 -18.33
C GLU I 48 2.84 -15.45 -16.99
N GLN I 49 3.61 -15.50 -15.90
CA GLN I 49 3.07 -15.56 -14.55
C GLN I 49 3.13 -14.24 -13.83
N SER I 50 4.12 -13.40 -14.16
CA SER I 50 4.23 -12.09 -13.52
C SER I 50 3.00 -11.25 -13.78
N ASP I 51 2.50 -11.29 -15.00
CA ASP I 51 1.37 -10.47 -15.43
C ASP I 51 0.07 -11.25 -15.47
N PHE I 52 0.02 -12.44 -14.89
CA PHE I 52 -1.21 -13.22 -14.80
C PHE I 52 -1.91 -12.73 -13.54
N VAL I 53 -2.68 -11.67 -13.69
CA VAL I 53 -3.38 -11.05 -12.57
C VAL I 53 -4.80 -11.61 -12.55
N CYS I 54 -5.16 -12.19 -11.42
CA CYS I 54 -6.51 -12.65 -11.16
C CYS I 54 -7.25 -11.61 -10.33
N ASN I 55 -8.55 -11.82 -10.18
CA ASN I 55 -9.43 -10.81 -9.63
C ASN I 55 -9.46 -10.85 -8.10
N THR I 56 -9.50 -12.03 -7.52
CA THR I 56 -9.59 -12.15 -6.07
C THR I 56 -8.32 -11.68 -5.39
N GLN I 57 -8.48 -11.22 -4.15
CA GLN I 57 -7.38 -10.84 -3.30
C GLN I 57 -6.97 -11.97 -2.36
N GLN I 58 -7.39 -13.20 -2.66
CA GLN I 58 -6.84 -14.35 -1.98
C GLN I 58 -5.34 -14.45 -2.29
N PRO I 59 -4.56 -14.99 -1.36
CA PRO I 59 -3.11 -15.00 -1.58
C PRO I 59 -2.65 -16.01 -2.61
N GLY I 60 -3.19 -17.22 -2.56
CA GLY I 60 -2.69 -18.32 -3.36
C GLY I 60 -3.45 -18.64 -4.62
N CYS I 61 -4.58 -17.97 -4.87
CA CYS I 61 -5.39 -18.31 -6.02
C CYS I 61 -4.67 -18.10 -7.33
N GLU I 62 -3.78 -17.11 -7.38
CA GLU I 62 -3.18 -16.69 -8.64
C GLU I 62 -2.34 -17.81 -9.25
N ASN I 63 -1.34 -18.30 -8.51
CA ASN I 63 -0.41 -19.25 -9.09
C ASN I 63 -1.06 -20.61 -9.26
N VAL I 64 -1.96 -20.99 -8.37
CA VAL I 64 -2.72 -22.23 -8.53
C VAL I 64 -3.55 -22.19 -9.80
N CYS I 65 -4.29 -21.10 -10.00
CA CYS I 65 -5.14 -21.01 -11.18
C CYS I 65 -4.31 -20.92 -12.45
N TYR I 66 -3.14 -20.30 -12.37
CA TYR I 66 -2.22 -20.33 -13.49
C TYR I 66 -1.84 -21.75 -13.83
N ASP I 67 -1.43 -22.51 -12.81
CA ASP I 67 -1.02 -23.89 -13.00
C ASP I 67 -2.11 -24.73 -13.63
N GLU I 68 -3.34 -24.57 -13.16
CA GLU I 68 -4.45 -25.27 -13.79
C GLU I 68 -4.62 -24.84 -15.23
N ALA I 69 -4.58 -23.53 -15.49
CA ALA I 69 -4.77 -23.03 -16.84
C ALA I 69 -3.68 -23.51 -17.78
N PHE I 70 -2.43 -23.40 -17.36
CA PHE I 70 -1.26 -23.82 -18.12
C PHE I 70 -0.54 -24.88 -17.32
N PRO I 71 -0.88 -26.17 -17.52
CA PRO I 71 -0.17 -27.19 -16.75
C PRO I 71 1.30 -27.20 -17.05
N ILE I 72 1.63 -27.15 -18.34
CA ILE I 72 3.00 -26.95 -18.80
C ILE I 72 2.96 -25.83 -19.83
N SER I 73 3.97 -24.98 -19.81
CA SER I 73 4.01 -23.85 -20.71
C SER I 73 4.24 -24.32 -22.14
N HIS I 74 3.70 -23.55 -23.09
CA HIS I 74 3.81 -23.92 -24.49
C HIS I 74 5.26 -24.00 -24.94
N ILE I 75 6.10 -23.08 -24.45
CA ILE I 75 7.53 -23.12 -24.78
C ILE I 75 8.13 -24.44 -24.33
N ARG I 76 7.83 -24.87 -23.11
CA ARG I 76 8.42 -26.11 -22.63
C ARG I 76 8.04 -27.26 -23.53
N LEU I 77 6.73 -27.42 -23.79
CA LEU I 77 6.26 -28.43 -24.73
C LEU I 77 6.97 -28.38 -26.08
N TRP I 78 7.20 -27.19 -26.62
CA TRP I 78 7.98 -27.07 -27.86
C TRP I 78 9.46 -27.39 -27.71
N VAL I 79 10.06 -27.14 -26.56
CA VAL I 79 11.45 -27.54 -26.35
C VAL I 79 11.54 -29.07 -26.36
N LEU I 80 10.66 -29.70 -25.59
CA LEU I 80 10.58 -31.16 -25.59
C LEU I 80 10.23 -31.71 -26.97
N GLN I 81 9.36 -31.04 -27.71
CA GLN I 81 8.97 -31.53 -29.01
C GLN I 81 10.11 -31.43 -30.00
N ILE I 82 10.80 -30.29 -30.01
CA ILE I 82 11.94 -30.09 -30.90
C ILE I 82 13.00 -31.14 -30.62
N ILE I 83 13.29 -31.38 -29.35
CA ILE I 83 14.28 -32.38 -28.97
C ILE I 83 13.84 -33.79 -29.36
N PHE I 84 12.60 -34.15 -29.07
CA PHE I 84 12.14 -35.49 -29.34
C PHE I 84 12.11 -35.78 -30.84
N VAL I 85 11.55 -34.86 -31.61
CA VAL I 85 11.49 -35.00 -33.07
C VAL I 85 12.89 -34.97 -33.69
N SER I 86 13.79 -34.12 -33.19
CA SER I 86 15.17 -34.11 -33.66
C SER I 86 15.96 -35.37 -33.31
N THR I 87 15.66 -36.02 -32.19
CA THR I 87 16.51 -37.11 -31.72
C THR I 87 16.68 -38.26 -32.70
N PRO I 88 15.65 -38.74 -33.41
CA PRO I 88 15.86 -39.85 -34.36
C PRO I 88 16.95 -39.60 -35.38
N SER I 89 17.04 -38.36 -35.89
CA SER I 89 18.13 -38.00 -36.79
C SER I 89 19.48 -38.22 -36.14
N LEU I 90 19.62 -37.79 -34.88
CA LEU I 90 20.87 -37.97 -34.17
C LEU I 90 21.18 -39.47 -34.02
N VAL I 91 20.16 -40.27 -33.72
CA VAL I 91 20.37 -41.71 -33.59
C VAL I 91 20.85 -42.28 -34.92
N TYR I 92 20.29 -41.80 -36.03
CA TYR I 92 20.69 -42.30 -37.33
C TYR I 92 22.14 -41.94 -37.64
N VAL I 93 22.55 -40.69 -37.37
CA VAL I 93 23.95 -40.34 -37.65
C VAL I 93 24.85 -41.20 -36.78
N GLY I 94 24.43 -41.45 -35.54
CA GLY I 94 25.24 -42.29 -34.66
C GLY I 94 25.47 -43.65 -35.26
N HIS I 95 24.43 -44.22 -35.87
CA HIS I 95 24.61 -45.47 -36.62
C HIS I 95 25.55 -45.27 -37.80
N ALA I 96 25.36 -44.17 -38.56
CA ALA I 96 26.23 -43.91 -39.72
C ALA I 96 27.68 -43.72 -39.30
N VAL I 97 27.93 -42.90 -38.29
CA VAL I 97 29.26 -42.67 -37.78
C VAL I 97 29.82 -43.99 -37.25
N LEU I 154 20.72 -50.13 -43.54
CA LEU I 154 20.86 -48.69 -43.30
C LEU I 154 19.58 -47.97 -43.70
N LEU I 155 19.05 -48.35 -44.86
CA LEU I 155 17.82 -47.76 -45.36
C LEU I 155 16.67 -48.00 -44.40
N ARG I 156 16.61 -49.21 -43.84
CA ARG I 156 15.57 -49.53 -42.87
C ARG I 156 15.67 -48.60 -41.65
N THR I 157 16.90 -48.34 -41.21
CA THR I 157 17.10 -47.40 -40.10
C THR I 157 16.55 -46.03 -40.45
N TYR I 158 16.78 -45.57 -41.69
CA TYR I 158 16.27 -44.27 -42.12
C TYR I 158 14.75 -44.24 -42.06
N VAL I 159 14.12 -45.30 -42.57
CA VAL I 159 12.66 -45.37 -42.57
C VAL I 159 12.14 -45.36 -41.14
N CYS I 160 12.76 -46.14 -40.26
CA CYS I 160 12.32 -46.19 -38.87
C CYS I 160 12.45 -44.82 -38.22
N HIS I 161 13.57 -44.15 -38.44
CA HIS I 161 13.79 -42.85 -37.79
C HIS I 161 12.78 -41.82 -38.30
N ILE I 162 12.54 -41.75 -39.61
CA ILE I 162 11.57 -40.77 -40.10
C ILE I 162 10.17 -41.09 -39.61
N ILE I 163 9.81 -42.37 -39.55
CA ILE I 163 8.51 -42.74 -39.02
C ILE I 163 8.40 -42.28 -37.57
N PHE I 164 9.45 -42.50 -36.77
CA PHE I 164 9.45 -42.02 -35.39
C PHE I 164 9.23 -40.51 -35.32
N LYS I 165 9.97 -39.76 -36.14
CA LYS I 165 9.78 -38.31 -36.18
C LYS I 165 8.34 -37.95 -36.47
N THR I 166 7.77 -38.57 -37.50
CA THR I 166 6.39 -38.31 -37.89
C THR I 166 5.44 -38.60 -36.74
N LEU I 167 5.56 -39.78 -36.12
CA LEU I 167 4.62 -40.19 -35.09
C LEU I 167 4.75 -39.31 -33.86
N PHE I 168 5.98 -38.97 -33.46
CA PHE I 168 6.15 -38.13 -32.28
C PHE I 168 5.60 -36.74 -32.52
N GLU I 169 5.87 -36.16 -33.70
CA GLU I 169 5.37 -34.83 -33.97
C GLU I 169 3.86 -34.81 -34.05
N VAL I 170 3.26 -35.87 -34.60
CA VAL I 170 1.81 -36.00 -34.58
C VAL I 170 1.31 -36.06 -33.15
N GLY I 171 1.98 -36.85 -32.31
CA GLY I 171 1.59 -36.95 -30.91
C GLY I 171 1.67 -35.60 -30.21
N PHE I 172 2.65 -34.79 -30.57
CA PHE I 172 2.79 -33.50 -29.91
C PHE I 172 1.72 -32.51 -30.38
N ILE I 173 1.42 -32.47 -31.67
CA ILE I 173 0.39 -31.54 -32.10
C ILE I 173 -0.97 -31.93 -31.53
N VAL I 174 -1.25 -33.23 -31.44
CA VAL I 174 -2.55 -33.63 -30.90
C VAL I 174 -2.61 -33.45 -29.40
N GLY I 175 -1.51 -33.72 -28.68
CA GLY I 175 -1.48 -33.46 -27.26
C GLY I 175 -1.63 -31.98 -26.95
N HIS I 176 -0.92 -31.14 -27.69
CA HIS I 176 -1.04 -29.70 -27.51
C HIS I 176 -2.45 -29.24 -27.77
N TYR I 177 -3.09 -29.74 -28.84
CA TYR I 177 -4.48 -29.40 -29.09
C TYR I 177 -5.36 -29.84 -27.93
N PHE I 178 -5.07 -31.02 -27.36
CA PHE I 178 -5.88 -31.53 -26.26
C PHE I 178 -5.80 -30.58 -25.08
N LEU I 179 -4.59 -30.15 -24.72
CA LEU I 179 -4.44 -29.22 -23.60
C LEU I 179 -5.07 -27.87 -23.90
N TYR I 180 -4.70 -27.27 -25.03
CA TYR I 180 -5.26 -26.02 -25.50
C TYR I 180 -5.49 -26.10 -27.00
N GLY I 181 -6.71 -25.81 -27.42
CA GLY I 181 -7.05 -25.96 -28.82
C GLY I 181 -6.62 -24.78 -29.68
N PHE I 182 -5.30 -24.57 -29.74
CA PHE I 182 -4.66 -23.53 -30.56
C PHE I 182 -5.35 -22.16 -30.49
N ARG I 183 -5.86 -21.81 -29.31
CA ARG I 183 -6.54 -20.53 -29.15
C ARG I 183 -6.60 -20.08 -27.70
N ILE I 184 -5.52 -19.45 -27.20
CA ILE I 184 -5.57 -18.91 -25.86
C ILE I 184 -6.60 -17.81 -25.81
N LEU I 185 -7.43 -17.88 -24.85
CA LEU I 185 -8.41 -16.87 -24.56
C LEU I 185 -7.90 -15.97 -23.44
N PRO I 186 -8.25 -14.69 -23.40
CA PRO I 186 -7.74 -13.83 -22.33
C PRO I 186 -8.25 -14.20 -20.96
N LEU I 187 -9.38 -14.88 -20.88
CA LEU I 187 -10.06 -15.18 -19.62
C LEU I 187 -9.98 -16.66 -19.31
N TYR I 188 -9.82 -16.98 -18.03
CA TYR I 188 -9.88 -18.35 -17.55
C TYR I 188 -10.53 -18.34 -16.17
N ARG I 189 -11.77 -18.81 -16.11
CA ARG I 189 -12.43 -18.99 -14.83
C ARG I 189 -12.02 -20.34 -14.25
N CYS I 190 -11.52 -20.31 -13.01
CA CYS I 190 -11.02 -21.50 -12.34
C CYS I 190 -11.63 -21.60 -10.96
N SER I 191 -11.58 -22.80 -10.41
CA SER I 191 -12.29 -23.14 -9.19
C SER I 191 -11.44 -24.03 -8.29
N ARG I 192 -10.13 -23.78 -8.27
CA ARG I 192 -9.28 -24.53 -7.37
C ARG I 192 -9.66 -24.20 -5.93
N TRP I 193 -9.10 -24.95 -4.99
CA TRP I 193 -9.52 -24.81 -3.60
C TRP I 193 -9.31 -23.44 -3.02
N PRO I 194 -8.11 -22.84 -3.06
CA PRO I 194 -7.98 -21.51 -2.47
C PRO I 194 -8.78 -20.46 -3.23
N CYS I 195 -8.96 -20.64 -4.53
CA CYS I 195 -9.77 -19.72 -5.29
C CYS I 195 -11.24 -19.89 -4.92
N PRO I 196 -11.91 -18.90 -4.31
CA PRO I 196 -13.30 -19.08 -3.90
C PRO I 196 -14.37 -18.71 -4.92
N ASN I 197 -15.37 -19.55 -5.14
CA ASN I 197 -16.47 -19.20 -6.04
C ASN I 197 -16.08 -18.85 -7.48
N VAL I 198 -15.34 -19.75 -8.11
CA VAL I 198 -14.94 -19.67 -9.51
C VAL I 198 -14.55 -18.28 -10.02
N VAL I 199 -13.50 -17.72 -9.44
CA VAL I 199 -13.01 -16.41 -9.85
C VAL I 199 -12.47 -16.46 -11.29
N ASP I 200 -12.68 -15.36 -12.02
CA ASP I 200 -12.16 -15.22 -13.38
C ASP I 200 -10.77 -14.57 -13.35
N CYS I 201 -9.79 -15.26 -13.90
CA CYS I 201 -8.41 -14.77 -13.95
C CYS I 201 -8.07 -14.44 -15.40
N PHE I 202 -7.04 -13.61 -15.58
CA PHE I 202 -6.65 -13.11 -16.88
C PHE I 202 -5.23 -13.50 -17.23
N VAL I 203 -4.97 -13.51 -18.54
CA VAL I 203 -3.73 -13.98 -19.13
C VAL I 203 -3.03 -12.82 -19.82
N SER I 204 -1.71 -12.93 -19.91
CA SER I 204 -0.86 -11.93 -20.54
C SER I 204 -0.58 -12.29 -22.00
N ARG I 205 -0.60 -11.28 -22.86
CA ARG I 205 -0.38 -11.40 -24.30
C ARG I 205 -1.08 -12.61 -24.94
N PRO I 206 -2.39 -12.73 -24.78
CA PRO I 206 -3.08 -13.89 -25.35
C PRO I 206 -2.98 -13.96 -26.86
N THR I 207 -3.29 -12.85 -27.54
CA THR I 207 -3.31 -12.84 -29.00
C THR I 207 -1.95 -13.21 -29.58
N GLU I 208 -0.89 -12.60 -29.08
CA GLU I 208 0.44 -12.91 -29.58
C GLU I 208 0.80 -14.36 -29.32
N LYS I 209 0.33 -14.91 -28.21
CA LYS I 209 0.65 -16.29 -27.89
C LYS I 209 -0.08 -17.24 -28.81
N THR I 210 -1.33 -16.96 -29.15
CA THR I 210 -2.01 -17.84 -30.08
C THR I 210 -1.45 -17.69 -31.48
N ILE I 211 -0.93 -16.50 -31.82
CA ILE I 211 -0.26 -16.34 -33.11
C ILE I 211 0.95 -17.25 -33.21
N PHE I 212 1.79 -17.26 -32.18
CA PHE I 212 2.93 -18.17 -32.22
C PHE I 212 2.49 -19.63 -32.16
N ILE I 213 1.46 -19.94 -31.40
CA ILE I 213 0.94 -21.30 -31.37
C ILE I 213 0.55 -21.76 -32.76
N LEU I 214 -0.27 -20.96 -33.44
CA LEU I 214 -0.71 -21.30 -34.80
C LEU I 214 0.48 -21.40 -35.74
N PHE I 215 1.41 -20.46 -35.62
CA PHE I 215 2.60 -20.44 -36.46
C PHE I 215 3.36 -21.76 -36.32
N MET I 216 3.71 -22.12 -35.10
CA MET I 216 4.49 -23.31 -34.85
C MET I 216 3.70 -24.57 -35.17
N LEU I 217 2.38 -24.53 -35.04
CA LEU I 217 1.55 -25.67 -35.44
C LEU I 217 1.61 -25.85 -36.94
N SER I 218 1.60 -24.77 -37.70
CA SER I 218 1.73 -24.87 -39.14
C SER I 218 3.12 -25.34 -39.52
N VAL I 219 4.13 -24.93 -38.76
CA VAL I 219 5.48 -25.39 -39.00
C VAL I 219 5.58 -26.90 -38.77
N ALA I 220 4.94 -27.38 -37.71
CA ALA I 220 4.94 -28.82 -37.46
C ALA I 220 4.18 -29.57 -38.56
N SER I 221 3.09 -29.00 -39.04
CA SER I 221 2.37 -29.62 -40.15
C SER I 221 3.24 -29.66 -41.40
N VAL I 222 4.03 -28.61 -41.61
CA VAL I 222 4.96 -28.59 -42.74
C VAL I 222 6.02 -29.66 -42.57
N SER I 223 6.52 -29.84 -41.35
CA SER I 223 7.50 -30.89 -41.11
C SER I 223 6.90 -32.26 -41.37
N LEU I 224 5.62 -32.43 -41.02
CA LEU I 224 4.95 -33.70 -41.32
C LEU I 224 4.80 -33.90 -42.82
N PHE I 225 4.44 -32.85 -43.55
CA PHE I 225 4.36 -32.95 -45.00
C PHE I 225 5.71 -33.36 -45.58
N LEU I 226 6.78 -32.70 -45.15
CA LEU I 226 8.11 -33.03 -45.64
C LEU I 226 8.46 -34.47 -45.34
N ASN I 227 8.20 -34.93 -44.12
CA ASN I 227 8.59 -36.27 -43.73
C ASN I 227 7.81 -37.33 -44.50
N ILE I 228 6.49 -37.15 -44.65
CA ILE I 228 5.71 -38.19 -45.33
C ILE I 228 5.95 -38.15 -46.83
N LEU I 229 6.17 -36.97 -47.42
CA LEU I 229 6.49 -36.91 -48.83
C LEU I 229 7.84 -37.53 -49.10
N GLU I 230 8.82 -37.27 -48.23
CA GLU I 230 10.10 -37.97 -48.32
C GLU I 230 9.91 -39.48 -48.21
N MET I 231 9.06 -39.92 -47.29
CA MET I 231 8.76 -41.34 -47.13
C MET I 231 8.24 -41.95 -48.44
N SER I 232 7.10 -41.44 -48.93
CA SER I 232 6.53 -41.95 -50.17
C SER I 232 7.53 -41.86 -51.32
N HIS I 233 8.32 -40.78 -51.34
CA HIS I 233 9.36 -40.61 -52.35
C HIS I 233 10.37 -41.72 -52.27
N LEU I 234 10.89 -41.98 -51.07
CA LEU I 234 11.92 -42.97 -50.84
C LEU I 234 11.36 -44.17 -50.08
N GLY J 2 24.33 -22.42 -19.84
CA GLY J 2 25.29 -22.29 -18.77
C GLY J 2 26.72 -22.45 -19.25
N ASP J 3 27.66 -22.42 -18.30
CA ASP J 3 29.10 -22.52 -18.58
C ASP J 3 29.48 -23.99 -18.87
N TRP J 4 28.82 -24.57 -19.87
CA TRP J 4 29.00 -25.97 -20.26
C TRP J 4 29.89 -26.17 -21.48
N SER J 5 30.50 -25.13 -22.04
CA SER J 5 31.33 -25.33 -23.23
C SER J 5 32.53 -26.24 -22.95
N PHE J 6 33.31 -25.94 -21.91
CA PHE J 6 34.52 -26.73 -21.66
C PHE J 6 34.20 -28.19 -21.35
N LEU J 7 33.20 -28.43 -20.52
CA LEU J 7 32.83 -29.82 -20.20
C LEU J 7 32.41 -30.53 -21.48
N GLY J 8 31.60 -29.86 -22.30
CA GLY J 8 31.17 -30.46 -23.55
C GLY J 8 32.34 -30.81 -24.43
N ASN J 9 33.35 -29.93 -24.49
CA ASN J 9 34.56 -30.22 -25.26
C ASN J 9 35.23 -31.50 -24.78
N ILE J 10 35.40 -31.61 -23.46
CA ILE J 10 36.12 -32.77 -22.94
C ILE J 10 35.32 -34.05 -23.17
N LEU J 11 34.02 -34.00 -22.95
CA LEU J 11 33.19 -35.18 -23.17
C LEU J 11 33.08 -35.54 -24.65
N GLU J 12 33.06 -34.55 -25.53
CA GLU J 12 33.11 -34.82 -26.96
C GLU J 12 34.41 -35.49 -27.34
N GLU J 13 35.52 -35.11 -26.68
CA GLU J 13 36.76 -35.84 -26.86
C GLU J 13 36.63 -37.27 -26.38
N VAL J 14 35.89 -37.47 -25.29
CA VAL J 14 35.67 -38.82 -24.77
C VAL J 14 34.87 -39.66 -25.75
N ASN J 15 33.98 -39.03 -26.51
CA ASN J 15 33.08 -39.76 -27.39
C ASN J 15 33.83 -40.62 -28.41
N GLU J 16 35.08 -40.28 -28.70
CA GLU J 16 35.88 -41.09 -29.60
C GLU J 16 36.18 -42.46 -29.00
N HIS J 17 36.56 -42.49 -27.72
CA HIS J 17 36.94 -43.72 -27.03
C HIS J 17 35.79 -44.47 -26.41
N SER J 18 34.63 -43.84 -26.23
CA SER J 18 33.52 -44.54 -25.60
C SER J 18 32.95 -45.61 -26.52
N THR J 19 32.31 -46.60 -25.91
CA THR J 19 31.67 -47.64 -26.67
C THR J 19 30.42 -47.08 -27.34
N VAL J 20 29.94 -47.79 -28.36
CA VAL J 20 28.81 -47.31 -29.16
C VAL J 20 27.61 -47.06 -28.27
N ILE J 21 27.34 -47.99 -27.36
CA ILE J 21 26.29 -47.78 -26.37
C ILE J 21 26.67 -46.62 -25.47
N GLY J 22 27.96 -46.50 -25.16
CA GLY J 22 28.40 -45.37 -24.35
C GLY J 22 28.19 -44.05 -25.06
N ARG J 23 28.33 -44.05 -26.40
CA ARG J 23 28.06 -42.83 -27.15
C ARG J 23 26.59 -42.49 -27.04
N VAL J 24 25.73 -43.52 -27.13
CA VAL J 24 24.29 -43.31 -26.98
C VAL J 24 23.99 -42.71 -25.61
N TRP J 25 24.67 -43.19 -24.58
CA TRP J 25 24.45 -42.64 -23.24
C TRP J 25 24.90 -41.20 -23.15
N LEU J 26 26.07 -40.89 -23.71
CA LEU J 26 26.58 -39.52 -23.68
C LEU J 26 25.63 -38.58 -24.41
N THR J 27 25.09 -39.03 -25.53
CA THR J 27 24.13 -38.21 -26.26
C THR J 27 22.84 -38.05 -25.47
N VAL J 28 22.38 -39.11 -24.79
CA VAL J 28 21.21 -38.97 -23.94
C VAL J 28 21.45 -37.86 -22.92
N LEU J 29 22.63 -37.89 -22.30
CA LEU J 29 23.02 -36.86 -21.34
C LEU J 29 22.92 -35.46 -21.94
N PHE J 30 23.67 -35.20 -23.01
CA PHE J 30 23.73 -33.84 -23.56
C PHE J 30 22.39 -33.39 -24.12
N ILE J 31 21.76 -34.23 -24.94
CA ILE J 31 20.53 -33.86 -25.63
C ILE J 31 19.42 -33.61 -24.63
N PHE J 32 19.29 -34.44 -23.60
CA PHE J 32 18.16 -34.31 -22.68
C PHE J 32 18.51 -33.59 -21.39
N ARG J 33 19.42 -34.14 -20.57
CA ARG J 33 19.58 -33.59 -19.23
C ARG J 33 20.13 -32.16 -19.25
N ILE J 34 21.17 -31.90 -20.03
CA ILE J 34 21.77 -30.58 -20.03
C ILE J 34 20.87 -29.59 -20.75
N LEU J 35 20.45 -29.95 -21.96
CA LEU J 35 19.68 -29.04 -22.78
C LEU J 35 18.37 -28.66 -22.10
N ILE J 36 17.65 -29.65 -21.56
CA ILE J 36 16.42 -29.37 -20.84
C ILE J 36 16.68 -28.60 -19.56
N LEU J 37 17.73 -28.96 -18.82
CA LEU J 37 18.00 -28.28 -17.55
C LEU J 37 18.27 -26.81 -17.78
N GLY J 38 19.08 -26.48 -18.77
CA GLY J 38 19.39 -25.10 -19.08
C GLY J 38 18.31 -24.34 -19.81
N THR J 39 17.81 -24.95 -20.88
CA THR J 39 16.86 -24.28 -21.77
C THR J 39 15.48 -24.14 -21.15
N ALA J 40 14.95 -25.20 -20.54
CA ALA J 40 13.57 -25.24 -20.07
C ALA J 40 13.43 -25.12 -18.57
N ALA J 41 14.11 -25.97 -17.81
CA ALA J 41 13.94 -26.00 -16.36
C ALA J 41 14.34 -24.69 -15.71
N ASP J 42 15.41 -24.08 -16.20
CA ASP J 42 15.92 -22.85 -15.58
C ASP J 42 14.86 -21.77 -15.55
N PHE J 43 14.07 -21.65 -16.61
CA PHE J 43 13.03 -20.63 -16.67
C PHE J 43 11.86 -21.01 -15.79
N VAL J 44 11.64 -22.31 -15.60
CA VAL J 44 10.57 -22.78 -14.75
C VAL J 44 10.86 -22.42 -13.30
N TRP J 45 12.00 -22.88 -12.80
CA TRP J 45 12.38 -22.62 -11.41
C TRP J 45 12.90 -21.21 -11.17
N GLY J 46 13.03 -20.38 -12.21
CA GLY J 46 13.55 -19.03 -11.99
C GLY J 46 12.66 -18.15 -11.15
N ASP J 47 11.38 -18.51 -11.00
CA ASP J 47 10.43 -17.80 -10.17
C ASP J 47 9.91 -18.72 -9.07
N GLU J 48 10.83 -19.50 -8.49
CA GLU J 48 10.46 -20.49 -7.50
C GLU J 48 10.16 -19.85 -6.16
N GLN J 49 10.91 -18.80 -5.81
CA GLN J 49 10.73 -18.09 -4.55
C GLN J 49 9.99 -16.78 -4.70
N SER J 50 10.10 -16.14 -5.86
CA SER J 50 9.39 -14.88 -6.08
C SER J 50 7.90 -15.07 -5.98
N ASP J 51 7.38 -16.17 -6.53
CA ASP J 51 5.96 -16.46 -6.57
C ASP J 51 5.53 -17.46 -5.53
N PHE J 52 6.37 -17.75 -4.55
CA PHE J 52 6.01 -18.63 -3.44
C PHE J 52 5.34 -17.75 -2.41
N VAL J 53 4.04 -17.55 -2.58
CA VAL J 53 3.27 -16.68 -1.70
C VAL J 53 2.62 -17.55 -0.65
N CYS J 54 2.89 -17.22 0.61
CA CYS J 54 2.24 -17.86 1.74
C CYS J 54 1.12 -16.97 2.25
N ASN J 55 0.33 -17.51 3.17
CA ASN J 55 -0.91 -16.88 3.57
C ASN J 55 -0.71 -15.84 4.66
N THR J 56 0.14 -16.13 5.64
CA THR J 56 0.35 -15.21 6.74
C THR J 56 1.05 -13.93 6.30
N GLN J 57 0.79 -12.86 7.03
CA GLN J 57 1.45 -11.58 6.83
C GLN J 57 2.63 -11.41 7.78
N GLN J 58 3.11 -12.50 8.37
CA GLN J 58 4.38 -12.46 9.07
C GLN J 58 5.49 -12.14 8.08
N PRO J 59 6.55 -11.47 8.53
CA PRO J 59 7.57 -11.05 7.58
C PRO J 59 8.46 -12.18 7.09
N GLY J 60 8.88 -13.06 7.98
CA GLY J 60 9.88 -14.07 7.67
C GLY J 60 9.38 -15.46 7.36
N CYS J 61 8.07 -15.69 7.50
CA CYS J 61 7.55 -17.04 7.32
C CYS J 61 7.76 -17.55 5.90
N GLU J 62 7.74 -16.65 4.92
CA GLU J 62 7.73 -17.07 3.53
C GLU J 62 9.01 -17.80 3.15
N ASN J 63 10.16 -17.17 3.34
CA ASN J 63 11.40 -17.75 2.87
C ASN J 63 11.83 -18.92 3.74
N VAL J 64 11.53 -18.87 5.03
CA VAL J 64 11.79 -20.00 5.91
C VAL J 64 10.99 -21.22 5.47
N CYS J 65 9.69 -21.03 5.23
CA CYS J 65 8.86 -22.15 4.85
C CYS J 65 9.23 -22.67 3.48
N TYR J 66 9.68 -21.78 2.59
CA TYR J 66 10.21 -22.23 1.32
C TYR J 66 11.41 -23.14 1.54
N ASP J 67 12.35 -22.69 2.37
CA ASP J 67 13.55 -23.45 2.64
C ASP J 67 13.23 -24.82 3.21
N GLU J 68 12.30 -24.90 4.14
CA GLU J 68 11.87 -26.20 4.65
C GLU J 68 11.26 -27.04 3.54
N ALA J 69 10.38 -26.46 2.73
CA ALA J 69 9.72 -27.19 1.66
C ALA J 69 10.72 -27.70 0.63
N PHE J 70 11.61 -26.83 0.19
CA PHE J 70 12.63 -27.14 -0.80
C PHE J 70 13.99 -26.90 -0.15
N PRO J 71 14.57 -27.92 0.50
CA PRO J 71 15.89 -27.69 1.12
C PRO J 71 16.92 -27.32 0.09
N ILE J 72 16.96 -28.06 -1.00
CA ILE J 72 17.76 -27.73 -2.17
C ILE J 72 16.85 -27.82 -3.38
N SER J 73 17.01 -26.91 -4.31
CA SER J 73 16.16 -26.88 -5.50
C SER J 73 16.45 -28.07 -6.39
N HIS J 74 15.42 -28.51 -7.10
CA HIS J 74 15.56 -29.68 -7.97
C HIS J 74 16.61 -29.46 -9.05
N ILE J 75 16.67 -28.24 -9.60
CA ILE J 75 17.70 -27.93 -10.59
C ILE J 75 19.08 -28.12 -10.00
N ARG J 76 19.32 -27.63 -8.79
CA ARG J 76 20.64 -27.76 -8.21
C ARG J 76 21.02 -29.23 -8.09
N LEU J 77 20.14 -30.03 -7.48
CA LEU J 77 20.34 -31.47 -7.39
C LEU J 77 20.65 -32.12 -8.74
N TRP J 78 19.94 -31.71 -9.81
CA TRP J 78 20.27 -32.22 -11.14
C TRP J 78 21.58 -31.69 -11.71
N VAL J 79 22.00 -30.49 -11.37
CA VAL J 79 23.31 -30.02 -11.80
C VAL J 79 24.40 -30.87 -11.15
N LEU J 80 24.29 -31.05 -9.84
CA LEU J 80 25.21 -31.92 -9.11
C LEU J 80 25.14 -33.36 -9.62
N GLN J 81 23.96 -33.84 -9.96
CA GLN J 81 23.82 -35.22 -10.42
C GLN J 81 24.46 -35.40 -11.79
N ILE J 82 24.20 -34.47 -12.70
CA ILE J 82 24.77 -34.52 -14.04
C ILE J 82 26.29 -34.50 -13.94
N ILE J 83 26.83 -33.62 -13.11
CA ILE J 83 28.27 -33.53 -12.93
C ILE J 83 28.85 -34.80 -12.31
N PHE J 84 28.23 -35.29 -11.25
CA PHE J 84 28.76 -36.46 -10.56
C PHE J 84 28.73 -37.70 -11.45
N VAL J 85 27.59 -37.94 -12.10
CA VAL J 85 27.46 -39.07 -13.02
C VAL J 85 28.38 -38.93 -14.23
N SER J 86 28.52 -37.73 -14.78
CA SER J 86 29.46 -37.50 -15.87
C SER J 86 30.93 -37.67 -15.49
N THR J 87 31.30 -37.36 -14.24
CA THR J 87 32.72 -37.33 -13.89
C THR J 87 33.48 -38.62 -14.12
N PRO J 88 32.95 -39.82 -13.82
CA PRO J 88 33.73 -41.04 -14.08
C PRO J 88 34.21 -41.18 -15.51
N SER J 89 33.38 -40.80 -16.48
CA SER J 89 33.81 -40.79 -17.87
C SER J 89 35.03 -39.91 -18.07
N LEU J 90 35.01 -38.71 -17.47
CA LEU J 90 36.14 -37.80 -17.59
C LEU J 90 37.38 -38.43 -16.96
N VAL J 91 37.22 -39.10 -15.82
CA VAL J 91 38.36 -39.76 -15.17
C VAL J 91 38.92 -40.83 -16.10
N TYR J 92 38.04 -41.56 -16.77
CA TYR J 92 38.49 -42.62 -17.68
C TYR J 92 39.26 -42.04 -18.85
N VAL J 93 38.77 -40.97 -19.47
CA VAL J 93 39.51 -40.40 -20.60
C VAL J 93 40.86 -39.91 -20.10
N GLY J 94 40.90 -39.35 -18.89
CA GLY J 94 42.16 -38.88 -18.34
C GLY J 94 43.16 -40.01 -18.26
N HIS J 95 42.71 -41.18 -17.84
CA HIS J 95 43.57 -42.37 -17.88
C HIS J 95 43.96 -42.72 -19.31
N ALA J 96 43.00 -42.69 -20.24
CA ALA J 96 43.30 -43.01 -21.64
C ALA J 96 44.28 -42.03 -22.24
N VAL J 97 44.04 -40.74 -22.05
CA VAL J 97 44.94 -39.70 -22.55
C VAL J 97 46.29 -39.86 -21.88
N LEU J 154 42.94 -51.54 -18.35
CA LEU J 154 42.11 -50.49 -18.93
C LEU J 154 40.65 -50.87 -18.83
N LEU J 155 40.36 -52.12 -19.17
CA LEU J 155 38.99 -52.62 -19.12
C LEU J 155 38.45 -52.54 -17.70
N ARG J 156 39.29 -52.88 -16.71
CA ARG J 156 38.87 -52.79 -15.31
C ARG J 156 38.49 -51.36 -14.96
N THR J 157 39.26 -50.39 -15.45
CA THR J 157 38.93 -48.99 -15.24
C THR J 157 37.56 -48.66 -15.81
N TYR J 158 37.26 -49.18 -17.00
CA TYR J 158 35.97 -48.93 -17.62
C TYR J 158 34.83 -49.48 -16.77
N VAL J 159 35.01 -50.71 -16.28
CA VAL J 159 34.00 -51.33 -15.44
C VAL J 159 33.80 -50.53 -14.16
N CYS J 160 34.90 -50.12 -13.53
CA CYS J 160 34.79 -49.34 -12.31
C CYS J 160 34.06 -48.03 -12.55
N HIS J 161 34.40 -47.34 -13.64
CA HIS J 161 33.76 -46.05 -13.91
C HIS J 161 32.27 -46.21 -14.19
N ILE J 162 31.88 -47.21 -14.99
CA ILE J 162 30.45 -47.36 -15.26
C ILE J 162 29.70 -47.77 -13.99
N ILE J 163 30.31 -48.62 -13.16
CA ILE J 163 29.68 -48.98 -11.90
C ILE J 163 29.48 -47.72 -11.04
N PHE J 164 30.51 -46.86 -10.97
CA PHE J 164 30.37 -45.60 -10.23
C PHE J 164 29.21 -44.78 -10.77
N LYS J 165 29.13 -44.63 -12.10
CA LYS J 165 28.02 -43.89 -12.69
C LYS J 165 26.68 -44.46 -12.25
N THR J 166 26.54 -45.78 -12.38
CA THR J 166 25.32 -46.47 -11.99
C THR J 166 24.97 -46.19 -10.53
N LEU J 167 25.94 -46.40 -9.63
CA LEU J 167 25.65 -46.28 -8.21
C LEU J 167 25.33 -44.85 -7.83
N PHE J 168 26.05 -43.87 -8.39
CA PHE J 168 25.77 -42.48 -8.06
C PHE J 168 24.40 -42.07 -8.57
N GLU J 169 24.05 -42.46 -9.80
CA GLU J 169 22.76 -42.08 -10.34
C GLU J 169 21.63 -42.74 -9.56
N VAL J 170 21.83 -43.98 -9.12
CA VAL J 170 20.87 -44.63 -8.24
C VAL J 170 20.73 -43.84 -6.95
N GLY J 171 21.86 -43.44 -6.37
CA GLY J 171 21.83 -42.65 -5.15
C GLY J 171 21.07 -41.36 -5.32
N PHE J 172 21.20 -40.75 -6.49
CA PHE J 172 20.52 -39.48 -6.71
C PHE J 172 19.03 -39.66 -6.90
N ILE J 173 18.60 -40.68 -7.66
CA ILE J 173 17.16 -40.85 -7.81
C ILE J 173 16.51 -41.23 -6.48
N VAL J 174 17.20 -42.03 -5.66
CA VAL J 174 16.58 -42.40 -4.39
C VAL J 174 16.63 -41.25 -3.39
N GLY J 175 17.70 -40.46 -3.39
CA GLY J 175 17.73 -39.29 -2.54
C GLY J 175 16.67 -38.28 -2.92
N HIS J 176 16.53 -38.03 -4.22
CA HIS J 176 15.51 -37.11 -4.69
C HIS J 176 14.13 -37.60 -4.30
N TYR J 177 13.86 -38.91 -4.47
CA TYR J 177 12.58 -39.45 -4.03
C TYR J 177 12.39 -39.24 -2.53
N PHE J 178 13.47 -39.40 -1.75
CA PHE J 178 13.37 -39.24 -0.30
C PHE J 178 12.95 -37.82 0.04
N LEU J 179 13.58 -36.83 -0.59
CA LEU J 179 13.22 -35.45 -0.32
C LEU J 179 11.81 -35.13 -0.81
N TYR J 180 11.54 -35.43 -2.08
CA TYR J 180 10.22 -35.25 -2.67
C TYR J 180 9.92 -36.45 -3.55
N GLY J 181 8.77 -37.09 -3.30
CA GLY J 181 8.43 -38.30 -4.02
C GLY J 181 7.84 -38.05 -5.39
N PHE J 182 8.65 -37.45 -6.26
CA PHE J 182 8.31 -37.16 -7.65
C PHE J 182 6.91 -36.61 -7.86
N ARG J 183 6.44 -35.77 -6.94
CA ARG J 183 5.12 -35.20 -7.04
C ARG J 183 4.97 -33.92 -6.21
N ILE J 184 5.39 -32.78 -6.75
CA ILE J 184 5.18 -31.52 -6.05
C ILE J 184 3.69 -31.27 -5.95
N LEU J 185 3.27 -30.96 -4.80
CA LEU J 185 1.90 -30.57 -4.52
C LEU J 185 1.83 -29.06 -4.44
N PRO J 186 0.71 -28.42 -4.82
CA PRO J 186 0.66 -26.96 -4.76
C PRO J 186 0.72 -26.42 -3.35
N LEU J 187 0.35 -27.20 -2.35
CA LEU J 187 0.24 -26.75 -0.98
C LEU J 187 1.32 -27.36 -0.11
N TYR J 188 1.82 -26.57 0.83
CA TYR J 188 2.76 -27.05 1.82
C TYR J 188 2.47 -26.33 3.14
N ARG J 189 1.88 -27.05 4.08
CA ARG J 189 1.71 -26.51 5.42
C ARG J 189 2.98 -26.72 6.22
N CYS J 190 3.49 -25.63 6.79
CA CYS J 190 4.74 -25.63 7.53
C CYS J 190 4.55 -24.95 8.87
N SER J 191 5.46 -25.24 9.78
CA SER J 191 5.34 -24.86 11.17
C SER J 191 6.67 -24.40 11.72
N ARG J 192 7.46 -23.71 10.92
CA ARG J 192 8.71 -23.16 11.41
C ARG J 192 8.40 -22.09 12.46
N TRP J 193 9.43 -21.64 13.15
CA TRP J 193 9.22 -20.75 14.29
C TRP J 193 8.53 -19.45 13.93
N PRO J 194 9.00 -18.65 12.96
CA PRO J 194 8.28 -17.41 12.67
C PRO J 194 6.90 -17.67 12.12
N CYS J 195 6.70 -18.77 11.40
CA CYS J 195 5.39 -19.11 10.89
C CYS J 195 4.49 -19.53 12.04
N PRO J 196 3.42 -18.79 12.37
CA PRO J 196 2.58 -19.17 13.51
C PRO J 196 1.42 -20.10 13.22
N ASN J 197 1.22 -21.16 14.01
CA ASN J 197 0.06 -22.03 13.84
C ASN J 197 -0.08 -22.69 12.47
N VAL J 198 0.98 -23.36 12.04
CA VAL J 198 1.03 -24.15 10.80
C VAL J 198 0.31 -23.55 9.59
N VAL J 199 0.78 -22.39 9.15
CA VAL J 199 0.22 -21.72 7.98
C VAL J 199 0.44 -22.56 6.72
N ASP J 200 -0.54 -22.52 5.82
CA ASP J 200 -0.45 -23.20 4.53
C ASP J 200 0.13 -22.25 3.47
N CYS J 201 1.25 -22.63 2.88
CA CYS J 201 1.91 -21.84 1.85
C CYS J 201 1.76 -22.53 0.50
N PHE J 202 1.92 -21.76 -0.57
CA PHE J 202 1.69 -22.24 -1.92
C PHE J 202 2.94 -22.14 -2.78
N VAL J 203 2.96 -22.97 -3.83
CA VAL J 203 4.10 -23.17 -4.69
C VAL J 203 3.75 -22.69 -6.09
N SER J 204 4.77 -22.29 -6.84
CA SER J 204 4.63 -21.82 -8.21
C SER J 204 4.89 -22.95 -9.19
N ARG J 205 4.08 -22.99 -10.25
CA ARG J 205 4.13 -23.98 -11.32
C ARG J 205 4.35 -25.41 -10.81
N PRO J 206 3.49 -25.90 -9.92
CA PRO J 206 3.69 -27.26 -9.40
C PRO J 206 3.60 -28.34 -10.46
N THR J 207 2.54 -28.30 -11.28
CA THR J 207 2.33 -29.33 -12.29
C THR J 207 3.49 -29.42 -13.26
N GLU J 208 3.93 -28.28 -13.79
CA GLU J 208 5.04 -28.28 -14.72
C GLU J 208 6.31 -28.79 -14.07
N LYS J 209 6.48 -28.51 -12.79
CA LYS J 209 7.69 -28.94 -12.10
C LYS J 209 7.67 -30.45 -11.90
N THR J 210 6.52 -31.02 -11.58
CA THR J 210 6.49 -32.46 -11.44
C THR J 210 6.61 -33.15 -12.79
N ILE J 211 6.15 -32.49 -13.85
CA ILE J 211 6.35 -33.04 -15.18
C ILE J 211 7.83 -33.15 -15.51
N PHE J 212 8.60 -32.09 -15.26
CA PHE J 212 10.03 -32.19 -15.50
C PHE J 212 10.70 -33.16 -14.53
N ILE J 213 10.25 -33.21 -13.28
CA ILE J 213 10.80 -34.19 -12.35
C ILE J 213 10.63 -35.60 -12.89
N LEU J 214 9.40 -35.96 -13.27
CA LEU J 214 9.14 -37.29 -13.81
C LEU J 214 9.94 -37.54 -15.07
N PHE J 215 10.00 -36.54 -15.95
CA PHE J 215 10.75 -36.65 -17.19
C PHE J 215 12.20 -37.00 -16.91
N MET J 216 12.86 -36.20 -16.09
CA MET J 216 14.27 -36.40 -15.79
C MET J 216 14.50 -37.67 -14.99
N LEU J 217 13.53 -38.09 -14.18
CA LEU J 217 13.63 -39.36 -13.49
C LEU J 217 13.60 -40.51 -14.47
N SER J 218 12.75 -40.43 -15.49
CA SER J 218 12.73 -41.46 -16.51
C SER J 218 14.00 -41.43 -17.33
N VAL J 219 14.56 -40.26 -17.55
CA VAL J 219 15.83 -40.15 -18.25
C VAL J 219 16.94 -40.81 -17.45
N ALA J 220 16.95 -40.61 -16.13
CA ALA J 220 17.94 -41.26 -15.29
C ALA J 220 17.74 -42.77 -15.28
N SER J 221 16.50 -43.23 -15.28
CA SER J 221 16.25 -44.66 -15.36
C SER J 221 16.74 -45.22 -16.70
N VAL J 222 16.58 -44.45 -17.76
CA VAL J 222 17.10 -44.86 -19.06
C VAL J 222 18.62 -44.94 -19.04
N SER J 223 19.26 -43.97 -18.39
CA SER J 223 20.71 -44.01 -18.27
C SER J 223 21.17 -45.23 -17.49
N LEU J 224 20.40 -45.60 -16.46
CA LEU J 224 20.71 -46.81 -15.72
C LEU J 224 20.54 -48.05 -16.58
N PHE J 225 19.47 -48.11 -17.37
CA PHE J 225 19.29 -49.23 -18.28
C PHE J 225 20.47 -49.33 -19.23
N LEU J 226 20.87 -48.21 -19.83
CA LEU J 226 22.00 -48.22 -20.76
C LEU J 226 23.26 -48.70 -20.08
N ASN J 227 23.53 -48.20 -18.87
CA ASN J 227 24.77 -48.54 -18.20
C ASN J 227 24.80 -50.02 -17.81
N ILE J 228 23.72 -50.55 -17.27
CA ILE J 228 23.75 -51.95 -16.83
C ILE J 228 23.70 -52.89 -18.02
N LEU J 229 22.98 -52.54 -19.09
CA LEU J 229 22.99 -53.38 -20.27
C LEU J 229 24.36 -53.38 -20.92
N GLU J 230 25.01 -52.23 -20.98
CA GLU J 230 26.40 -52.17 -21.43
C GLU J 230 27.29 -53.05 -20.55
N MET J 231 27.08 -52.99 -19.23
CA MET J 231 27.84 -53.82 -18.30
C MET J 231 27.70 -55.30 -18.63
N SER J 232 26.46 -55.83 -18.57
CA SER J 232 26.22 -57.23 -18.88
C SER J 232 26.74 -57.58 -20.28
N HIS J 233 26.59 -56.66 -21.23
CA HIS J 233 27.09 -56.85 -22.58
C HIS J 233 28.59 -57.04 -22.57
N LEU J 234 29.30 -56.12 -21.90
CA LEU J 234 30.75 -56.12 -21.86
C LEU J 234 31.25 -56.50 -20.47
N GLY K 2 30.14 -17.25 -16.79
CA GLY K 2 30.90 -16.02 -16.66
C GLY K 2 31.99 -15.88 -17.70
N ASP K 3 32.78 -14.81 -17.58
CA ASP K 3 33.86 -14.49 -18.53
C ASP K 3 35.08 -15.39 -18.26
N TRP K 4 34.86 -16.70 -18.32
CA TRP K 4 35.86 -17.71 -18.04
C TRP K 4 36.50 -18.35 -19.27
N SER K 5 36.17 -17.89 -20.48
CA SER K 5 36.75 -18.52 -21.67
C SER K 5 38.27 -18.36 -21.72
N PHE K 6 38.78 -17.13 -21.56
CA PHE K 6 40.22 -16.93 -21.70
C PHE K 6 41.02 -17.68 -20.64
N LEU K 7 40.56 -17.63 -19.38
CA LEU K 7 41.26 -18.36 -18.33
C LEU K 7 41.26 -19.84 -18.64
N GLY K 8 40.11 -20.37 -19.08
CA GLY K 8 40.03 -21.76 -19.43
C GLY K 8 41.00 -22.13 -20.54
N ASN K 9 41.14 -21.24 -21.53
CA ASN K 9 42.11 -21.48 -22.61
C ASN K 9 43.52 -21.61 -22.05
N ILE K 10 43.91 -20.68 -21.17
CA ILE K 10 45.29 -20.68 -20.67
C ILE K 10 45.53 -21.91 -19.80
N LEU K 11 44.57 -22.26 -18.95
CA LEU K 11 44.73 -23.42 -18.10
C LEU K 11 44.69 -24.72 -18.89
N GLU K 12 43.89 -24.78 -19.96
CA GLU K 12 43.92 -25.94 -20.84
C GLU K 12 45.27 -26.07 -21.52
N GLU K 13 45.90 -24.94 -21.85
CA GLU K 13 47.28 -24.98 -22.33
C GLU K 13 48.21 -25.52 -21.24
N VAL K 14 47.95 -25.16 -19.98
CA VAL K 14 48.77 -25.67 -18.89
C VAL K 14 48.61 -27.16 -18.73
N ASN K 15 47.44 -27.70 -19.06
CA ASN K 15 47.16 -29.11 -18.84
C ASN K 15 48.14 -30.03 -19.55
N GLU K 16 48.80 -29.53 -20.60
CA GLU K 16 49.81 -30.32 -21.30
C GLU K 16 51.01 -30.56 -20.41
N HIS K 17 51.48 -29.52 -19.72
CA HIS K 17 52.67 -29.59 -18.90
C HIS K 17 52.42 -30.05 -17.46
N SER K 18 51.18 -30.03 -16.99
CA SER K 18 50.91 -30.43 -15.62
C SER K 18 51.10 -31.94 -15.45
N THR K 19 51.37 -32.32 -14.21
CA THR K 19 51.51 -33.73 -13.90
C THR K 19 50.13 -34.37 -13.94
N VAL K 20 50.13 -35.71 -14.04
CA VAL K 20 48.87 -36.46 -14.20
C VAL K 20 47.94 -36.16 -13.02
N ILE K 21 48.50 -36.16 -11.82
CA ILE K 21 47.72 -35.77 -10.65
C ILE K 21 47.33 -34.30 -10.78
N GLY K 22 48.24 -33.48 -11.33
CA GLY K 22 47.91 -32.08 -11.54
C GLY K 22 46.79 -31.92 -12.53
N ARG K 23 46.71 -32.80 -13.54
CA ARG K 23 45.58 -32.74 -14.47
C ARG K 23 44.29 -33.06 -13.73
N VAL K 24 44.36 -34.06 -12.85
CA VAL K 24 43.18 -34.41 -12.04
C VAL K 24 42.74 -33.21 -11.20
N TRP K 25 43.70 -32.48 -10.64
CA TRP K 25 43.35 -31.30 -9.85
C TRP K 25 42.72 -30.22 -10.70
N LEU K 26 43.29 -29.97 -11.88
CA LEU K 26 42.75 -28.97 -12.78
C LEU K 26 41.32 -29.32 -13.19
N THR K 27 41.09 -30.60 -13.46
CA THR K 27 39.74 -31.02 -13.82
C THR K 27 38.80 -30.90 -12.63
N VAL K 28 39.26 -31.20 -11.42
CA VAL K 28 38.42 -30.98 -10.25
C VAL K 28 38.00 -29.53 -10.19
N LEU K 29 38.95 -28.62 -10.40
CA LEU K 29 38.68 -27.20 -10.43
C LEU K 29 37.58 -26.85 -11.44
N PHE K 30 37.81 -27.15 -12.72
CA PHE K 30 36.87 -26.73 -13.75
C PHE K 30 35.52 -27.41 -13.61
N ILE K 31 35.52 -28.73 -13.44
CA ILE K 31 34.28 -29.50 -13.41
C ILE K 31 33.43 -29.09 -12.22
N PHE K 32 34.03 -28.90 -11.05
CA PHE K 32 33.25 -28.63 -9.84
C PHE K 32 33.20 -27.15 -9.48
N ARG K 33 34.33 -26.52 -9.17
CA ARG K 33 34.27 -25.19 -8.58
C ARG K 33 33.70 -24.16 -9.56
N ILE K 34 34.18 -24.14 -10.79
CA ILE K 34 33.73 -23.13 -11.74
C ILE K 34 32.31 -23.44 -12.20
N LEU K 35 32.09 -24.67 -12.64
CA LEU K 35 30.80 -25.03 -13.20
C LEU K 35 29.68 -24.86 -12.18
N ILE K 36 29.89 -25.33 -10.95
CA ILE K 36 28.90 -25.17 -9.89
C ILE K 36 28.74 -23.71 -9.52
N LEU K 37 29.85 -22.96 -9.41
CA LEU K 37 29.76 -21.57 -9.00
C LEU K 37 28.95 -20.76 -9.98
N GLY K 38 29.19 -20.95 -11.28
CA GLY K 38 28.45 -20.24 -12.30
C GLY K 38 27.04 -20.76 -12.56
N THR K 39 26.94 -22.08 -12.74
CA THR K 39 25.69 -22.70 -13.14
C THR K 39 24.66 -22.73 -12.02
N ALA K 40 25.07 -23.13 -10.82
CA ALA K 40 24.16 -23.37 -9.71
C ALA K 40 24.17 -22.29 -8.64
N ALA K 41 25.34 -21.98 -8.09
CA ALA K 41 25.43 -21.04 -6.99
C ALA K 41 24.93 -19.65 -7.37
N ASP K 42 25.24 -19.21 -8.59
CA ASP K 42 24.87 -17.86 -9.00
C ASP K 42 23.37 -17.64 -8.89
N PHE K 43 22.57 -18.64 -9.25
CA PHE K 43 21.12 -18.52 -9.19
C PHE K 43 20.64 -18.58 -7.76
N VAL K 44 21.38 -19.29 -6.90
CA VAL K 44 21.02 -19.39 -5.50
C VAL K 44 21.20 -18.03 -4.82
N TRP K 45 22.40 -17.48 -4.89
CA TRP K 45 22.69 -16.20 -4.27
C TRP K 45 22.16 -15.01 -5.05
N GLY K 46 21.55 -15.20 -6.21
CA GLY K 46 21.06 -14.07 -6.97
C GLY K 46 19.93 -13.31 -6.31
N ASP K 47 19.26 -13.92 -5.33
CA ASP K 47 18.20 -13.31 -4.55
C ASP K 47 18.59 -13.28 -3.10
N GLU K 48 19.85 -12.94 -2.84
CA GLU K 48 20.38 -12.97 -1.48
C GLU K 48 19.91 -11.76 -0.69
N GLN K 49 19.79 -10.60 -1.34
CA GLN K 49 19.36 -9.37 -0.70
C GLN K 49 17.92 -9.03 -1.00
N SER K 50 17.42 -9.42 -2.16
CA SER K 50 16.03 -9.14 -2.51
C SER K 50 15.07 -9.79 -1.52
N ASP K 51 15.38 -11.02 -1.12
CA ASP K 51 14.52 -11.79 -0.23
C ASP K 51 15.01 -11.79 1.21
N PHE K 52 15.95 -10.93 1.55
CA PHE K 52 16.42 -10.80 2.93
C PHE K 52 15.49 -9.83 3.60
N VAL K 53 14.37 -10.36 4.11
CA VAL K 53 13.35 -9.55 4.75
C VAL K 53 13.60 -9.56 6.24
N CYS K 54 13.75 -8.37 6.80
CA CYS K 54 13.85 -8.20 8.24
C CYS K 54 12.51 -7.78 8.80
N ASN K 55 12.42 -7.75 10.11
CA ASN K 55 11.14 -7.60 10.80
C ASN K 55 10.73 -6.14 10.95
N THR K 56 11.67 -5.27 11.30
CA THR K 56 11.36 -3.88 11.52
C THR K 56 10.95 -3.18 10.24
N GLN K 57 10.14 -2.13 10.39
CA GLN K 57 9.74 -1.27 9.30
C GLN K 57 10.61 -0.03 9.22
N GLN K 58 11.77 -0.05 9.87
CA GLN K 58 12.76 0.98 9.64
C GLN K 58 13.22 0.91 8.18
N PRO K 59 13.61 2.04 7.60
CA PRO K 59 13.96 2.03 6.17
C PRO K 59 15.29 1.38 5.87
N GLY K 60 16.31 1.67 6.67
CA GLY K 60 17.66 1.28 6.36
C GLY K 60 18.19 0.05 7.07
N CYS K 61 17.42 -0.51 7.99
CA CYS K 61 17.92 -1.63 8.78
C CYS K 61 18.22 -2.84 7.93
N GLU K 62 17.48 -3.04 6.84
CA GLU K 62 17.56 -4.27 6.07
C GLU K 62 18.94 -4.44 5.45
N ASN K 63 19.37 -3.47 4.65
CA ASN K 63 20.61 -3.64 3.90
C ASN K 63 21.82 -3.54 4.81
N VAL K 64 21.74 -2.70 5.85
CA VAL K 64 22.81 -2.64 6.83
C VAL K 64 22.99 -3.98 7.53
N CYS K 65 21.88 -4.55 8.00
CA CYS K 65 21.97 -5.80 8.72
C CYS K 65 22.41 -6.93 7.81
N TYR K 66 22.02 -6.87 6.54
CA TYR K 66 22.55 -7.82 5.56
C TYR K 66 24.05 -7.71 5.47
N ASP K 67 24.55 -6.48 5.32
CA ASP K 67 25.98 -6.24 5.20
C ASP K 67 26.74 -6.77 6.40
N GLU K 68 26.22 -6.53 7.60
CA GLU K 68 26.85 -7.08 8.79
C GLU K 68 26.84 -8.60 8.75
N ALA K 69 25.68 -9.19 8.41
CA ALA K 69 25.57 -10.64 8.37
C ALA K 69 26.49 -11.26 7.34
N PHE K 70 26.49 -10.71 6.13
CA PHE K 70 27.33 -11.19 5.03
C PHE K 70 28.24 -10.04 4.63
N PRO K 71 29.43 -9.93 5.22
CA PRO K 71 30.32 -8.84 4.82
C PRO K 71 30.69 -8.93 3.36
N ILE K 72 31.07 -10.12 2.92
CA ILE K 72 31.27 -10.43 1.52
C ILE K 72 30.51 -11.71 1.24
N SER K 73 29.89 -11.79 0.07
CA SER K 73 29.09 -12.94 -0.28
C SER K 73 29.99 -14.15 -0.52
N HIS K 74 29.45 -15.33 -0.24
CA HIS K 74 30.21 -16.56 -0.37
C HIS K 74 30.68 -16.78 -1.80
N ILE K 75 29.83 -16.43 -2.78
CA ILE K 75 30.24 -16.54 -4.18
C ILE K 75 31.46 -15.68 -4.46
N ARG K 76 31.46 -14.44 -3.97
CA ARG K 76 32.59 -13.57 -4.23
C ARG K 76 33.87 -14.19 -3.68
N LEU K 77 33.84 -14.58 -2.40
CA LEU K 77 34.97 -15.26 -1.78
C LEU K 77 35.44 -16.46 -2.59
N TRP K 78 34.52 -17.27 -3.12
CA TRP K 78 34.91 -18.38 -4.00
C TRP K 78 35.45 -17.95 -5.35
N VAL K 79 34.99 -16.84 -5.91
CA VAL K 79 35.58 -16.36 -7.15
C VAL K 79 37.02 -15.94 -6.91
N LEU K 80 37.24 -15.16 -5.86
CA LEU K 80 38.59 -14.78 -5.45
C LEU K 80 39.44 -15.99 -5.11
N GLN K 81 38.85 -17.00 -4.47
CA GLN K 81 39.61 -18.17 -4.07
C GLN K 81 40.02 -18.98 -5.29
N ILE K 82 39.08 -19.21 -6.20
CA ILE K 82 39.36 -19.95 -7.42
C ILE K 82 40.46 -19.27 -8.22
N ILE K 83 40.38 -17.94 -8.34
CA ILE K 83 41.40 -17.19 -9.06
C ILE K 83 42.74 -17.25 -8.36
N PHE K 84 42.77 -17.03 -7.04
CA PHE K 84 44.03 -17.01 -6.33
C PHE K 84 44.72 -18.36 -6.34
N VAL K 85 43.97 -19.42 -6.06
CA VAL K 85 44.51 -20.78 -6.08
C VAL K 85 44.92 -21.19 -7.50
N SER K 86 44.15 -20.83 -8.52
CA SER K 86 44.54 -21.10 -9.90
C SER K 86 45.77 -20.32 -10.37
N THR K 87 46.00 -19.11 -9.85
CA THR K 87 47.06 -18.27 -10.41
C THR K 87 48.45 -18.87 -10.40
N PRO K 88 48.90 -19.57 -9.34
CA PRO K 88 50.26 -20.15 -9.37
C PRO K 88 50.51 -21.04 -10.57
N SER K 89 49.52 -21.84 -10.97
CA SER K 89 49.64 -22.66 -12.17
C SER K 89 49.92 -21.79 -13.39
N LEU K 90 49.17 -20.70 -13.52
CA LEU K 90 49.38 -19.79 -14.65
C LEU K 90 50.80 -19.21 -14.61
N VAL K 91 51.27 -18.85 -13.42
CA VAL K 91 52.63 -18.32 -13.29
C VAL K 91 53.64 -19.37 -13.76
N TYR K 92 53.40 -20.63 -13.39
CA TYR K 92 54.32 -21.69 -13.78
C TYR K 92 54.33 -21.89 -15.28
N VAL K 93 53.16 -21.90 -15.93
CA VAL K 93 53.17 -22.07 -17.40
C VAL K 93 53.90 -20.90 -18.03
N GLY K 94 53.71 -19.70 -17.46
CA GLY K 94 54.39 -18.53 -18.00
C GLY K 94 55.89 -18.72 -17.98
N HIS K 95 56.41 -19.29 -16.89
CA HIS K 95 57.82 -19.64 -16.84
C HIS K 95 58.15 -20.70 -17.89
N ALA K 96 57.31 -21.74 -18.01
CA ALA K 96 57.55 -22.79 -18.99
C ALA K 96 57.53 -22.25 -20.41
N VAL K 97 56.51 -21.47 -20.75
CA VAL K 97 56.40 -20.87 -22.07
C VAL K 97 57.59 -19.94 -22.27
N LEU K 154 63.46 -25.54 -12.58
CA LEU K 154 62.08 -25.68 -13.00
C LEU K 154 61.26 -26.42 -11.94
N LEU K 155 61.86 -27.51 -11.44
CA LEU K 155 61.21 -28.30 -10.40
C LEU K 155 60.94 -27.46 -9.17
N ARG K 156 61.91 -26.62 -8.79
CA ARG K 156 61.73 -25.75 -7.64
C ARG K 156 60.54 -24.83 -7.84
N THR K 157 60.38 -24.31 -9.06
CA THR K 157 59.23 -23.47 -9.38
C THR K 157 57.93 -24.24 -9.17
N TYR K 158 57.91 -25.50 -9.59
CA TYR K 158 56.71 -26.33 -9.41
C TYR K 158 56.38 -26.49 -7.95
N VAL K 159 57.40 -26.78 -7.13
CA VAL K 159 57.19 -26.96 -5.70
C VAL K 159 56.68 -25.67 -5.08
N CYS K 160 57.27 -24.54 -5.44
CA CYS K 160 56.84 -23.26 -4.90
C CYS K 160 55.39 -22.98 -5.27
N HIS K 161 55.03 -23.21 -6.53
CA HIS K 161 53.68 -22.91 -6.97
C HIS K 161 52.66 -23.80 -6.26
N ILE K 162 52.93 -25.11 -6.13
CA ILE K 162 51.95 -25.97 -5.45
C ILE K 162 51.86 -25.60 -3.98
N ILE K 163 52.98 -25.26 -3.34
CA ILE K 163 52.92 -24.82 -1.95
C ILE K 163 52.06 -23.57 -1.84
N PHE K 164 52.23 -22.61 -2.75
CA PHE K 164 51.39 -21.42 -2.75
C PHE K 164 49.92 -21.78 -2.87
N LYS K 165 49.57 -22.67 -3.80
CA LYS K 165 48.18 -23.11 -3.94
C LYS K 165 47.67 -23.67 -2.63
N THR K 166 48.43 -24.58 -2.03
CA THR K 166 48.05 -25.20 -0.76
C THR K 166 47.81 -24.14 0.31
N LEU K 167 48.76 -23.24 0.48
CA LEU K 167 48.68 -22.27 1.57
C LEU K 167 47.52 -21.31 1.35
N PHE K 168 47.31 -20.85 0.11
CA PHE K 168 46.22 -19.92 -0.14
C PHE K 168 44.88 -20.60 0.07
N GLU K 169 44.73 -21.83 -0.41
CA GLU K 169 43.46 -22.51 -0.24
C GLU K 169 43.18 -22.81 1.22
N VAL K 170 44.22 -23.13 1.99
CA VAL K 170 44.07 -23.26 3.44
C VAL K 170 43.61 -21.95 4.05
N GLY K 171 44.25 -20.84 3.63
CA GLY K 171 43.87 -19.54 4.13
C GLY K 171 42.42 -19.23 3.83
N PHE K 172 41.93 -19.65 2.66
CA PHE K 172 40.57 -19.34 2.30
C PHE K 172 39.57 -20.18 3.08
N ILE K 173 39.84 -21.47 3.27
CA ILE K 173 38.89 -22.27 4.04
C ILE K 173 38.85 -21.80 5.49
N VAL K 174 39.99 -21.41 6.06
CA VAL K 174 39.97 -20.97 7.45
C VAL K 174 39.35 -19.58 7.57
N GLY K 175 39.61 -18.69 6.62
CA GLY K 175 38.96 -17.39 6.65
C GLY K 175 37.45 -17.51 6.50
N HIS K 176 37.02 -18.34 5.55
CA HIS K 176 35.59 -18.56 5.36
C HIS K 176 34.97 -19.12 6.64
N TYR K 177 35.62 -20.09 7.27
CA TYR K 177 35.11 -20.62 8.54
C TYR K 177 35.03 -19.51 9.58
N PHE K 178 36.02 -18.62 9.59
CA PHE K 178 36.04 -17.54 10.57
C PHE K 178 34.82 -16.64 10.39
N LEU K 179 34.54 -16.26 9.15
CA LEU K 179 33.38 -15.41 8.88
C LEU K 179 32.08 -16.14 9.18
N TYR K 180 31.91 -17.33 8.60
CA TYR K 180 30.75 -18.18 8.83
C TYR K 180 31.22 -19.62 8.96
N GLY K 181 30.85 -20.27 10.05
CA GLY K 181 31.32 -21.61 10.30
C GLY K 181 30.54 -22.68 9.57
N PHE K 182 30.60 -22.63 8.24
CA PHE K 182 29.98 -23.58 7.32
C PHE K 182 28.55 -23.98 7.71
N ARG K 183 27.78 -23.02 8.22
CA ARG K 183 26.41 -23.30 8.60
C ARG K 183 25.57 -22.04 8.67
N ILE K 184 25.03 -21.58 7.53
CA ILE K 184 24.13 -20.45 7.55
C ILE K 184 22.88 -20.83 8.33
N LEU K 185 22.52 -20.01 9.22
CA LEU K 185 21.30 -20.13 9.98
C LEU K 185 20.24 -19.23 9.38
N PRO K 186 18.95 -19.57 9.44
CA PRO K 186 17.94 -18.71 8.84
C PRO K 186 17.80 -17.37 9.52
N LEU K 187 18.20 -17.27 10.78
CA LEU K 187 17.99 -16.08 11.58
C LEU K 187 19.31 -15.38 11.87
N TYR K 188 19.26 -14.05 11.88
CA TYR K 188 20.41 -13.24 12.27
C TYR K 188 19.89 -12.02 13.01
N ARG K 189 20.07 -12.00 14.33
CA ARG K 189 19.76 -10.81 15.10
C ARG K 189 20.93 -9.85 15.04
N CYS K 190 20.65 -8.61 14.65
CA CYS K 190 21.66 -7.58 14.47
C CYS K 190 21.24 -6.32 15.18
N SER K 191 22.24 -5.47 15.44
CA SER K 191 22.06 -4.31 16.30
C SER K 191 22.81 -3.11 15.74
N ARG K 192 22.81 -2.98 14.41
CA ARG K 192 23.41 -1.81 13.81
C ARG K 192 22.61 -0.57 14.22
N TRP K 193 23.16 0.60 13.91
CA TRP K 193 22.56 1.84 14.40
C TRP K 193 21.13 2.06 13.94
N PRO K 194 20.80 2.02 12.64
CA PRO K 194 19.41 2.24 12.27
C PRO K 194 18.50 1.14 12.75
N CYS K 195 19.00 -0.07 12.88
CA CYS K 195 18.20 -1.16 13.41
C CYS K 195 17.98 -0.95 14.91
N PRO K 196 16.74 -0.72 15.38
CA PRO K 196 16.55 -0.47 16.81
C PRO K 196 16.28 -1.69 17.68
N ASN K 197 16.95 -1.81 18.83
CA ASN K 197 16.67 -2.91 19.76
C ASN K 197 16.83 -4.32 19.18
N VAL K 198 18.00 -4.59 18.61
CA VAL K 198 18.41 -5.90 18.10
C VAL K 198 17.31 -6.70 17.38
N VAL K 199 16.82 -6.15 16.27
CA VAL K 199 15.80 -6.82 15.47
C VAL K 199 16.36 -8.11 14.87
N ASP K 200 15.49 -9.12 14.76
CA ASP K 200 15.84 -10.39 14.14
C ASP K 200 15.49 -10.35 12.65
N CYS K 201 16.48 -10.56 11.78
CA CYS K 201 16.30 -10.56 10.34
C CYS K 201 16.47 -11.98 9.82
N PHE K 202 15.93 -12.23 8.62
CA PHE K 202 15.89 -13.55 8.04
C PHE K 202 16.63 -13.61 6.70
N VAL K 203 17.07 -14.81 6.37
CA VAL K 203 17.92 -15.09 5.21
C VAL K 203 17.14 -15.95 4.23
N SER K 204 17.53 -15.84 2.96
CA SER K 204 16.93 -16.58 1.86
C SER K 204 17.74 -17.84 1.57
N ARG K 205 17.03 -18.93 1.30
CA ARG K 205 17.60 -20.23 0.99
C ARG K 205 18.78 -20.63 1.89
N PRO K 206 18.60 -20.62 3.21
CA PRO K 206 19.73 -20.95 4.09
C PRO K 206 20.24 -22.37 3.89
N THR K 207 19.34 -23.35 3.90
CA THR K 207 19.74 -24.75 3.79
C THR K 207 20.52 -25.02 2.52
N GLU K 208 20.01 -24.56 1.39
CA GLU K 208 20.69 -24.78 0.13
C GLU K 208 22.04 -24.10 0.11
N LYS K 209 22.15 -22.96 0.77
CA LYS K 209 23.41 -22.25 0.78
C LYS K 209 24.45 -22.97 1.62
N THR K 210 24.03 -23.53 2.75
CA THR K 210 25.00 -24.28 3.55
C THR K 210 25.36 -25.59 2.86
N ILE K 211 24.45 -26.15 2.08
CA ILE K 211 24.78 -27.34 1.29
C ILE K 211 25.89 -27.03 0.29
N PHE K 212 25.77 -25.93 -0.44
CA PHE K 212 26.85 -25.58 -1.35
C PHE K 212 28.11 -25.19 -0.61
N ILE K 213 28.00 -24.52 0.53
CA ILE K 213 29.17 -24.20 1.33
C ILE K 213 29.93 -25.47 1.70
N LEU K 214 29.22 -26.43 2.28
CA LEU K 214 29.84 -27.70 2.67
C LEU K 214 30.44 -28.41 1.46
N PHE K 215 29.69 -28.43 0.37
CA PHE K 215 30.14 -29.07 -0.86
C PHE K 215 31.47 -28.49 -1.30
N MET K 216 31.53 -27.18 -1.47
CA MET K 216 32.73 -26.52 -1.95
C MET K 216 33.86 -26.60 -0.93
N LEU K 217 33.53 -26.66 0.35
CA LEU K 217 34.55 -26.85 1.37
C LEU K 217 35.18 -28.23 1.24
N SER K 218 34.37 -29.25 0.95
CA SER K 218 34.90 -30.57 0.74
C SER K 218 35.71 -30.63 -0.54
N VAL K 219 35.30 -29.87 -1.55
CA VAL K 219 36.06 -29.80 -2.79
C VAL K 219 37.42 -29.17 -2.54
N ALA K 220 37.46 -28.11 -1.73
CA ALA K 220 38.74 -27.50 -1.39
C ALA K 220 39.61 -28.44 -0.58
N SER K 221 39.01 -29.21 0.33
CA SER K 221 39.77 -30.20 1.07
C SER K 221 40.33 -31.26 0.14
N VAL K 222 39.56 -31.64 -0.88
CA VAL K 222 40.04 -32.59 -1.86
C VAL K 222 41.19 -32.01 -2.65
N SER K 223 41.10 -30.73 -3.01
CA SER K 223 42.21 -30.09 -3.72
C SER K 223 43.45 -30.06 -2.85
N LEU K 224 43.27 -29.85 -1.54
CA LEU K 224 44.42 -29.89 -0.64
C LEU K 224 45.03 -31.29 -0.57
N PHE K 225 44.17 -32.32 -0.49
CA PHE K 225 44.66 -33.68 -0.51
C PHE K 225 45.47 -33.94 -1.78
N LEU K 226 44.93 -33.56 -2.93
CA LEU K 226 45.64 -33.77 -4.19
C LEU K 226 46.97 -33.05 -4.20
N ASN K 227 46.99 -31.80 -3.74
CA ASN K 227 48.21 -31.03 -3.80
C ASN K 227 49.28 -31.58 -2.88
N ILE K 228 48.91 -31.95 -1.64
CA ILE K 228 49.93 -32.43 -0.71
C ILE K 228 50.38 -33.84 -1.07
N LEU K 229 49.47 -34.68 -1.58
CA LEU K 229 49.88 -36.00 -2.01
C LEU K 229 50.80 -35.92 -3.22
N GLU K 230 50.50 -35.03 -4.16
CA GLU K 230 51.41 -34.75 -5.25
C GLU K 230 52.76 -34.27 -4.73
N MET K 231 52.75 -33.40 -3.73
CA MET K 231 53.98 -32.90 -3.12
C MET K 231 54.83 -34.06 -2.59
N SER K 232 54.29 -34.81 -1.62
CA SER K 232 55.01 -35.95 -1.05
C SER K 232 55.44 -36.93 -2.14
N HIS K 233 54.59 -37.13 -3.14
CA HIS K 233 54.90 -38.00 -4.26
C HIS K 233 56.12 -37.50 -5.01
N LEU K 234 56.11 -36.22 -5.36
CA LEU K 234 57.17 -35.59 -6.13
C LEU K 234 57.98 -34.62 -5.27
N GLY L 2 31.32 -9.75 -20.31
CA GLY L 2 31.06 -8.63 -21.20
C GLY L 2 31.62 -8.85 -22.59
N ASP L 3 31.50 -7.84 -23.44
CA ASP L 3 31.95 -7.88 -24.83
C ASP L 3 33.48 -7.72 -24.92
N TRP L 4 34.19 -8.61 -24.21
CA TRP L 4 35.64 -8.59 -24.11
C TRP L 4 36.36 -9.58 -25.03
N SER L 5 35.65 -10.31 -25.90
CA SER L 5 36.34 -11.27 -26.75
C SER L 5 37.33 -10.61 -27.70
N PHE L 6 36.91 -9.59 -28.44
CA PHE L 6 37.79 -8.98 -29.43
C PHE L 6 39.02 -8.34 -28.78
N LEU L 7 38.82 -7.61 -27.68
CA LEU L 7 39.96 -7.00 -27.00
C LEU L 7 40.91 -8.09 -26.53
N GLY L 8 40.37 -9.16 -25.95
CA GLY L 8 41.20 -10.25 -25.51
C GLY L 8 42.01 -10.85 -26.64
N ASN L 9 41.39 -10.99 -27.82
CA ASN L 9 42.12 -11.50 -28.99
C ASN L 9 43.31 -10.61 -29.32
N ILE L 10 43.08 -9.29 -29.36
CA ILE L 10 44.15 -8.38 -29.77
C ILE L 10 45.27 -8.38 -28.73
N LEU L 11 44.90 -8.36 -27.46
CA LEU L 11 45.92 -8.37 -26.42
C LEU L 11 46.66 -9.69 -26.34
N GLU L 12 45.97 -10.81 -26.60
CA GLU L 12 46.65 -12.10 -26.70
C GLU L 12 47.64 -12.11 -27.85
N GLU L 13 47.30 -11.43 -28.95
CA GLU L 13 48.27 -11.24 -30.03
C GLU L 13 49.45 -10.41 -29.54
N VAL L 14 49.19 -9.42 -28.69
CA VAL L 14 50.27 -8.59 -28.16
C VAL L 14 51.19 -9.41 -27.27
N ASN L 15 50.64 -10.44 -26.60
CA ASN L 15 51.41 -11.21 -25.63
C ASN L 15 52.65 -11.85 -26.24
N GLU L 16 52.65 -12.05 -27.57
CA GLU L 16 53.83 -12.59 -28.24
C GLU L 16 54.99 -11.61 -28.18
N HIS L 17 54.72 -10.32 -28.44
CA HIS L 17 55.76 -9.29 -28.50
C HIS L 17 56.06 -8.65 -27.16
N SER L 18 55.21 -8.80 -26.16
CA SER L 18 55.46 -8.17 -24.88
C SER L 18 56.64 -8.84 -24.16
N THR L 19 57.26 -8.08 -23.28
CA THR L 19 58.35 -8.63 -22.48
C THR L 19 57.77 -9.57 -21.44
N VAL L 20 58.65 -10.42 -20.90
CA VAL L 20 58.21 -11.47 -19.96
C VAL L 20 57.49 -10.84 -18.78
N ILE L 21 58.06 -9.77 -18.25
CA ILE L 21 57.39 -9.02 -17.19
C ILE L 21 56.10 -8.42 -17.75
N GLY L 22 56.14 -7.98 -19.00
CA GLY L 22 54.94 -7.44 -19.61
C GLY L 22 53.87 -8.51 -19.76
N ARG L 23 54.27 -9.76 -20.00
CA ARG L 23 53.28 -10.84 -20.05
C ARG L 23 52.66 -11.03 -18.69
N VAL L 24 53.49 -10.95 -17.65
CA VAL L 24 52.98 -11.05 -16.28
C VAL L 24 51.97 -9.94 -16.00
N TRP L 25 52.24 -8.74 -16.48
CA TRP L 25 51.32 -7.63 -16.28
C TRP L 25 50.00 -7.87 -17.03
N LEU L 26 50.10 -8.33 -18.27
CA LEU L 26 48.91 -8.61 -19.07
C LEU L 26 48.05 -9.67 -18.40
N THR L 27 48.70 -10.70 -17.86
CA THR L 27 47.96 -11.73 -17.17
C THR L 27 47.34 -11.20 -15.89
N VAL L 28 48.05 -10.33 -15.16
CA VAL L 28 47.45 -9.71 -13.99
C VAL L 28 46.17 -9.00 -14.39
N LEU L 29 46.23 -8.24 -15.48
CA LEU L 29 45.07 -7.55 -16.01
C LEU L 29 43.91 -8.50 -16.25
N PHE L 30 44.11 -9.49 -17.13
CA PHE L 30 43.00 -10.36 -17.52
C PHE L 30 42.49 -11.20 -16.36
N ILE L 31 43.39 -11.84 -15.64
CA ILE L 31 43.01 -12.76 -14.58
C ILE L 31 42.27 -12.03 -13.47
N PHE L 32 42.73 -10.84 -13.08
CA PHE L 32 42.14 -10.15 -11.94
C PHE L 32 41.17 -9.06 -12.34
N ARG L 33 41.61 -8.01 -13.04
CA ARG L 33 40.75 -6.86 -13.22
C ARG L 33 39.52 -7.18 -14.05
N ILE L 34 39.69 -7.85 -15.18
CA ILE L 34 38.55 -8.12 -16.06
C ILE L 34 37.66 -9.19 -15.45
N LEU L 35 38.27 -10.31 -15.06
CA LEU L 35 37.50 -11.44 -14.57
C LEU L 35 36.70 -11.06 -13.33
N ILE L 36 37.33 -10.38 -12.38
CA ILE L 36 36.65 -9.94 -11.17
C ILE L 36 35.60 -8.89 -11.50
N LEU L 37 35.92 -7.93 -12.39
CA LEU L 37 34.98 -6.87 -12.69
C LEU L 37 33.71 -7.44 -13.30
N GLY L 38 33.84 -8.37 -14.24
CA GLY L 38 32.69 -8.97 -14.86
C GLY L 38 31.98 -10.02 -14.03
N THR L 39 32.76 -10.96 -13.49
CA THR L 39 32.21 -12.11 -12.79
C THR L 39 31.64 -11.74 -11.42
N ALA L 40 32.37 -10.95 -10.63
CA ALA L 40 32.00 -10.68 -9.25
C ALA L 40 31.43 -9.28 -9.02
N ALA L 41 32.15 -8.25 -9.43
CA ALA L 41 31.73 -6.88 -9.15
C ALA L 41 30.39 -6.55 -9.78
N ASP L 42 30.15 -7.04 -11.00
CA ASP L 42 28.92 -6.70 -11.71
C ASP L 42 27.69 -7.10 -10.91
N PHE L 43 27.75 -8.25 -10.24
CA PHE L 43 26.61 -8.71 -9.46
C PHE L 43 26.48 -7.94 -8.18
N VAL L 44 27.61 -7.45 -7.66
CA VAL L 44 27.61 -6.65 -6.45
C VAL L 44 26.91 -5.32 -6.71
N TRP L 45 27.41 -4.56 -7.68
CA TRP L 45 26.85 -3.26 -7.99
C TRP L 45 25.56 -3.33 -8.80
N GLY L 46 25.08 -4.52 -9.18
CA GLY L 46 23.87 -4.60 -9.96
C GLY L 46 22.63 -4.15 -9.21
N ASP L 47 22.68 -4.08 -7.89
CA ASP L 47 21.59 -3.60 -7.05
C ASP L 47 22.05 -2.39 -6.27
N GLU L 48 22.78 -1.51 -6.94
CA GLU L 48 23.36 -0.35 -6.30
C GLU L 48 22.32 0.73 -6.04
N GLN L 49 21.37 0.89 -6.97
CA GLN L 49 20.32 1.88 -6.86
C GLN L 49 18.99 1.29 -6.42
N SER L 50 18.73 0.03 -6.76
CA SER L 50 17.49 -0.62 -6.37
C SER L 50 17.36 -0.67 -4.86
N ASP L 51 18.45 -0.97 -4.17
CA ASP L 51 18.47 -1.13 -2.73
C ASP L 51 19.03 0.08 -2.00
N PHE L 52 19.18 1.21 -2.68
CA PHE L 52 19.62 2.45 -2.05
C PHE L 52 18.36 3.10 -1.52
N VAL L 53 17.98 2.72 -0.31
CA VAL L 53 16.77 3.23 0.32
C VAL L 53 17.16 4.37 1.23
N CYS L 54 16.55 5.52 0.99
CA CYS L 54 16.71 6.68 1.84
C CYS L 54 15.51 6.77 2.77
N ASN L 55 15.61 7.70 3.72
CA ASN L 55 14.67 7.75 4.83
C ASN L 55 13.41 8.54 4.49
N THR L 56 13.56 9.67 3.81
CA THR L 56 12.42 10.50 3.48
C THR L 56 11.48 9.83 2.50
N GLN L 57 10.21 10.23 2.57
CA GLN L 57 9.20 9.78 1.64
C GLN L 57 8.99 10.80 0.53
N GLN L 58 9.93 11.72 0.35
CA GLN L 58 9.93 12.54 -0.84
C GLN L 58 10.12 11.66 -2.08
N PRO L 59 9.57 12.06 -3.22
CA PRO L 59 9.63 11.18 -4.39
C PRO L 59 11.00 11.12 -5.04
N GLY L 60 11.66 12.27 -5.18
CA GLY L 60 12.87 12.36 -5.97
C GLY L 60 14.18 12.37 -5.19
N CYS L 61 14.11 12.40 -3.87
CA CYS L 61 15.33 12.51 -3.08
C CYS L 61 16.25 11.31 -3.28
N GLU L 62 15.69 10.14 -3.53
CA GLU L 62 16.48 8.91 -3.54
C GLU L 62 17.52 8.92 -4.65
N ASN L 63 17.07 9.09 -5.89
CA ASN L 63 17.99 8.96 -7.01
C ASN L 63 18.94 10.16 -7.10
N VAL L 64 18.45 11.34 -6.72
CA VAL L 64 19.32 12.51 -6.67
C VAL L 64 20.44 12.30 -5.65
N CYS L 65 20.08 11.86 -4.45
CA CYS L 65 21.08 11.68 -3.42
C CYS L 65 22.03 10.55 -3.78
N TYR L 66 21.54 9.53 -4.48
CA TYR L 66 22.43 8.51 -5.00
C TYR L 66 23.44 9.12 -5.95
N ASP L 67 22.95 9.92 -6.90
CA ASP L 67 23.82 10.54 -7.88
C ASP L 67 24.89 11.40 -7.23
N GLU L 68 24.51 12.18 -6.22
CA GLU L 68 25.50 12.95 -5.49
C GLU L 68 26.51 12.04 -4.80
N ALA L 69 26.02 11.00 -4.13
CA ALA L 69 26.90 10.08 -3.42
C ALA L 69 27.85 9.36 -4.35
N PHE L 70 27.33 8.82 -5.45
CA PHE L 70 28.10 8.10 -6.45
C PHE L 70 27.94 8.86 -7.77
N PRO L 71 28.82 9.81 -8.07
CA PRO L 71 28.68 10.52 -9.34
C PRO L 71 28.82 9.58 -10.51
N ILE L 72 29.83 8.73 -10.48
CA ILE L 72 30.00 7.64 -11.42
C ILE L 72 30.27 6.39 -10.60
N SER L 73 29.71 5.27 -11.03
CA SER L 73 29.86 4.04 -10.30
C SER L 73 31.29 3.53 -10.40
N HIS L 74 31.72 2.82 -9.35
CA HIS L 74 33.09 2.32 -9.29
C HIS L 74 33.38 1.37 -10.44
N ILE L 75 32.42 0.54 -10.81
CA ILE L 75 32.59 -0.35 -11.95
C ILE L 75 32.87 0.44 -13.22
N ARG L 76 32.11 1.50 -13.45
CA ARG L 76 32.30 2.28 -14.67
C ARG L 76 33.73 2.83 -14.71
N LEU L 77 34.14 3.50 -13.62
CA LEU L 77 35.51 4.00 -13.51
C LEU L 77 36.55 2.92 -13.77
N TRP L 78 36.34 1.70 -13.25
CA TRP L 78 37.26 0.60 -13.56
C TRP L 78 37.18 0.09 -15.00
N VAL L 79 36.03 0.17 -15.64
CA VAL L 79 35.97 -0.20 -17.05
C VAL L 79 36.77 0.79 -17.87
N LEU L 80 36.55 2.08 -17.63
CA LEU L 80 37.33 3.13 -18.27
C LEU L 80 38.81 3.01 -17.93
N GLN L 81 39.14 2.65 -16.70
CA GLN L 81 40.54 2.56 -16.31
C GLN L 81 41.22 1.39 -16.99
N ILE L 82 40.56 0.23 -17.01
CA ILE L 82 41.11 -0.95 -17.66
C ILE L 82 41.34 -0.67 -19.14
N ILE L 83 40.37 -0.03 -19.79
CA ILE L 83 40.51 0.31 -21.20
C ILE L 83 41.63 1.31 -21.43
N PHE L 84 41.68 2.38 -20.64
CA PHE L 84 42.68 3.41 -20.85
C PHE L 84 44.09 2.90 -20.61
N VAL L 85 44.30 2.19 -19.51
CA VAL L 85 45.59 1.59 -19.20
C VAL L 85 45.98 0.52 -20.22
N SER L 86 45.03 -0.31 -20.67
CA SER L 86 45.31 -1.29 -21.72
C SER L 86 45.62 -0.67 -23.08
N THR L 87 45.06 0.48 -23.41
CA THR L 87 45.18 1.00 -24.78
C THR L 87 46.62 1.22 -25.25
N PRO L 88 47.55 1.76 -24.45
CA PRO L 88 48.92 1.94 -24.95
C PRO L 88 49.55 0.68 -25.51
N SER L 89 49.32 -0.47 -24.86
CA SER L 89 49.79 -1.74 -25.38
C SER L 89 49.24 -2.00 -26.78
N LEU L 90 47.94 -1.74 -26.97
CA LEU L 90 47.35 -1.95 -28.28
C LEU L 90 47.98 -1.02 -29.31
N VAL L 91 48.24 0.23 -28.92
CA VAL L 91 48.90 1.17 -29.82
C VAL L 91 50.28 0.64 -30.21
N TYR L 92 51.00 0.07 -29.25
CA TYR L 92 52.33 -0.44 -29.53
C TYR L 92 52.27 -1.62 -30.50
N VAL L 93 51.35 -2.56 -30.30
CA VAL L 93 51.28 -3.69 -31.23
C VAL L 93 50.93 -3.16 -32.62
N GLY L 94 50.07 -2.14 -32.67
CA GLY L 94 49.70 -1.57 -33.96
C GLY L 94 50.92 -1.06 -34.68
N HIS L 95 51.82 -0.41 -33.95
CA HIS L 95 53.10 -0.02 -34.54
C HIS L 95 53.92 -1.24 -34.96
N ALA L 96 53.98 -2.27 -34.09
CA ALA L 96 54.74 -3.47 -34.41
C ALA L 96 54.17 -4.18 -35.65
N VAL L 97 52.85 -4.38 -35.66
CA VAL L 97 52.19 -5.01 -36.81
C VAL L 97 52.41 -4.13 -38.03
N LEU L 154 61.75 1.87 -31.96
CA LEU L 154 60.76 0.93 -31.43
C LEU L 154 60.82 0.92 -29.91
N LEU L 155 62.04 0.90 -29.39
CA LEU L 155 62.24 0.90 -27.95
C LEU L 155 61.65 2.16 -27.32
N ARG L 156 61.84 3.30 -27.98
CA ARG L 156 61.28 4.55 -27.50
C ARG L 156 59.77 4.46 -27.41
N THR L 157 59.13 3.84 -28.41
CA THR L 157 57.70 3.63 -28.38
C THR L 157 57.29 2.81 -27.16
N TYR L 158 58.07 1.77 -26.84
CA TYR L 158 57.77 0.93 -25.69
C TYR L 158 57.83 1.75 -24.41
N VAL L 159 58.87 2.57 -24.28
CA VAL L 159 59.04 3.40 -23.09
C VAL L 159 57.88 4.38 -22.97
N CYS L 160 57.52 5.02 -24.08
CA CYS L 160 56.41 5.97 -24.05
C CYS L 160 55.11 5.29 -23.64
N HIS L 161 54.83 4.11 -24.21
CA HIS L 161 53.59 3.42 -23.90
C HIS L 161 53.53 3.00 -22.43
N ILE L 162 54.63 2.45 -21.88
CA ILE L 162 54.59 2.04 -20.48
C ILE L 162 54.47 3.26 -19.58
N ILE L 163 55.14 4.36 -19.91
CA ILE L 163 54.98 5.57 -19.12
C ILE L 163 53.54 6.04 -19.14
N PHE L 164 52.89 6.01 -20.31
CA PHE L 164 51.49 6.36 -20.40
C PHE L 164 50.64 5.47 -19.50
N LYS L 165 50.86 4.16 -19.55
CA LYS L 165 50.13 3.24 -18.68
C LYS L 165 50.29 3.64 -17.22
N THR L 166 51.54 3.85 -16.81
CA THR L 166 51.84 4.24 -15.42
C THR L 166 51.11 5.52 -15.04
N LEU L 167 51.22 6.55 -15.87
CA LEU L 167 50.64 7.84 -15.52
C LEU L 167 49.12 7.78 -15.48
N PHE L 168 48.51 7.08 -16.43
CA PHE L 168 47.06 6.99 -16.44
C PHE L 168 46.55 6.22 -15.24
N GLU L 169 47.21 5.11 -14.91
CA GLU L 169 46.77 4.31 -13.77
C GLU L 169 46.96 5.07 -12.47
N VAL L 170 48.03 5.85 -12.37
CA VAL L 170 48.21 6.73 -11.21
C VAL L 170 47.07 7.75 -11.15
N GLY L 171 46.75 8.34 -12.30
CA GLY L 171 45.65 9.29 -12.35
C GLY L 171 44.34 8.68 -11.91
N PHE L 172 44.12 7.42 -12.24
CA PHE L 172 42.87 6.78 -11.88
C PHE L 172 42.80 6.45 -10.40
N ILE L 173 43.90 5.95 -9.82
CA ILE L 173 43.84 5.64 -8.40
C ILE L 173 43.69 6.93 -7.58
N VAL L 174 44.34 8.02 -8.00
CA VAL L 174 44.21 9.26 -7.23
C VAL L 174 42.85 9.90 -7.45
N GLY L 175 42.30 9.84 -8.66
CA GLY L 175 40.96 10.35 -8.89
C GLY L 175 39.92 9.57 -8.11
N HIS L 176 40.04 8.24 -8.13
CA HIS L 176 39.13 7.41 -7.37
C HIS L 176 39.22 7.73 -5.88
N TYR L 177 40.43 7.88 -5.36
CA TYR L 177 40.58 8.28 -3.95
C TYR L 177 39.91 9.63 -3.71
N PHE L 178 40.03 10.55 -4.66
CA PHE L 178 39.46 11.87 -4.49
C PHE L 178 37.95 11.77 -4.36
N LEU L 179 37.31 10.99 -5.24
CA LEU L 179 35.87 10.84 -5.17
C LEU L 179 35.45 10.10 -3.91
N TYR L 180 36.04 8.94 -3.67
CA TYR L 180 35.81 8.13 -2.47
C TYR L 180 37.13 7.59 -1.97
N GLY L 181 37.44 7.83 -0.71
CA GLY L 181 38.73 7.42 -0.17
C GLY L 181 38.77 5.97 0.24
N PHE L 182 38.60 5.08 -0.73
CA PHE L 182 38.67 3.63 -0.59
C PHE L 182 37.95 3.09 0.65
N ARG L 183 36.81 3.69 0.99
CA ARG L 183 36.04 3.27 2.15
C ARG L 183 34.59 3.71 2.07
N ILE L 184 33.75 2.94 1.37
CA ILE L 184 32.32 3.24 1.36
C ILE L 184 31.77 3.08 2.76
N LEU L 185 31.07 4.04 3.20
CA LEU L 185 30.37 4.02 4.46
C LEU L 185 28.91 3.69 4.21
N PRO L 186 28.22 3.01 5.12
CA PRO L 186 26.81 2.68 4.87
C PRO L 186 25.91 3.88 4.80
N LEU L 187 26.30 4.99 5.40
CA LEU L 187 25.45 6.17 5.52
C LEU L 187 25.98 7.30 4.66
N TYR L 188 25.06 8.06 4.08
CA TYR L 188 25.41 9.26 3.33
C TYR L 188 24.31 10.29 3.57
N ARG L 189 24.60 11.31 4.37
CA ARG L 189 23.68 12.42 4.54
C ARG L 189 23.87 13.40 3.39
N CYS L 190 22.78 13.73 2.71
CA CYS L 190 22.82 14.60 1.54
C CYS L 190 21.76 15.67 1.68
N SER L 191 21.95 16.75 0.93
CA SER L 191 21.16 17.96 1.07
C SER L 191 20.82 18.55 -0.28
N ARG L 192 20.55 17.69 -1.26
CA ARG L 192 20.12 18.18 -2.55
C ARG L 192 18.76 18.87 -2.40
N TRP L 193 18.33 19.55 -3.46
CA TRP L 193 17.13 20.37 -3.36
C TRP L 193 15.88 19.59 -3.00
N PRO L 194 15.50 18.52 -3.70
CA PRO L 194 14.28 17.82 -3.29
C PRO L 194 14.42 17.16 -1.94
N CYS L 195 15.62 16.75 -1.56
CA CYS L 195 15.84 16.18 -0.25
C CYS L 195 15.74 17.27 0.81
N PRO L 196 14.74 17.24 1.71
CA PRO L 196 14.62 18.32 2.70
C PRO L 196 15.36 18.12 4.01
N ASN L 197 16.09 19.14 4.50
CA ASN L 197 16.75 19.04 5.80
C ASN L 197 17.73 17.89 5.97
N VAL L 198 18.68 17.79 5.05
CA VAL L 198 19.79 16.84 5.08
C VAL L 198 19.44 15.43 5.55
N VAL L 199 18.56 14.76 4.81
CA VAL L 199 18.16 13.39 5.13
C VAL L 199 19.35 12.45 5.00
N ASP L 200 19.38 11.43 5.88
CA ASP L 200 20.41 10.40 5.84
C ASP L 200 19.93 9.22 4.98
N CYS L 201 20.67 8.89 3.93
CA CYS L 201 20.35 7.79 3.03
C CYS L 201 21.35 6.67 3.24
N PHE L 202 20.98 5.47 2.82
CA PHE L 202 21.76 4.27 3.05
C PHE L 202 22.16 3.59 1.75
N VAL L 203 23.23 2.82 1.83
CA VAL L 203 23.89 2.19 0.69
C VAL L 203 23.77 0.69 0.83
N SER L 204 23.80 0.00 -0.32
CA SER L 204 23.73 -1.45 -0.38
C SER L 204 25.12 -2.05 -0.46
N ARG L 205 25.30 -3.16 0.25
CA ARG L 205 26.54 -3.92 0.33
C ARG L 205 27.79 -3.03 0.48
N PRO L 206 27.83 -2.16 1.48
CA PRO L 206 28.99 -1.28 1.62
C PRO L 206 30.30 -2.02 1.87
N THR L 207 30.30 -2.95 2.82
CA THR L 207 31.51 -3.67 3.18
C THR L 207 32.09 -4.42 1.99
N GLU L 208 31.25 -5.17 1.28
CA GLU L 208 31.73 -5.91 0.13
C GLU L 208 32.26 -4.98 -0.95
N LYS L 209 31.66 -3.80 -1.08
CA LYS L 209 32.10 -2.88 -2.11
C LYS L 209 33.46 -2.28 -1.75
N THR L 210 33.68 -1.98 -0.48
CA THR L 210 35.00 -1.46 -0.11
C THR L 210 36.04 -2.56 -0.19
N ILE L 211 35.65 -3.81 0.03
CA ILE L 211 36.59 -4.92 -0.15
C ILE L 211 37.06 -5.00 -1.59
N PHE L 212 36.13 -4.93 -2.54
CA PHE L 212 36.57 -4.94 -3.93
C PHE L 212 37.33 -3.68 -4.31
N ILE L 213 36.94 -2.53 -3.76
CA ILE L 213 37.68 -1.30 -4.01
C ILE L 213 39.14 -1.48 -3.58
N LEU L 214 39.35 -1.90 -2.34
CA LEU L 214 40.70 -2.11 -1.83
C LEU L 214 41.45 -3.13 -2.66
N PHE L 215 40.77 -4.22 -2.99
CA PHE L 215 41.37 -5.29 -3.79
C PHE L 215 41.90 -4.72 -5.10
N MET L 216 41.03 -4.07 -5.86
CA MET L 216 41.40 -3.54 -7.16
C MET L 216 42.42 -2.41 -7.05
N LEU L 217 42.38 -1.67 -5.95
CA LEU L 217 43.40 -0.65 -5.72
C LEU L 217 44.77 -1.28 -5.53
N SER L 218 44.82 -2.39 -4.80
CA SER L 218 46.07 -3.10 -4.62
C SER L 218 46.52 -3.72 -5.93
N VAL L 219 45.58 -4.17 -6.75
CA VAL L 219 45.93 -4.69 -8.06
C VAL L 219 46.52 -3.60 -8.93
N ALA L 220 45.96 -2.40 -8.88
CA ALA L 220 46.52 -1.29 -9.64
C ALA L 220 47.89 -0.90 -9.13
N SER L 221 48.09 -0.94 -7.81
CA SER L 221 49.41 -0.68 -7.26
C SER L 221 50.40 -1.74 -7.73
N VAL L 222 49.97 -2.99 -7.82
CA VAL L 222 50.82 -4.04 -8.33
C VAL L 222 51.17 -3.80 -9.78
N SER L 223 50.19 -3.36 -10.58
CA SER L 223 50.48 -3.04 -11.97
C SER L 223 51.48 -1.90 -12.08
N LEU L 224 51.39 -0.93 -11.17
CA LEU L 224 52.37 0.15 -11.16
C LEU L 224 53.76 -0.36 -10.80
N PHE L 225 53.83 -1.25 -9.80
CA PHE L 225 55.11 -1.86 -9.45
C PHE L 225 55.70 -2.58 -10.65
N LEU L 226 54.90 -3.40 -11.32
CA LEU L 226 55.38 -4.12 -12.49
C LEU L 226 55.87 -3.17 -13.56
N ASN L 227 55.11 -2.12 -13.84
CA ASN L 227 55.47 -1.22 -14.93
C ASN L 227 56.75 -0.45 -14.61
N ILE L 228 56.89 0.05 -13.38
CA ILE L 228 58.08 0.85 -13.09
C ILE L 228 59.31 -0.05 -12.92
N LEU L 229 59.14 -1.25 -12.39
CA LEU L 229 60.27 -2.16 -12.29
C LEU L 229 60.72 -2.60 -13.68
N GLU L 230 59.77 -2.87 -14.58
CA GLU L 230 60.11 -3.12 -15.97
C GLU L 230 60.85 -1.94 -16.58
N MET L 231 60.39 -0.71 -16.28
CA MET L 231 61.03 0.49 -16.77
C MET L 231 62.49 0.55 -16.34
N SER L 232 62.73 0.57 -15.01
CA SER L 232 64.10 0.62 -14.50
C SER L 232 64.93 -0.55 -15.03
N HIS L 233 64.30 -1.72 -15.16
CA HIS L 233 64.97 -2.89 -15.71
C HIS L 233 65.43 -2.64 -17.13
N LEU L 234 64.51 -2.14 -17.96
CA LEU L 234 64.76 -1.91 -19.37
C LEU L 234 64.81 -0.42 -19.67
#